data_7N6Q
#
_entry.id   7N6Q
#
_cell.length_a   1.00
_cell.length_b   1.00
_cell.length_c   1.00
_cell.angle_alpha   90.00
_cell.angle_beta   90.00
_cell.angle_gamma   90.00
#
_symmetry.space_group_name_H-M   'P 1'
#
loop_
_entity.id
_entity.type
_entity.pdbx_description
1 polymer 'Sterol O-acyltransferase 2'
2 non-polymer '(3S,4R,4aR,6S,6aS,12R,12aS,12bS)-4-[(acetyloxy)methyl]-12-hydroxy-4,6a,12b-trimethyl-11-oxo-9-(pyridin-3-yl)-1,3,4,4a,5,6,6a,12,12a,12b-decahydro-2H,11H-naphtho[2,1-b]pyrano[3,4-e]pyran-3,6-diyl diacetate'
3 non-polymer CHOLESTEROL
4 non-polymer 'OLEIC ACID'
#
_entity_poly.entity_id   1
_entity_poly.type   'polypeptide(L)'
_entity_poly.pdbx_seq_one_letter_code
;MDYKDDDDKEPGGARLRLQRTGGLGGERERQPCGDGNTETHRAPDLVQWTRHMEAVKAQLLEQAQGQLRELLDRAMREAI
QSYPSQDKPLPPPPPGSLSRTQEPSLGKQKVFIIRKSLLDELMEVQHFRTIYHMFIAGLCVFIISTLAIDFIDEGRLLLE
FDLLIFSFGQLPLALVTWVPMFLSTLLAPYQALRLWARGTWTQATGLGCALLAAHAVVLCALPVHVAVEHQLPPASRCVL
VFEQVRFLMKSYSFLREAVPGILRARRGEGIQAPSFSSYLYFLFCPTLIYRETYPRTPYVRWNYVAKNFAQALGCVLYAC
FILGRLCVPVFANMSREPFSTRALVLSILHATLPGIFMLLLIFFAFLHCWLNAFAEMLRFGDRMFYRDWWNSTSFSNYYR
TWNVVVHDWLYSYVYQDGLRLLGARARGVAMLGVFLVSAVAHEYIFCFVLGFFYPVMLILFLVIGGMLNFMMHDQRTGPA
WNVLMWTMLFLGQGIQVSLYCQEWYARRHCPLPQATFWGLVTPRSWSCHT
;
_entity_poly.pdbx_strand_id   A,B,C,D
#
loop_
_chem_comp.id
_chem_comp.type
_chem_comp.name
_chem_comp.formula
7T8 non-polymer '(3S,4R,4aR,6S,6aS,12R,12aS,12bS)-4-[(acetyloxy)methyl]-12-hydroxy-4,6a,12b-trimethyl-11-oxo-9-(pyridin-3-yl)-1,3,4,4a,5,6,6a,12,12a,12b-decahydro-2H,11H-naphtho[2,1-b]pyrano[3,4-e]pyran-3,6-diyl diacetate' 'C31 H37 N O10'
CLR non-polymer CHOLESTEROL 'C27 H46 O'
OLA non-polymer 'OLEIC ACID' 'C18 H34 O2'
#
# COMPACT_ATOMS: atom_id res chain seq x y z
N LYS A 108 34.34 9.68 -11.83
CA LYS A 108 33.52 10.27 -10.72
C LYS A 108 32.27 9.42 -10.49
N GLN A 109 31.85 9.29 -9.23
CA GLN A 109 30.54 8.71 -8.82
C GLN A 109 29.86 9.70 -7.87
N LYS A 110 28.54 9.92 -8.02
CA LYS A 110 27.78 10.90 -7.20
C LYS A 110 27.83 10.47 -5.73
N VAL A 111 28.09 11.43 -4.84
CA VAL A 111 28.21 11.22 -3.35
C VAL A 111 27.21 12.14 -2.66
N PHE A 112 26.52 11.61 -1.65
CA PHE A 112 25.28 12.20 -1.06
C PHE A 112 25.64 13.00 0.21
N ILE A 113 25.15 14.24 0.29
CA ILE A 113 25.35 15.21 1.41
C ILE A 113 23.98 15.45 2.07
N ILE A 114 23.92 16.15 3.21
CA ILE A 114 22.64 16.53 3.90
C ILE A 114 22.29 17.97 3.50
N ARG A 115 22.30 18.25 2.18
CA ARG A 115 21.81 19.52 1.58
C ARG A 115 20.28 19.47 1.50
N LYS A 116 19.65 20.64 1.35
CA LYS A 116 18.17 20.82 1.37
C LYS A 116 17.70 21.14 -0.06
N SER A 117 16.54 20.60 -0.46
CA SER A 117 15.84 20.93 -1.73
C SER A 117 15.85 22.44 -1.92
N LEU A 118 16.38 22.91 -3.05
CA LEU A 118 16.77 24.33 -3.28
C LEU A 118 15.57 25.25 -3.04
N LEU A 119 14.40 24.91 -3.60
CA LEU A 119 13.17 25.74 -3.49
C LEU A 119 12.74 25.89 -2.03
N ASP A 120 12.95 24.87 -1.19
CA ASP A 120 12.61 24.88 0.25
C ASP A 120 13.51 25.88 0.98
N GLU A 121 14.79 25.97 0.62
CA GLU A 121 15.77 26.90 1.24
C GLU A 121 15.53 28.32 0.69
N LEU A 122 14.83 28.45 -0.45
CA LEU A 122 14.33 29.75 -0.98
C LEU A 122 13.04 30.14 -0.24
N MET A 123 12.13 29.19 0.01
CA MET A 123 10.76 29.45 0.55
C MET A 123 10.83 30.04 1.97
N GLU A 124 11.93 29.84 2.69
CA GLU A 124 12.19 30.48 4.02
C GLU A 124 12.37 32.00 3.84
N VAL A 125 12.77 32.46 2.64
CA VAL A 125 12.73 33.90 2.24
C VAL A 125 11.26 34.27 2.04
N GLN A 126 10.88 35.52 2.33
CA GLN A 126 9.46 35.97 2.43
C GLN A 126 8.84 36.12 1.04
N HIS A 127 9.57 36.73 0.09
CA HIS A 127 9.06 37.13 -1.26
C HIS A 127 8.56 35.90 -2.04
N PHE A 128 9.15 34.73 -1.79
CA PHE A 128 8.75 33.43 -2.42
C PHE A 128 7.51 32.88 -1.72
N ARG A 129 7.34 33.15 -0.42
CA ARG A 129 6.06 32.87 0.31
C ARG A 129 4.95 33.69 -0.34
N THR A 130 5.24 34.94 -0.74
CA THR A 130 4.29 35.83 -1.47
C THR A 130 3.92 35.21 -2.83
N ILE A 131 4.90 34.92 -3.71
CA ILE A 131 4.65 34.32 -5.06
C ILE A 131 3.76 33.09 -4.90
N TYR A 132 4.15 32.19 -3.99
CA TYR A 132 3.43 30.95 -3.63
C TYR A 132 1.97 31.28 -3.27
N HIS A 133 1.76 32.32 -2.45
CA HIS A 133 0.42 32.80 -2.01
C HIS A 133 -0.38 33.35 -3.20
N MET A 134 0.26 34.14 -4.08
CA MET A 134 -0.34 34.63 -5.35
C MET A 134 -0.93 33.46 -6.14
N PHE A 135 -0.22 32.33 -6.21
CA PHE A 135 -0.62 31.13 -7.01
C PHE A 135 -1.80 30.42 -6.34
N ILE A 136 -1.81 30.28 -5.01
CA ILE A 136 -2.98 29.71 -4.26
C ILE A 136 -4.18 30.65 -4.45
N ALA A 137 -3.95 31.96 -4.48
CA ALA A 137 -5.01 32.97 -4.73
C ALA A 137 -5.61 32.74 -6.14
N GLY A 138 -4.75 32.48 -7.13
CA GLY A 138 -5.13 32.07 -8.49
C GLY A 138 -6.11 30.90 -8.47
N LEU A 139 -5.78 29.85 -7.69
CA LEU A 139 -6.67 28.66 -7.48
C LEU A 139 -8.01 29.10 -6.89
N CYS A 140 -7.97 29.93 -5.85
CA CYS A 140 -9.17 30.43 -5.12
C CYS A 140 -10.08 31.21 -6.08
N VAL A 141 -9.52 32.03 -6.98
CA VAL A 141 -10.32 32.77 -8.01
C VAL A 141 -11.01 31.76 -8.95
N PHE A 142 -10.25 30.78 -9.47
CA PHE A 142 -10.76 29.71 -10.38
C PHE A 142 -11.92 28.98 -9.69
N ILE A 143 -11.75 28.53 -8.44
CA ILE A 143 -12.79 27.75 -7.70
C ILE A 143 -14.04 28.62 -7.50
N ILE A 144 -13.87 29.90 -7.10
CA ILE A 144 -15.01 30.84 -6.86
C ILE A 144 -15.74 31.08 -8.18
N SER A 145 -15.03 31.43 -9.25
CA SER A 145 -15.62 31.79 -10.57
C SER A 145 -16.35 30.57 -11.17
N THR A 146 -15.70 29.40 -11.20
CA THR A 146 -16.28 28.15 -11.75
C THR A 146 -17.51 27.73 -10.93
N LEU A 147 -17.42 27.80 -9.59
CA LEU A 147 -18.55 27.52 -8.66
C LEU A 147 -19.73 28.45 -8.99
N ALA A 148 -19.46 29.74 -9.25
CA ALA A 148 -20.47 30.78 -9.51
C ALA A 148 -21.10 30.60 -10.91
N ILE A 149 -20.32 30.16 -11.90
CA ILE A 149 -20.80 29.93 -13.30
C ILE A 149 -21.64 28.64 -13.33
N ASP A 150 -21.04 27.50 -12.95
CA ASP A 150 -21.68 26.16 -12.99
C ASP A 150 -22.88 26.10 -12.03
N PHE A 151 -23.04 27.09 -11.14
CA PHE A 151 -24.25 27.30 -10.29
C PHE A 151 -25.45 27.65 -11.17
N ILE A 152 -25.26 28.44 -12.25
CA ILE A 152 -26.35 28.94 -13.14
C ILE A 152 -26.18 28.32 -14.54
N LEU A 158 -22.24 19.30 -11.74
CA LEU A 158 -21.92 20.58 -11.02
C LEU A 158 -20.57 21.11 -11.51
N LEU A 159 -19.46 20.66 -10.92
CA LEU A 159 -18.09 21.21 -11.13
C LEU A 159 -17.47 20.50 -12.34
N GLU A 160 -16.17 20.71 -12.60
CA GLU A 160 -15.41 20.02 -13.67
C GLU A 160 -14.73 18.75 -13.12
N PHE A 161 -15.37 18.10 -12.13
CA PHE A 161 -14.99 16.78 -11.55
C PHE A 161 -15.03 15.68 -12.63
N ASP A 162 -15.71 15.93 -13.76
CA ASP A 162 -15.90 14.99 -14.89
C ASP A 162 -14.54 14.52 -15.44
N LEU A 163 -13.59 15.44 -15.63
CA LEU A 163 -12.24 15.11 -16.16
C LEU A 163 -11.53 14.15 -15.20
N LEU A 164 -11.62 14.40 -13.89
CA LEU A 164 -11.06 13.52 -12.84
C LEU A 164 -11.72 12.14 -12.91
N ILE A 165 -13.06 12.05 -12.76
CA ILE A 165 -13.80 10.74 -12.74
C ILE A 165 -13.57 9.99 -14.06
N PHE A 166 -13.46 10.69 -15.20
CA PHE A 166 -13.20 10.07 -16.52
C PHE A 166 -11.74 9.57 -16.60
N SER A 167 -10.77 10.43 -16.27
CA SER A 167 -9.31 10.19 -16.45
C SER A 167 -8.81 9.07 -15.53
N PHE A 168 -9.48 8.81 -14.40
CA PHE A 168 -9.12 7.77 -13.40
C PHE A 168 -10.10 6.58 -13.49
N GLY A 169 -10.50 6.23 -14.73
CA GLY A 169 -11.54 5.25 -15.09
C GLY A 169 -11.46 3.95 -14.29
N GLN A 170 -10.41 3.15 -14.51
CA GLN A 170 -10.22 1.83 -13.85
C GLN A 170 -9.05 1.89 -12.84
N LEU A 171 -8.91 3.01 -12.12
CA LEU A 171 -7.81 3.27 -11.15
C LEU A 171 -7.65 2.08 -10.20
N PRO A 172 -8.73 1.40 -9.73
CA PRO A 172 -8.59 0.12 -9.04
C PRO A 172 -7.71 -0.90 -9.78
N LEU A 173 -7.98 -1.14 -11.08
CA LEU A 173 -7.21 -2.12 -11.90
C LEU A 173 -5.75 -1.64 -12.02
N ALA A 174 -5.56 -0.34 -12.29
CA ALA A 174 -4.25 0.34 -12.42
C ALA A 174 -3.38 0.09 -11.18
N LEU A 175 -3.97 0.01 -9.98
CA LEU A 175 -3.20 -0.21 -8.72
C LEU A 175 -2.98 -1.71 -8.47
N VAL A 176 -3.97 -2.58 -8.71
CA VAL A 176 -3.81 -4.06 -8.55
C VAL A 176 -2.92 -4.62 -9.68
N THR A 177 -2.62 -3.82 -10.73
CA THR A 177 -1.54 -4.12 -11.72
C THR A 177 -0.20 -3.52 -11.26
N TRP A 178 -0.23 -2.49 -10.41
CA TRP A 178 0.99 -1.92 -9.79
C TRP A 178 1.61 -2.92 -8.80
N VAL A 179 0.78 -3.73 -8.13
CA VAL A 179 1.23 -4.67 -7.05
C VAL A 179 2.10 -5.78 -7.66
N PRO A 180 1.66 -6.55 -8.69
CA PRO A 180 2.52 -7.56 -9.32
C PRO A 180 3.90 -7.08 -9.77
N MET A 181 3.95 -5.94 -10.46
CA MET A 181 5.22 -5.30 -10.94
C MET A 181 6.12 -4.97 -9.75
N PHE A 182 5.56 -4.37 -8.70
CA PHE A 182 6.27 -3.99 -7.45
C PHE A 182 6.85 -5.25 -6.78
N LEU A 183 6.07 -6.32 -6.68
CA LEU A 183 6.52 -7.61 -6.08
C LEU A 183 7.60 -8.24 -6.97
N SER A 184 7.46 -8.14 -8.30
CA SER A 184 8.44 -8.67 -9.29
C SER A 184 9.80 -7.97 -9.09
N THR A 185 9.82 -6.64 -9.17
CA THR A 185 11.03 -5.80 -9.01
C THR A 185 11.61 -5.91 -7.59
N LEU A 186 10.78 -6.20 -6.58
CA LEU A 186 11.25 -6.37 -5.18
C LEU A 186 12.02 -7.69 -5.04
N LEU A 187 11.46 -8.80 -5.57
CA LEU A 187 11.99 -10.17 -5.34
C LEU A 187 13.00 -10.56 -6.43
N ALA A 188 12.64 -10.46 -7.71
CA ALA A 188 13.38 -11.07 -8.85
C ALA A 188 14.83 -10.60 -8.89
N PRO A 189 15.13 -9.28 -8.91
CA PRO A 189 16.52 -8.80 -8.99
C PRO A 189 17.41 -9.25 -7.82
N TYR A 190 16.87 -9.26 -6.60
CA TYR A 190 17.61 -9.59 -5.36
C TYR A 190 17.98 -11.08 -5.35
N GLN A 191 16.99 -11.95 -5.59
CA GLN A 191 17.19 -13.43 -5.66
C GLN A 191 18.16 -13.74 -6.79
N ALA A 192 17.97 -13.12 -7.96
CA ALA A 192 18.91 -13.20 -9.10
C ALA A 192 20.33 -12.94 -8.60
N LEU A 193 20.56 -11.81 -7.91
CA LEU A 193 21.90 -11.39 -7.44
C LEU A 193 22.43 -12.39 -6.39
N ARG A 194 21.62 -12.73 -5.39
CA ARG A 194 22.03 -13.55 -4.21
C ARG A 194 22.47 -14.95 -4.68
N LEU A 195 21.70 -15.58 -5.58
CA LEU A 195 22.02 -16.94 -6.11
C LEU A 195 23.13 -16.85 -7.17
N TRP A 196 23.09 -15.83 -8.05
CA TRP A 196 24.11 -15.60 -9.11
C TRP A 196 25.49 -15.35 -8.48
N ALA A 197 25.54 -14.72 -7.30
CA ALA A 197 26.78 -14.44 -6.52
C ALA A 197 27.09 -15.59 -5.54
N ARG A 198 26.74 -16.84 -5.88
CA ARG A 198 26.93 -18.04 -5.02
C ARG A 198 27.67 -19.13 -5.80
N GLY A 199 28.67 -18.73 -6.62
CA GLY A 199 29.50 -19.66 -7.42
C GLY A 199 30.48 -18.92 -8.31
N GLY A 206 23.98 -19.35 -12.74
CA GLY A 206 22.91 -20.35 -12.52
C GLY A 206 21.62 -19.96 -13.23
N LEU A 207 20.45 -20.29 -12.62
CA LEU A 207 19.10 -19.81 -13.01
C LEU A 207 19.09 -18.29 -13.20
N GLY A 208 19.81 -17.62 -12.29
CA GLY A 208 19.87 -16.16 -12.14
C GLY A 208 19.95 -15.45 -13.49
N CYS A 209 20.68 -16.02 -14.44
CA CYS A 209 20.84 -15.48 -15.83
C CYS A 209 19.51 -15.55 -16.58
N ALA A 210 18.61 -16.48 -16.25
CA ALA A 210 17.22 -16.54 -16.77
C ALA A 210 16.32 -15.64 -15.93
N LEU A 211 16.20 -15.93 -14.63
CA LEU A 211 15.17 -15.33 -13.75
C LEU A 211 15.11 -13.81 -14.00
N LEU A 212 16.27 -13.17 -14.03
CA LEU A 212 16.40 -11.74 -14.41
C LEU A 212 15.63 -11.48 -15.69
N ALA A 213 15.51 -12.46 -16.57
CA ALA A 213 14.79 -12.28 -17.83
C ALA A 213 13.29 -12.15 -17.62
N ALA A 214 12.73 -13.03 -16.79
CA ALA A 214 11.31 -13.01 -16.50
C ALA A 214 10.87 -11.63 -16.01
N HIS A 215 11.57 -11.12 -15.01
CA HIS A 215 11.27 -9.78 -14.45
C HIS A 215 11.57 -8.68 -15.49
N ALA A 216 12.36 -8.97 -16.54
CA ALA A 216 12.41 -8.12 -17.74
C ALA A 216 11.05 -8.22 -18.41
N VAL A 217 10.55 -9.43 -18.62
CA VAL A 217 9.27 -9.65 -19.36
C VAL A 217 8.04 -9.42 -18.47
N VAL A 218 8.06 -9.48 -17.13
CA VAL A 218 6.77 -9.28 -16.41
C VAL A 218 6.43 -7.79 -16.28
N LEU A 219 7.39 -6.91 -15.98
CA LEU A 219 7.06 -5.46 -15.86
C LEU A 219 7.35 -4.75 -17.19
N CYS A 220 7.33 -5.50 -18.30
CA CYS A 220 7.44 -4.98 -19.69
C CYS A 220 6.19 -5.34 -20.50
N ALA A 221 5.66 -6.56 -20.31
CA ALA A 221 4.49 -7.13 -21.03
C ALA A 221 3.19 -6.79 -20.30
N LEU A 222 3.12 -7.05 -18.99
CA LEU A 222 1.88 -6.89 -18.16
C LEU A 222 1.34 -5.46 -18.27
N PRO A 223 2.15 -4.39 -18.01
CA PRO A 223 1.61 -3.03 -17.99
C PRO A 223 1.12 -2.51 -19.35
N VAL A 224 1.43 -3.21 -20.45
CA VAL A 224 0.90 -2.94 -21.83
C VAL A 224 -0.40 -3.72 -22.02
N HIS A 225 -0.40 -5.02 -21.69
CA HIS A 225 -1.55 -5.95 -21.82
C HIS A 225 -2.75 -5.42 -21.04
N VAL A 226 -2.55 -4.92 -19.81
CA VAL A 226 -3.67 -4.41 -18.96
C VAL A 226 -4.06 -2.99 -19.41
N ALA A 227 -3.18 -2.29 -20.13
CA ALA A 227 -3.41 -0.89 -20.60
C ALA A 227 -4.14 -0.86 -21.94
N VAL A 228 -3.84 -1.79 -22.86
CA VAL A 228 -4.42 -1.82 -24.25
C VAL A 228 -5.65 -2.73 -24.29
N GLU A 229 -5.55 -3.95 -23.73
CA GLU A 229 -6.58 -5.02 -23.87
C GLU A 229 -7.82 -4.69 -23.01
N HIS A 230 -7.69 -3.77 -22.03
CA HIS A 230 -8.77 -3.35 -21.11
C HIS A 230 -9.24 -1.91 -21.40
N GLN A 231 -8.60 -1.20 -22.34
CA GLN A 231 -8.99 0.18 -22.80
C GLN A 231 -9.06 1.11 -21.57
N LEU A 232 -7.90 1.38 -20.94
CA LEU A 232 -7.78 2.34 -19.82
C LEU A 232 -7.82 3.77 -20.35
N PRO A 233 -8.22 4.77 -19.52
CA PRO A 233 -8.08 6.18 -19.87
C PRO A 233 -6.62 6.64 -19.87
N PRO A 234 -6.31 7.92 -20.20
CA PRO A 234 -4.92 8.41 -20.15
C PRO A 234 -4.29 8.41 -18.75
N ALA A 235 -4.92 9.07 -17.77
CA ALA A 235 -4.33 9.37 -16.44
C ALA A 235 -4.13 8.08 -15.61
N SER A 236 -5.08 7.16 -15.66
CA SER A 236 -5.01 5.84 -14.97
C SER A 236 -4.05 4.88 -15.69
N ARG A 237 -3.57 5.25 -16.89
CA ARG A 237 -2.58 4.47 -17.67
C ARG A 237 -1.17 4.96 -17.34
N CYS A 238 -0.94 6.29 -17.34
CA CYS A 238 0.37 6.94 -17.08
C CYS A 238 1.00 6.35 -15.81
N VAL A 239 0.18 6.13 -14.76
CA VAL A 239 0.59 5.46 -13.48
C VAL A 239 1.48 4.26 -13.85
N LEU A 240 0.95 3.27 -14.57
CA LEU A 240 1.67 2.02 -14.95
C LEU A 240 2.88 2.35 -15.83
N VAL A 241 2.74 3.25 -16.82
CA VAL A 241 3.85 3.71 -17.71
C VAL A 241 5.04 4.03 -16.80
N PHE A 242 4.81 4.92 -15.83
CA PHE A 242 5.85 5.42 -14.89
C PHE A 242 6.35 4.34 -13.94
N GLU A 243 5.58 3.27 -13.71
CA GLU A 243 6.01 2.19 -12.79
C GLU A 243 6.43 0.98 -13.61
N GLN A 244 6.88 1.22 -14.85
CA GLN A 244 7.71 0.26 -15.59
C GLN A 244 9.00 0.95 -16.08
N VAL A 245 9.04 2.28 -16.18
CA VAL A 245 10.34 2.99 -16.42
C VAL A 245 10.90 3.48 -15.08
N ARG A 246 10.19 3.35 -13.96
CA ARG A 246 10.93 3.38 -12.68
C ARG A 246 11.63 2.04 -12.57
N PHE A 247 10.88 0.94 -12.43
CA PHE A 247 11.44 -0.37 -11.99
C PHE A 247 12.52 -0.92 -12.93
N LEU A 248 12.57 -0.52 -14.19
CA LEU A 248 13.74 -0.90 -15.01
C LEU A 248 14.92 -0.04 -14.59
N MET A 249 14.68 1.23 -14.32
CA MET A 249 15.77 2.16 -13.98
C MET A 249 16.46 1.71 -12.69
N LYS A 250 15.72 1.13 -11.76
CA LYS A 250 16.28 0.68 -10.49
C LYS A 250 16.69 -0.80 -10.52
N SER A 251 15.79 -1.66 -10.99
CA SER A 251 16.06 -3.09 -11.09
C SER A 251 17.34 -3.33 -11.88
N TYR A 252 17.80 -2.27 -12.53
CA TYR A 252 19.04 -2.28 -13.35
C TYR A 252 20.17 -1.53 -12.61
N SER A 253 19.86 -0.35 -12.05
CA SER A 253 20.79 0.47 -11.22
C SER A 253 21.36 -0.40 -10.10
N PHE A 254 20.45 -0.96 -9.30
CA PHE A 254 20.75 -1.88 -8.17
C PHE A 254 21.72 -2.96 -8.63
N LEU A 255 21.37 -3.63 -9.74
CA LEU A 255 22.12 -4.80 -10.28
C LEU A 255 23.53 -4.37 -10.67
N ARG A 256 23.64 -3.36 -11.56
CA ARG A 256 24.93 -2.89 -12.13
C ARG A 256 25.79 -2.22 -11.03
N GLU A 257 25.19 -1.76 -9.93
CA GLU A 257 25.93 -1.26 -8.74
C GLU A 257 26.56 -2.44 -7.97
N ALA A 258 25.78 -3.49 -7.70
CA ALA A 258 26.12 -4.57 -6.75
C ALA A 258 26.76 -5.78 -7.46
N VAL A 259 26.81 -5.80 -8.80
CA VAL A 259 27.56 -6.84 -9.59
C VAL A 259 29.07 -6.63 -9.45
N PRO A 260 29.65 -5.43 -9.73
CA PRO A 260 31.10 -5.24 -9.62
C PRO A 260 31.70 -5.52 -8.23
N GLY A 261 30.86 -5.54 -7.18
CA GLY A 261 31.21 -6.10 -5.86
C GLY A 261 31.47 -7.60 -5.90
N ILE A 262 30.80 -8.32 -6.82
CA ILE A 262 30.88 -9.80 -6.97
C ILE A 262 31.95 -10.17 -8.02
N LEU A 263 32.41 -9.22 -8.85
CA LEU A 263 33.56 -9.43 -9.78
C LEU A 263 34.85 -9.76 -9.00
N ARG A 264 34.89 -9.45 -7.69
CA ARG A 264 35.90 -9.96 -6.74
C ARG A 264 35.93 -11.50 -6.80
N ALA A 265 37.05 -12.06 -7.28
CA ALA A 265 37.25 -13.51 -7.52
C ALA A 265 37.71 -14.20 -6.23
N ALA A 273 26.86 -9.79 -1.53
CA ALA A 273 25.39 -9.83 -1.32
C ALA A 273 24.97 -8.67 -0.43
N PRO A 274 24.37 -7.58 -0.98
CA PRO A 274 24.00 -6.42 -0.16
C PRO A 274 22.76 -6.73 0.71
N SER A 275 22.67 -6.12 1.90
CA SER A 275 21.56 -6.29 2.88
C SER A 275 20.23 -5.97 2.20
N PHE A 276 19.25 -6.88 2.28
CA PHE A 276 17.94 -6.80 1.57
C PHE A 276 17.19 -5.53 2.04
N SER A 277 17.08 -5.34 3.36
CA SER A 277 16.43 -4.17 4.00
C SER A 277 16.80 -2.87 3.26
N SER A 278 18.08 -2.73 2.88
CA SER A 278 18.62 -1.61 2.07
C SER A 278 17.94 -1.57 0.70
N TYR A 279 17.74 -2.72 0.05
CA TYR A 279 17.12 -2.81 -1.30
C TYR A 279 15.63 -2.47 -1.23
N LEU A 280 14.91 -2.97 -0.20
CA LEU A 280 13.49 -2.59 0.04
C LEU A 280 13.42 -1.07 0.20
N TYR A 281 14.18 -0.52 1.14
CA TYR A 281 14.26 0.94 1.41
C TYR A 281 14.59 1.68 0.11
N PHE A 282 15.50 1.13 -0.71
CA PHE A 282 15.98 1.71 -1.98
C PHE A 282 14.81 1.86 -2.97
N LEU A 283 13.94 0.86 -3.11
CA LEU A 283 12.83 0.86 -4.10
C LEU A 283 11.90 2.07 -3.88
N PHE A 284 11.76 2.56 -2.65
CA PHE A 284 10.88 3.71 -2.28
C PHE A 284 11.67 5.01 -2.12
N CYS A 285 12.99 4.96 -1.93
CA CYS A 285 13.85 6.15 -1.73
C CYS A 285 13.79 7.02 -2.98
N PRO A 286 13.68 8.36 -2.84
CA PRO A 286 13.49 9.25 -4.00
C PRO A 286 14.67 9.42 -4.97
N THR A 287 15.75 8.63 -4.86
CA THR A 287 16.87 8.58 -5.84
C THR A 287 16.82 7.27 -6.62
N LEU A 288 17.45 7.25 -7.81
CA LEU A 288 17.56 6.06 -8.71
C LEU A 288 18.94 5.38 -8.55
N ILE A 289 19.92 6.05 -7.95
CA ILE A 289 21.28 5.49 -7.69
C ILE A 289 21.20 4.60 -6.43
N TYR A 290 21.68 3.35 -6.51
CA TYR A 290 21.78 2.41 -5.37
C TYR A 290 23.12 2.62 -4.66
N ARG A 291 23.11 3.38 -3.54
CA ARG A 291 24.32 3.78 -2.79
C ARG A 291 24.42 3.03 -1.45
N GLU A 292 23.31 2.50 -0.92
CA GLU A 292 23.16 1.71 0.34
C GLU A 292 23.85 2.37 1.56
N THR A 293 24.10 3.70 1.52
CA THR A 293 24.53 4.52 2.67
C THR A 293 23.40 5.50 3.01
N TYR A 294 23.09 6.40 2.06
CA TYR A 294 21.94 7.34 2.07
C TYR A 294 21.93 8.16 3.35
N PRO A 295 22.67 9.30 3.42
CA PRO A 295 22.74 10.10 4.65
C PRO A 295 21.34 10.53 5.12
N ARG A 296 21.00 10.22 6.39
CA ARG A 296 19.62 10.33 6.92
C ARG A 296 19.53 11.47 7.95
N THR A 297 18.31 11.92 8.22
CA THR A 297 17.95 13.09 9.06
C THR A 297 17.42 12.59 10.40
N PRO A 298 17.41 13.43 11.47
CA PRO A 298 17.04 12.97 12.81
C PRO A 298 15.66 12.32 12.95
N TYR A 299 14.59 12.98 12.50
CA TYR A 299 13.18 12.61 12.81
C TYR A 299 12.23 13.04 11.69
N VAL A 300 10.96 12.68 11.83
CA VAL A 300 9.87 12.81 10.81
C VAL A 300 8.95 13.98 11.22
N ARG A 301 9.02 15.09 10.47
CA ARG A 301 8.18 16.30 10.68
C ARG A 301 6.83 16.07 9.99
N TRP A 302 5.91 15.38 10.68
CA TRP A 302 4.61 14.91 10.12
C TRP A 302 3.73 16.09 9.69
N ASN A 303 3.86 17.25 10.36
CA ASN A 303 3.26 18.53 9.94
C ASN A 303 3.74 18.89 8.52
N TYR A 304 5.05 18.77 8.27
CA TYR A 304 5.71 19.14 6.99
C TYR A 304 5.19 18.22 5.86
N VAL A 305 5.14 16.91 6.08
CA VAL A 305 4.70 15.92 5.05
C VAL A 305 3.21 16.12 4.75
N ALA A 306 2.39 16.37 5.78
CA ALA A 306 0.95 16.68 5.64
C ALA A 306 0.78 17.90 4.72
N LYS A 307 1.53 18.98 4.99
CA LYS A 307 1.57 20.22 4.17
C LYS A 307 1.94 19.89 2.72
N ASN A 308 2.97 19.07 2.51
CA ASN A 308 3.52 18.74 1.16
C ASN A 308 2.49 17.95 0.34
N PHE A 309 1.79 16.99 0.96
CA PHE A 309 0.73 16.18 0.29
C PHE A 309 -0.48 17.08 -0.03
N ALA A 310 -0.87 17.96 0.90
CA ALA A 310 -1.96 18.96 0.72
C ALA A 310 -1.66 19.84 -0.51
N GLN A 311 -0.41 20.27 -0.66
CA GLN A 311 0.06 21.08 -1.82
C GLN A 311 -0.01 20.24 -3.11
N ALA A 312 0.49 18.99 -3.07
CA ALA A 312 0.51 18.06 -4.23
C ALA A 312 -0.92 17.81 -4.75
N LEU A 313 -1.88 17.65 -3.85
CA LEU A 313 -3.31 17.39 -4.20
C LEU A 313 -3.97 18.68 -4.70
N GLY A 314 -3.69 19.82 -4.04
CA GLY A 314 -4.06 21.16 -4.54
C GLY A 314 -3.54 21.42 -5.94
N CYS A 315 -2.32 20.94 -6.24
CA CYS A 315 -1.64 21.04 -7.55
C CYS A 315 -2.39 20.23 -8.61
N VAL A 316 -2.76 18.98 -8.31
CA VAL A 316 -3.58 18.10 -9.21
C VAL A 316 -4.90 18.83 -9.53
N LEU A 317 -5.56 19.41 -8.52
CA LEU A 317 -6.83 20.17 -8.68
C LEU A 317 -6.59 21.41 -9.56
N TYR A 318 -5.43 22.07 -9.42
CA TYR A 318 -5.05 23.25 -10.25
C TYR A 318 -4.97 22.83 -11.73
N ALA A 319 -4.27 21.73 -12.01
CA ALA A 319 -4.11 21.13 -13.36
C ALA A 319 -5.48 20.74 -13.93
N CYS A 320 -6.36 20.17 -13.09
CA CYS A 320 -7.75 19.78 -13.45
C CYS A 320 -8.52 21.01 -13.97
N PHE A 321 -8.41 22.15 -13.28
CA PHE A 321 -9.05 23.43 -13.69
C PHE A 321 -8.43 23.92 -14.99
N ILE A 322 -7.09 24.00 -15.07
CA ILE A 322 -6.37 24.51 -16.29
C ILE A 322 -6.85 23.73 -17.52
N LEU A 323 -6.88 22.40 -17.45
CA LEU A 323 -7.35 21.54 -18.57
C LEU A 323 -8.83 21.84 -18.86
N GLY A 324 -9.70 21.68 -17.86
CA GLY A 324 -11.16 21.78 -18.00
C GLY A 324 -11.67 23.18 -18.32
N ARG A 325 -10.80 24.19 -18.30
CA ARG A 325 -11.18 25.61 -18.54
C ARG A 325 -10.43 26.21 -19.75
N LEU A 326 -9.14 25.92 -19.96
CA LEU A 326 -8.30 26.65 -20.96
C LEU A 326 -7.74 25.74 -22.06
N CYS A 327 -8.02 24.43 -22.05
CA CYS A 327 -7.55 23.49 -23.11
C CYS A 327 -8.74 22.89 -23.87
N VAL A 328 -9.67 22.25 -23.17
CA VAL A 328 -10.85 21.53 -23.76
C VAL A 328 -11.64 22.49 -24.65
N PRO A 329 -12.06 23.69 -24.18
CA PRO A 329 -12.88 24.60 -24.99
C PRO A 329 -12.27 25.03 -26.33
N VAL A 330 -10.97 25.39 -26.35
CA VAL A 330 -10.23 25.85 -27.55
C VAL A 330 -10.09 24.68 -28.55
N PHE A 331 -9.83 23.47 -28.05
CA PHE A 331 -9.37 22.30 -28.86
C PHE A 331 -10.54 21.39 -29.26
N ALA A 332 -11.67 21.42 -28.54
CA ALA A 332 -12.87 20.59 -28.81
C ALA A 332 -13.29 20.71 -30.29
N ASN A 333 -13.30 21.93 -30.82
CA ASN A 333 -13.78 22.27 -32.19
C ASN A 333 -12.60 22.23 -33.18
N MET A 334 -12.05 21.04 -33.40
CA MET A 334 -11.05 20.75 -34.48
C MET A 334 -11.69 19.85 -35.56
N SER A 335 -12.91 19.35 -35.32
CA SER A 335 -13.82 18.77 -36.35
C SER A 335 -14.07 19.79 -37.46
N ARG A 336 -14.00 21.09 -37.13
CA ARG A 336 -13.97 22.25 -38.06
C ARG A 336 -13.11 21.93 -39.29
N GLU A 337 -13.62 22.23 -40.48
CA GLU A 337 -13.05 21.84 -41.80
C GLU A 337 -11.77 22.61 -42.12
N PRO A 338 -11.70 23.96 -41.94
CA PRO A 338 -10.67 24.77 -42.59
C PRO A 338 -9.24 24.19 -42.61
N PHE A 339 -8.69 23.87 -41.43
CA PHE A 339 -7.25 23.56 -41.19
C PHE A 339 -6.41 24.73 -41.71
N SER A 340 -6.92 25.96 -41.61
CA SER A 340 -6.22 27.20 -42.03
C SER A 340 -5.03 27.43 -41.09
N THR A 341 -3.89 27.86 -41.64
CA THR A 341 -2.60 27.97 -40.91
C THR A 341 -2.69 29.10 -39.87
N ARG A 342 -3.48 30.14 -40.14
CA ARG A 342 -3.82 31.24 -39.17
C ARG A 342 -4.46 30.61 -37.92
N ALA A 343 -5.53 29.84 -38.11
CA ALA A 343 -6.30 29.15 -37.04
C ALA A 343 -5.37 28.29 -36.18
N LEU A 344 -4.53 27.45 -36.81
CA LEU A 344 -3.58 26.54 -36.13
C LEU A 344 -2.55 27.33 -35.32
N VAL A 345 -1.89 28.31 -35.95
CA VAL A 345 -0.79 29.10 -35.30
C VAL A 345 -1.36 29.91 -34.13
N LEU A 346 -2.58 30.46 -34.25
CA LEU A 346 -3.21 31.25 -33.15
C LEU A 346 -3.71 30.30 -32.05
N SER A 347 -4.07 29.06 -32.40
CA SER A 347 -4.37 27.98 -31.42
C SER A 347 -3.09 27.66 -30.61
N ILE A 348 -1.93 27.59 -31.30
CA ILE A 348 -0.59 27.35 -30.68
C ILE A 348 -0.30 28.47 -29.67
N LEU A 349 -0.46 29.74 -30.06
CA LEU A 349 -0.25 30.91 -29.14
C LEU A 349 -1.24 30.85 -27.98
N HIS A 350 -2.51 30.57 -28.27
CA HIS A 350 -3.59 30.45 -27.24
C HIS A 350 -3.24 29.35 -26.23
N ALA A 351 -2.60 28.27 -26.67
CA ALA A 351 -2.34 27.05 -25.86
C ALA A 351 -0.95 27.06 -25.20
N THR A 352 -0.07 28.02 -25.52
CA THR A 352 1.31 28.09 -24.96
C THR A 352 1.26 28.29 -23.43
N LEU A 353 0.22 28.93 -22.89
CA LEU A 353 0.13 29.30 -21.45
C LEU A 353 -0.29 28.10 -20.59
N PRO A 354 -1.35 27.32 -20.93
CA PRO A 354 -1.57 26.04 -20.24
C PRO A 354 -0.35 25.12 -20.29
N GLY A 355 0.38 25.14 -21.41
CA GLY A 355 1.68 24.47 -21.59
C GLY A 355 2.63 24.78 -20.45
N ILE A 356 2.87 26.06 -20.16
CA ILE A 356 3.90 26.51 -19.16
C ILE A 356 3.40 26.17 -17.74
N PHE A 357 2.11 26.39 -17.45
CA PHE A 357 1.51 26.11 -16.12
C PHE A 357 1.51 24.59 -15.89
N MET A 358 1.22 23.78 -16.92
CA MET A 358 1.35 22.30 -16.83
C MET A 358 2.80 21.95 -16.45
N LEU A 359 3.80 22.55 -17.12
CA LEU A 359 5.24 22.29 -16.82
C LEU A 359 5.56 22.68 -15.38
N LEU A 360 5.26 23.93 -14.99
CA LEU A 360 5.52 24.47 -13.63
C LEU A 360 4.83 23.60 -12.57
N LEU A 361 3.59 23.15 -12.83
CA LEU A 361 2.83 22.28 -11.90
C LEU A 361 3.49 20.90 -11.80
N ILE A 362 3.72 20.24 -12.96
CA ILE A 362 4.49 18.96 -13.04
C ILE A 362 5.73 19.10 -12.15
N PHE A 363 6.57 20.08 -12.48
CA PHE A 363 7.81 20.40 -11.74
C PHE A 363 7.51 20.54 -10.25
N PHE A 364 6.73 21.56 -9.86
CA PHE A 364 6.56 21.95 -8.43
C PHE A 364 6.03 20.74 -7.65
N ALA A 365 4.83 20.26 -7.98
CA ALA A 365 4.18 19.14 -7.26
C ALA A 365 5.12 17.95 -7.23
N PHE A 366 5.47 17.39 -8.40
CA PHE A 366 6.10 16.05 -8.48
C PHE A 366 7.61 16.08 -8.12
N LEU A 367 8.30 17.22 -8.23
CA LEU A 367 9.76 17.30 -7.92
C LEU A 367 10.04 18.04 -6.60
N HIS A 368 9.13 18.90 -6.10
CA HIS A 368 9.29 19.53 -4.76
C HIS A 368 8.33 18.90 -3.74
N CYS A 369 7.04 18.75 -4.06
CA CYS A 369 6.02 18.31 -3.06
C CYS A 369 6.11 16.80 -2.84
N TRP A 370 5.98 16.00 -3.91
CA TRP A 370 5.87 14.51 -3.87
C TRP A 370 7.16 13.89 -3.31
N LEU A 371 8.32 14.23 -3.88
CA LEU A 371 9.62 13.61 -3.51
C LEU A 371 10.13 14.14 -2.17
N ASN A 372 9.79 15.39 -1.78
CA ASN A 372 10.11 15.90 -0.42
C ASN A 372 9.23 15.15 0.61
N ALA A 373 7.92 15.05 0.36
CA ALA A 373 6.97 14.31 1.22
C ALA A 373 7.52 12.90 1.48
N PHE A 374 7.92 12.21 0.42
CA PHE A 374 8.46 10.81 0.48
C PHE A 374 9.89 10.80 1.02
N ALA A 375 10.64 11.89 0.89
CA ALA A 375 11.99 12.06 1.48
C ALA A 375 11.89 12.50 2.95
N GLU A 376 10.69 12.79 3.47
CA GLU A 376 10.46 13.19 4.90
C GLU A 376 9.86 12.02 5.67
N MET A 377 8.99 11.23 5.03
CA MET A 377 8.48 9.95 5.61
C MET A 377 9.63 8.95 5.82
N LEU A 378 10.65 8.98 4.95
CA LEU A 378 11.77 8.00 4.93
C LEU A 378 13.04 8.57 5.59
N ARG A 379 13.08 9.86 5.93
CA ARG A 379 14.23 10.56 6.57
C ARG A 379 15.45 10.47 5.63
N PHE A 380 15.32 10.96 4.40
CA PHE A 380 16.37 10.97 3.35
C PHE A 380 17.10 12.32 3.37
N GLY A 381 18.41 12.31 3.10
CA GLY A 381 19.25 13.51 2.89
C GLY A 381 19.39 13.83 1.41
N ASP A 382 20.38 14.68 1.05
CA ASP A 382 20.63 15.19 -0.33
C ASP A 382 19.32 15.24 -1.12
N ARG A 383 18.41 16.15 -0.75
CA ARG A 383 17.11 16.34 -1.43
C ARG A 383 17.29 17.34 -2.60
N MET A 384 18.43 17.28 -3.29
CA MET A 384 18.69 18.08 -4.52
C MET A 384 18.22 17.26 -5.72
N PHE A 385 16.91 17.06 -5.80
CA PHE A 385 16.19 16.36 -6.91
C PHE A 385 16.18 17.25 -8.15
N TYR A 386 16.46 18.55 -7.97
CA TYR A 386 16.53 19.58 -9.03
C TYR A 386 17.44 20.72 -8.55
N ARG A 387 18.42 21.09 -9.38
CA ARG A 387 19.18 22.37 -9.26
C ARG A 387 18.30 23.44 -9.91
N ASP A 388 18.71 24.71 -9.81
CA ASP A 388 17.97 25.87 -10.38
C ASP A 388 18.08 25.84 -11.91
N TRP A 389 17.20 25.07 -12.56
CA TRP A 389 17.10 25.01 -14.05
C TRP A 389 16.65 26.36 -14.62
N TRP A 390 15.89 27.13 -13.83
CA TRP A 390 15.39 28.48 -14.22
C TRP A 390 16.55 29.48 -14.39
N ASN A 391 17.78 29.12 -14.00
CA ASN A 391 19.02 29.91 -14.25
C ASN A 391 19.87 29.32 -15.38
N SER A 392 19.48 28.17 -15.96
CA SER A 392 20.26 27.44 -16.99
C SER A 392 20.47 28.35 -18.21
N THR A 393 21.70 28.83 -18.41
CA THR A 393 22.10 29.76 -19.50
C THR A 393 21.85 29.09 -20.86
N SER A 394 22.46 27.91 -21.07
CA SER A 394 22.31 27.06 -22.27
C SER A 394 21.24 26.00 -22.02
N PHE A 395 20.99 25.13 -23.02
CA PHE A 395 19.88 24.13 -23.03
C PHE A 395 20.31 22.87 -22.27
N SER A 396 21.50 22.34 -22.59
CA SER A 396 22.10 21.14 -21.93
C SER A 396 22.03 21.31 -20.41
N ASN A 397 22.42 22.49 -19.91
CA ASN A 397 22.34 22.87 -18.48
C ASN A 397 20.90 22.70 -17.98
N TYR A 398 19.91 23.18 -18.73
CA TYR A 398 18.46 23.00 -18.39
C TYR A 398 18.18 21.51 -18.18
N TYR A 399 18.56 20.67 -19.17
CA TYR A 399 18.28 19.21 -19.17
C TYR A 399 19.04 18.50 -18.04
N ARG A 400 20.25 18.96 -17.69
CA ARG A 400 21.02 18.40 -16.56
C ARG A 400 20.38 18.78 -15.22
N THR A 401 19.81 19.99 -15.10
CA THR A 401 19.35 20.59 -13.82
C THR A 401 17.82 20.51 -13.67
N TRP A 402 17.11 19.90 -14.64
CA TRP A 402 15.65 19.61 -14.59
C TRP A 402 15.48 18.10 -14.37
N ASN A 403 14.80 17.71 -13.28
CA ASN A 403 14.59 16.28 -12.87
C ASN A 403 15.98 15.64 -12.69
N VAL A 404 16.80 16.24 -11.82
CA VAL A 404 18.24 15.86 -11.58
C VAL A 404 18.34 14.39 -11.18
N VAL A 405 17.32 13.81 -10.52
CA VAL A 405 17.31 12.37 -10.11
C VAL A 405 17.46 11.46 -11.34
N VAL A 406 16.60 11.61 -12.36
CA VAL A 406 16.64 10.75 -13.58
C VAL A 406 17.89 11.10 -14.37
N HIS A 407 18.23 12.39 -14.46
CA HIS A 407 19.47 12.90 -15.10
C HIS A 407 20.68 12.17 -14.52
N ASP A 408 20.79 12.07 -13.18
CA ASP A 408 21.97 11.49 -12.46
C ASP A 408 22.05 9.99 -12.74
N TRP A 409 20.94 9.26 -12.64
CA TRP A 409 20.85 7.83 -13.07
C TRP A 409 21.39 7.74 -14.50
N LEU A 410 20.77 8.51 -15.39
CA LEU A 410 21.02 8.47 -16.86
C LEU A 410 22.48 8.85 -17.13
N TYR A 411 22.89 10.03 -16.64
CA TYR A 411 24.29 10.53 -16.62
C TYR A 411 25.20 9.37 -16.24
N SER A 412 25.08 8.87 -15.00
CA SER A 412 26.01 7.89 -14.40
C SER A 412 26.17 6.69 -15.33
N TYR A 413 25.06 6.05 -15.72
CA TYR A 413 25.07 4.72 -16.37
C TYR A 413 25.44 4.90 -17.85
N VAL A 414 24.75 5.78 -18.57
CA VAL A 414 24.95 5.90 -20.05
C VAL A 414 26.21 6.72 -20.35
N TYR A 415 26.70 7.57 -19.43
CA TYR A 415 27.91 8.42 -19.64
C TYR A 415 29.10 7.97 -18.77
N GLN A 416 28.98 6.92 -17.95
CA GLN A 416 30.18 6.27 -17.33
C GLN A 416 30.15 4.75 -17.56
N ASP A 417 29.31 4.26 -18.49
CA ASP A 417 29.51 2.95 -19.17
C ASP A 417 29.81 3.21 -20.67
N GLY A 418 29.22 4.24 -21.27
CA GLY A 418 29.56 4.72 -22.62
C GLY A 418 31.05 4.99 -22.75
N LEU A 419 31.56 5.98 -22.03
CA LEU A 419 32.98 6.44 -22.07
C LEU A 419 33.93 5.40 -21.48
N ARG A 420 33.43 4.34 -20.84
CA ARG A 420 34.23 3.20 -20.34
C ARG A 420 34.34 2.14 -21.42
N LEU A 421 33.21 1.62 -21.91
CA LEU A 421 33.17 0.51 -22.90
C LEU A 421 33.65 1.01 -24.27
N LEU A 422 33.09 2.13 -24.77
CA LEU A 422 33.57 2.77 -26.03
C LEU A 422 35.00 3.25 -25.82
N GLY A 423 35.31 3.80 -24.64
CA GLY A 423 36.61 4.43 -24.31
C GLY A 423 36.93 5.55 -25.29
N ALA A 424 35.91 6.19 -25.86
CA ALA A 424 35.99 7.12 -27.00
C ALA A 424 36.49 8.49 -26.51
N ARG A 425 37.61 8.96 -27.03
CA ARG A 425 38.13 10.35 -26.86
C ARG A 425 37.02 11.36 -27.20
N ALA A 426 36.19 11.04 -28.22
CA ALA A 426 34.98 11.80 -28.60
C ALA A 426 33.90 11.62 -27.52
N ARG A 427 33.44 12.73 -26.91
CA ARG A 427 32.44 12.75 -25.81
C ARG A 427 31.12 13.38 -26.28
N GLY A 428 31.15 14.37 -27.20
CA GLY A 428 29.96 15.02 -27.77
C GLY A 428 28.94 14.01 -28.26
N VAL A 429 29.41 12.94 -28.92
CA VAL A 429 28.64 11.72 -29.31
C VAL A 429 27.86 11.19 -28.09
N ALA A 430 28.52 11.09 -26.92
CA ALA A 430 27.94 10.54 -25.67
C ALA A 430 26.90 11.51 -25.09
N MET A 431 27.16 12.82 -25.15
CA MET A 431 26.21 13.88 -24.71
C MET A 431 24.88 13.70 -25.45
N LEU A 432 24.91 13.70 -26.79
CA LEU A 432 23.70 13.51 -27.65
C LEU A 432 23.15 12.09 -27.48
N GLY A 433 24.02 11.09 -27.32
CA GLY A 433 23.66 9.69 -27.00
C GLY A 433 22.68 9.62 -25.84
N VAL A 434 23.10 10.14 -24.67
CA VAL A 434 22.31 10.23 -23.41
C VAL A 434 20.97 10.91 -23.69
N PHE A 435 21.00 12.06 -24.37
CA PHE A 435 19.84 12.97 -24.56
C PHE A 435 18.81 12.33 -25.49
N LEU A 436 19.23 11.61 -26.53
CA LEU A 436 18.29 10.85 -27.41
C LEU A 436 17.74 9.64 -26.66
N VAL A 437 18.50 9.04 -25.73
CA VAL A 437 17.99 7.98 -24.81
C VAL A 437 16.84 8.57 -23.99
N SER A 438 17.05 9.75 -23.39
CA SER A 438 16.01 10.50 -22.62
C SER A 438 14.81 10.81 -23.52
N ALA A 439 15.05 11.39 -24.70
CA ALA A 439 14.00 11.79 -25.68
C ALA A 439 13.16 10.57 -26.09
N VAL A 440 13.82 9.47 -26.48
CA VAL A 440 13.17 8.20 -26.93
C VAL A 440 12.29 7.66 -25.80
N ALA A 441 12.80 7.65 -24.55
CA ALA A 441 12.08 7.19 -23.34
C ALA A 441 10.81 8.02 -23.16
N HIS A 442 10.91 9.35 -23.23
CA HIS A 442 9.78 10.31 -23.04
C HIS A 442 8.76 10.17 -24.18
N GLU A 443 9.24 10.07 -25.43
CA GLU A 443 8.39 9.82 -26.63
C GLU A 443 7.59 8.53 -26.42
N TYR A 444 8.26 7.45 -25.97
CA TYR A 444 7.64 6.15 -25.64
C TYR A 444 6.55 6.35 -24.57
N ILE A 445 6.86 7.08 -23.49
CA ILE A 445 5.91 7.36 -22.37
C ILE A 445 4.62 7.93 -22.97
N PHE A 446 4.71 8.97 -23.81
CA PHE A 446 3.54 9.67 -24.42
C PHE A 446 2.83 8.76 -25.43
N CYS A 447 3.61 8.12 -26.32
CA CYS A 447 3.12 7.10 -27.30
C CYS A 447 2.28 6.05 -26.57
N PHE A 448 2.61 5.73 -25.31
CA PHE A 448 1.85 4.77 -24.48
C PHE A 448 0.61 5.42 -23.86
N VAL A 449 0.75 6.57 -23.19
CA VAL A 449 -0.33 7.20 -22.37
C VAL A 449 -1.51 7.56 -23.27
N LEU A 450 -1.28 8.38 -24.30
CA LEU A 450 -2.37 8.89 -25.19
C LEU A 450 -2.71 7.86 -26.28
N GLY A 451 -1.96 6.76 -26.37
CA GLY A 451 -2.25 5.62 -27.26
C GLY A 451 -2.01 5.96 -28.74
N PHE A 452 -1.20 6.99 -29.01
CA PHE A 452 -0.81 7.43 -30.37
C PHE A 452 0.48 6.73 -30.79
N PHE A 453 1.00 7.10 -31.96
CA PHE A 453 2.40 6.85 -32.41
C PHE A 453 3.00 8.17 -32.89
N TYR A 454 2.55 9.31 -32.33
CA TYR A 454 2.78 10.68 -32.85
C TYR A 454 3.97 11.32 -32.11
N PRO A 455 5.20 11.26 -32.66
CA PRO A 455 6.41 11.62 -31.92
C PRO A 455 6.88 13.06 -32.19
N VAL A 456 6.11 14.05 -31.72
CA VAL A 456 6.35 15.50 -31.99
C VAL A 456 7.57 15.98 -31.18
N MET A 457 7.62 15.67 -29.87
CA MET A 457 8.62 16.19 -28.90
C MET A 457 10.04 15.88 -29.38
N LEU A 458 10.30 14.62 -29.73
CA LEU A 458 11.64 14.12 -30.14
C LEU A 458 12.10 14.88 -31.40
N ILE A 459 11.19 15.08 -32.36
CA ILE A 459 11.49 15.81 -33.64
C ILE A 459 11.88 17.25 -33.28
N LEU A 460 11.12 17.91 -32.40
CA LEU A 460 11.40 19.29 -31.92
C LEU A 460 12.78 19.33 -31.26
N PHE A 461 12.98 18.52 -30.20
CA PHE A 461 14.25 18.48 -29.43
C PHE A 461 15.42 18.24 -30.40
N LEU A 462 15.31 17.19 -31.22
CA LEU A 462 16.35 16.79 -32.22
C LEU A 462 16.66 17.97 -33.15
N VAL A 463 15.64 18.52 -33.80
CA VAL A 463 15.82 19.51 -34.92
C VAL A 463 16.50 20.79 -34.38
N ILE A 464 16.06 21.32 -33.24
CA ILE A 464 16.65 22.55 -32.64
C ILE A 464 17.97 22.18 -31.94
N GLY A 465 18.11 20.95 -31.44
CA GLY A 465 19.41 20.38 -31.07
C GLY A 465 20.41 20.57 -32.19
N GLY A 466 20.11 19.99 -33.36
CA GLY A 466 20.85 20.20 -34.62
C GLY A 466 21.06 21.68 -34.92
N MET A 467 20.01 22.49 -34.84
CA MET A 467 20.03 23.95 -35.17
C MET A 467 21.10 24.67 -34.35
N LEU A 468 21.08 24.56 -33.02
CA LEU A 468 21.96 25.35 -32.11
C LEU A 468 23.36 24.70 -32.06
N ASN A 469 23.47 23.36 -32.19
CA ASN A 469 24.76 22.63 -32.04
C ASN A 469 25.51 22.51 -33.37
N PHE A 470 24.93 22.92 -34.51
CA PHE A 470 25.64 22.99 -35.83
C PHE A 470 25.89 24.44 -36.26
N MET A 471 24.96 25.36 -35.98
CA MET A 471 24.81 26.68 -36.65
C MET A 471 24.65 27.79 -35.60
N ALA A 480 21.96 37.18 -19.77
CA ALA A 480 21.08 37.74 -20.83
C ALA A 480 20.74 36.68 -21.88
N TRP A 481 21.66 35.75 -22.19
CA TRP A 481 21.48 34.64 -23.16
C TRP A 481 20.37 33.67 -22.73
N ASN A 482 20.07 33.61 -21.42
CA ASN A 482 19.00 32.76 -20.80
C ASN A 482 17.64 32.99 -21.47
N VAL A 483 17.36 34.21 -21.94
CA VAL A 483 16.03 34.66 -22.47
C VAL A 483 15.68 33.82 -23.72
N LEU A 484 16.62 33.66 -24.66
CA LEU A 484 16.44 32.85 -25.90
C LEU A 484 15.98 31.43 -25.52
N MET A 485 16.64 30.82 -24.53
CA MET A 485 16.29 29.47 -24.00
C MET A 485 14.84 29.50 -23.51
N TRP A 486 14.49 30.50 -22.68
CA TRP A 486 13.13 30.66 -22.09
C TRP A 486 12.07 30.76 -23.19
N THR A 487 12.30 31.59 -24.21
CA THR A 487 11.36 31.83 -25.34
C THR A 487 11.14 30.51 -26.11
N MET A 488 12.24 29.80 -26.43
CA MET A 488 12.19 28.52 -27.16
C MET A 488 11.52 27.44 -26.31
N LEU A 489 11.73 27.45 -24.98
CA LEU A 489 11.01 26.53 -24.05
C LEU A 489 9.52 26.83 -24.11
N PHE A 490 9.10 28.10 -24.07
CA PHE A 490 7.67 28.53 -24.16
C PHE A 490 7.03 27.97 -25.45
N LEU A 491 7.70 28.12 -26.59
CA LEU A 491 7.18 27.64 -27.91
C LEU A 491 7.25 26.10 -27.97
N GLY A 492 8.29 25.49 -27.39
CA GLY A 492 8.37 24.03 -27.19
C GLY A 492 7.12 23.49 -26.51
N GLN A 493 6.75 24.09 -25.38
CA GLN A 493 5.52 23.77 -24.59
C GLN A 493 4.29 24.01 -25.47
N GLY A 494 4.20 25.20 -26.08
CA GLY A 494 3.08 25.60 -26.96
C GLY A 494 2.81 24.60 -28.06
N ILE A 495 3.86 24.20 -28.80
CA ILE A 495 3.76 23.23 -29.93
C ILE A 495 3.29 21.87 -29.38
N GLN A 496 3.95 21.37 -28.32
CA GLN A 496 3.66 20.01 -27.75
C GLN A 496 2.18 19.94 -27.33
N VAL A 497 1.72 20.87 -26.49
CA VAL A 497 0.32 20.90 -25.96
C VAL A 497 -0.66 21.03 -27.14
N SER A 498 -0.39 21.94 -28.08
CA SER A 498 -1.29 22.21 -29.24
C SER A 498 -1.49 20.91 -30.04
N LEU A 499 -0.40 20.35 -30.56
CA LEU A 499 -0.42 19.17 -31.46
C LEU A 499 -0.97 17.94 -30.73
N TYR A 500 -0.72 17.78 -29.43
CA TYR A 500 -1.21 16.61 -28.63
C TYR A 500 -2.72 16.72 -28.38
N CYS A 501 -3.23 17.94 -28.15
CA CYS A 501 -4.69 18.20 -28.02
C CYS A 501 -5.39 17.94 -29.36
N GLN A 502 -4.79 18.41 -30.46
CA GLN A 502 -5.30 18.18 -31.85
C GLN A 502 -5.38 16.68 -32.13
N GLU A 503 -4.31 15.95 -31.78
CA GLU A 503 -4.20 14.49 -32.04
C GLU A 503 -5.20 13.71 -31.17
N TRP A 504 -5.40 14.12 -29.91
CA TRP A 504 -6.35 13.47 -28.96
C TRP A 504 -7.80 13.74 -29.36
N TYR A 505 -8.09 14.87 -30.03
CA TYR A 505 -9.47 15.27 -30.44
C TYR A 505 -9.69 15.11 -31.95
N ALA A 506 -8.70 14.59 -32.69
CA ALA A 506 -8.86 14.10 -34.08
C ALA A 506 -8.73 12.57 -34.14
N ARG A 507 -8.44 11.92 -33.01
CA ARG A 507 -8.46 10.43 -32.84
C ARG A 507 -9.67 10.04 -31.97
N ARG A 508 -10.68 10.91 -31.88
CA ARG A 508 -11.89 10.71 -31.04
C ARG A 508 -13.04 11.57 -31.58
N LYS B 108 5.04 63.55 13.74
CA LYS B 108 6.12 63.01 12.85
C LYS B 108 6.08 63.71 11.49
N GLN B 109 7.24 63.91 10.87
CA GLN B 109 7.41 64.36 9.46
C GLN B 109 8.41 63.42 8.78
N LYS B 110 8.13 63.00 7.54
CA LYS B 110 8.99 62.03 6.79
C LYS B 110 10.37 62.65 6.57
N VAL B 111 11.42 61.86 6.82
CA VAL B 111 12.86 62.28 6.71
C VAL B 111 13.57 61.33 5.74
N PHE B 112 14.38 61.88 4.84
CA PHE B 112 14.89 61.18 3.62
C PHE B 112 16.30 60.62 3.91
N ILE B 113 16.51 59.35 3.55
CA ILE B 113 17.77 58.58 3.71
C ILE B 113 18.30 58.24 2.30
N ILE B 114 19.49 57.65 2.17
CA ILE B 114 20.07 57.17 0.88
C ILE B 114 19.85 55.65 0.78
N ARG B 115 18.62 55.20 1.05
CA ARG B 115 18.13 53.82 0.74
C ARG B 115 17.86 53.72 -0.76
N LYS B 116 17.78 52.51 -1.31
CA LYS B 116 17.61 52.25 -2.76
C LYS B 116 16.31 51.47 -2.98
N SER B 117 15.62 51.75 -4.10
CA SER B 117 14.32 51.15 -4.51
C SER B 117 14.36 49.63 -4.28
N LEU B 118 13.43 49.13 -3.45
CA LEU B 118 13.46 47.76 -2.88
C LEU B 118 13.66 46.72 -4.00
N LEU B 119 12.92 46.83 -5.11
CA LEU B 119 12.99 45.86 -6.23
C LEU B 119 14.40 45.85 -6.85
N ASP B 120 15.09 47.00 -6.88
CA ASP B 120 16.47 47.12 -7.42
C ASP B 120 17.44 46.35 -6.53
N GLU B 121 17.27 46.42 -5.19
CA GLU B 121 18.14 45.70 -4.22
C GLU B 121 17.79 44.20 -4.23
N LEU B 122 16.59 43.84 -4.69
CA LEU B 122 16.18 42.43 -4.97
C LEU B 122 16.79 41.95 -6.29
N MET B 123 16.80 42.78 -7.33
CA MET B 123 17.19 42.39 -8.72
C MET B 123 18.68 42.01 -8.78
N GLU B 124 19.49 42.46 -7.81
CA GLU B 124 20.92 42.04 -7.67
C GLU B 124 20.98 40.54 -7.29
N VAL B 125 19.92 39.99 -6.68
CA VAL B 125 19.73 38.52 -6.48
C VAL B 125 19.41 37.92 -7.85
N GLN B 126 19.84 36.68 -8.10
CA GLN B 126 19.85 36.05 -9.45
C GLN B 126 18.42 35.62 -9.84
N HIS B 127 17.66 35.02 -8.92
CA HIS B 127 16.33 34.39 -9.17
C HIS B 127 15.32 35.42 -9.70
N PHE B 128 15.47 36.69 -9.31
CA PHE B 128 14.61 37.82 -9.77
C PHE B 128 15.06 38.28 -11.16
N ARG B 129 16.36 38.16 -11.49
CA ARG B 129 16.87 38.35 -12.88
C ARG B 129 16.21 37.29 -13.77
N THR B 130 16.05 36.06 -13.27
CA THR B 130 15.35 34.95 -13.97
C THR B 130 13.88 35.32 -14.23
N ILE B 131 13.10 35.64 -13.18
CA ILE B 131 11.65 36.01 -13.30
C ILE B 131 11.53 37.13 -14.35
N TYR B 132 12.34 38.17 -14.22
CA TYR B 132 12.41 39.35 -15.14
C TYR B 132 12.63 38.85 -16.58
N HIS B 133 13.57 37.90 -16.77
CA HIS B 133 13.91 37.29 -18.08
C HIS B 133 12.72 36.49 -18.63
N MET B 134 12.05 35.70 -17.78
CA MET B 134 10.79 34.96 -18.13
C MET B 134 9.77 35.93 -18.73
N PHE B 135 9.64 37.12 -18.17
CA PHE B 135 8.64 38.15 -18.59
C PHE B 135 9.03 38.75 -19.95
N ILE B 136 10.32 39.05 -20.18
CA ILE B 136 10.82 39.54 -21.50
C ILE B 136 10.65 38.42 -22.53
N ALA B 137 10.83 37.16 -22.13
CA ALA B 137 10.59 35.98 -23.00
C ALA B 137 9.12 35.93 -23.42
N GLY B 138 8.20 36.19 -22.47
CA GLY B 138 6.76 36.36 -22.71
C GLY B 138 6.50 37.37 -23.82
N LEU B 139 7.11 38.56 -23.73
CA LEU B 139 7.03 39.63 -24.77
C LEU B 139 7.51 39.08 -26.12
N CYS B 140 8.67 38.40 -26.13
CA CYS B 140 9.30 37.84 -27.35
C CYS B 140 8.38 36.81 -28.02
N VAL B 141 7.67 35.98 -27.24
CA VAL B 141 6.68 35.00 -27.78
C VAL B 141 5.53 35.77 -28.46
N PHE B 142 4.97 36.77 -27.77
CA PHE B 142 3.86 37.63 -28.27
C PHE B 142 4.28 38.28 -29.61
N ILE B 143 5.46 38.90 -29.67
CA ILE B 143 5.94 39.62 -30.88
C ILE B 143 6.10 38.61 -32.03
N ILE B 144 6.72 37.44 -31.77
CA ILE B 144 6.95 36.38 -32.80
C ILE B 144 5.60 35.87 -33.31
N SER B 145 4.70 35.48 -32.41
CA SER B 145 3.39 34.87 -32.76
C SER B 145 2.52 35.87 -33.54
N THR B 146 2.41 37.11 -33.05
CA THR B 146 1.60 38.19 -33.67
C THR B 146 2.18 38.54 -35.05
N LEU B 147 3.52 38.66 -35.15
CA LEU B 147 4.24 38.90 -36.43
C LEU B 147 3.92 37.79 -37.43
N ALA B 148 3.88 36.53 -36.97
CA ALA B 148 3.62 35.33 -37.80
C ALA B 148 2.14 35.27 -38.23
N ILE B 149 1.21 35.71 -37.35
CA ILE B 149 -0.26 35.66 -37.61
C ILE B 149 -0.66 36.80 -38.55
N ASP B 150 -0.22 38.03 -38.27
CA ASP B 150 -0.57 39.24 -39.07
C ASP B 150 0.19 39.24 -40.41
N PHE B 151 1.19 38.35 -40.57
CA PHE B 151 1.92 38.10 -41.84
C PHE B 151 0.97 37.48 -42.87
N ILE B 152 0.10 36.55 -42.44
CA ILE B 152 -0.84 35.79 -43.31
C ILE B 152 -2.28 36.27 -43.02
N LEU B 158 -0.42 46.03 -40.64
CA LEU B 158 0.50 44.93 -40.25
C LEU B 158 0.27 44.54 -38.78
N LEU B 159 0.99 45.16 -37.84
CA LEU B 159 0.98 44.80 -36.39
C LEU B 159 -0.24 45.42 -35.71
N GLU B 160 -0.30 45.37 -34.37
CA GLU B 160 -1.33 46.07 -33.54
C GLU B 160 -0.80 47.44 -33.10
N PHE B 161 -0.16 48.17 -34.02
CA PHE B 161 0.29 49.59 -33.86
C PHE B 161 -0.93 50.52 -33.87
N ASP B 162 -2.10 50.02 -34.33
CA ASP B 162 -3.37 50.77 -34.50
C ASP B 162 -3.83 51.36 -33.15
N LEU B 163 -3.78 50.58 -32.07
CA LEU B 163 -4.16 51.03 -30.70
C LEU B 163 -3.26 52.19 -30.27
N LEU B 164 -1.96 52.09 -30.52
CA LEU B 164 -0.97 53.16 -30.23
C LEU B 164 -1.33 54.42 -31.03
N ILE B 165 -1.35 54.34 -32.36
CA ILE B 165 -1.61 55.52 -33.25
C ILE B 165 -3.00 56.12 -32.94
N PHE B 166 -4.00 55.30 -32.59
CA PHE B 166 -5.36 55.78 -32.22
C PHE B 166 -5.31 56.47 -30.85
N SER B 167 -4.74 55.80 -29.84
CA SER B 167 -4.77 56.22 -28.42
C SER B 167 -3.97 57.51 -28.19
N PHE B 168 -2.98 57.82 -29.04
CA PHE B 168 -2.11 59.03 -28.97
C PHE B 168 -2.49 60.03 -30.07
N GLY B 169 -3.79 60.14 -30.37
CA GLY B 169 -4.39 60.96 -31.44
C GLY B 169 -3.76 62.34 -31.58
N GLN B 170 -4.05 63.25 -30.65
CA GLN B 170 -3.56 64.66 -30.68
C GLN B 170 -2.46 64.86 -29.63
N LEU B 171 -1.54 63.89 -29.51
CA LEU B 171 -0.41 63.93 -28.53
C LEU B 171 0.36 65.25 -28.64
N PRO B 172 0.59 65.81 -29.86
CA PRO B 172 1.12 67.18 -29.99
C PRO B 172 0.35 68.22 -29.17
N LEU B 173 -0.99 68.22 -29.25
CA LEU B 173 -1.85 69.19 -28.51
C LEU B 173 -1.74 68.89 -27.00
N ALA B 174 -1.76 67.61 -26.63
CA ALA B 174 -1.63 67.12 -25.23
C ALA B 174 -0.35 67.66 -24.57
N LEU B 175 0.74 67.81 -25.33
CA LEU B 175 2.05 68.30 -24.80
C LEU B 175 2.09 69.84 -24.81
N VAL B 176 1.63 70.51 -25.87
CA VAL B 176 1.58 72.00 -25.93
C VAL B 176 0.50 72.54 -24.97
N THR B 177 -0.38 71.68 -24.45
CA THR B 177 -1.25 71.99 -23.29
C THR B 177 -0.53 71.70 -21.97
N TRP B 178 0.39 70.74 -21.96
CA TRP B 178 1.25 70.44 -20.78
C TRP B 178 2.14 71.64 -20.44
N VAL B 179 2.59 72.41 -21.45
CA VAL B 179 3.59 73.52 -21.28
C VAL B 179 2.95 74.66 -20.49
N PRO B 180 1.80 75.25 -20.89
CA PRO B 180 1.14 76.30 -20.11
C PRO B 180 0.93 75.88 -18.65
N MET B 181 0.55 74.61 -18.44
CA MET B 181 0.32 74.03 -17.10
C MET B 181 1.60 74.17 -16.28
N PHE B 182 2.68 73.57 -16.80
CA PHE B 182 4.02 73.50 -16.17
C PHE B 182 4.53 74.92 -15.83
N LEU B 183 4.35 75.87 -16.75
CA LEU B 183 4.77 77.29 -16.54
C LEU B 183 3.92 77.94 -15.42
N SER B 184 2.62 77.66 -15.38
CA SER B 184 1.68 78.19 -14.35
C SER B 184 2.14 77.73 -12.96
N THR B 185 2.26 76.40 -12.76
CA THR B 185 2.71 75.76 -11.49
C THR B 185 4.15 76.16 -11.14
N LEU B 186 4.99 76.46 -12.13
CA LEU B 186 6.40 76.88 -11.88
C LEU B 186 6.42 78.30 -11.31
N LEU B 187 5.66 79.23 -11.91
CA LEU B 187 5.76 80.69 -11.59
C LEU B 187 4.76 81.09 -10.50
N ALA B 188 3.46 80.77 -10.64
CA ALA B 188 2.37 81.34 -9.80
C ALA B 188 2.60 81.04 -8.32
N PRO B 189 2.83 79.77 -7.89
CA PRO B 189 3.06 79.44 -6.48
C PRO B 189 4.20 80.23 -5.83
N TYR B 190 5.33 80.35 -6.53
CA TYR B 190 6.58 80.96 -6.02
C TYR B 190 6.41 82.47 -5.84
N GLN B 191 5.95 83.15 -6.90
CA GLN B 191 5.73 84.62 -6.92
C GLN B 191 4.72 85.00 -5.83
N ALA B 192 3.64 84.23 -5.71
CA ALA B 192 2.63 84.38 -4.63
C ALA B 192 3.33 84.32 -3.28
N LEU B 193 4.11 83.25 -3.02
CA LEU B 193 4.79 83.05 -1.72
C LEU B 193 5.75 84.23 -1.45
N ARG B 194 6.56 84.60 -2.44
CA ARG B 194 7.64 85.62 -2.32
C ARG B 194 7.04 87.00 -1.99
N LEU B 195 5.95 87.39 -2.67
CA LEU B 195 5.26 88.70 -2.45
C LEU B 195 4.38 88.63 -1.20
N TRP B 196 3.64 87.54 -0.99
CA TRP B 196 2.78 87.29 0.19
C TRP B 196 3.61 87.31 1.48
N ALA B 197 4.85 86.83 1.43
CA ALA B 197 5.82 86.84 2.56
C ALA B 197 6.65 88.13 2.55
N ARG B 198 6.08 89.27 2.13
CA ARG B 198 6.77 90.58 2.04
C ARG B 198 5.93 91.66 2.74
N GLY B 199 5.37 91.31 3.91
CA GLY B 199 4.55 92.24 4.73
C GLY B 199 4.00 91.55 5.98
N GLY B 206 -1.34 90.47 0.13
CA GLY B 206 -1.36 91.32 -1.08
C GLY B 206 -2.14 90.66 -2.22
N LEU B 207 -1.59 90.67 -3.44
CA LEU B 207 -2.23 90.09 -4.65
C LEU B 207 -2.07 88.55 -4.66
N GLY B 208 -1.07 88.01 -3.96
CA GLY B 208 -0.79 86.55 -3.89
C GLY B 208 -2.04 85.74 -3.63
N CYS B 209 -2.80 86.13 -2.59
CA CYS B 209 -4.12 85.54 -2.18
C CYS B 209 -5.07 85.46 -3.37
N ALA B 210 -5.03 86.44 -4.28
CA ALA B 210 -5.79 86.49 -5.55
C ALA B 210 -5.03 85.75 -6.67
N LEU B 211 -3.71 85.92 -6.75
CA LEU B 211 -2.85 85.38 -7.86
C LEU B 211 -3.00 83.85 -7.90
N LEU B 212 -2.72 83.17 -6.79
CA LEU B 212 -2.76 81.68 -6.70
C LEU B 212 -4.17 81.17 -6.99
N ALA B 213 -5.18 81.77 -6.35
CA ALA B 213 -6.60 81.44 -6.51
C ALA B 213 -7.04 81.64 -7.97
N ALA B 214 -6.47 82.62 -8.67
CA ALA B 214 -6.76 82.94 -10.09
C ALA B 214 -5.98 82.01 -11.03
N HIS B 215 -4.77 81.56 -10.64
CA HIS B 215 -3.90 80.64 -11.43
C HIS B 215 -3.89 79.22 -10.84
N ALA B 216 -4.86 78.89 -9.99
CA ALA B 216 -5.24 77.51 -9.61
C ALA B 216 -6.36 77.02 -10.56
N VAL B 217 -6.93 77.94 -11.34
CA VAL B 217 -8.06 77.68 -12.28
C VAL B 217 -7.51 77.33 -13.67
N VAL B 218 -6.38 77.93 -14.08
CA VAL B 218 -5.70 77.62 -15.38
C VAL B 218 -5.45 76.11 -15.44
N LEU B 219 -4.80 75.56 -14.40
CA LEU B 219 -4.47 74.11 -14.27
C LEU B 219 -5.69 73.25 -13.93
N CYS B 220 -6.85 73.86 -13.68
CA CYS B 220 -8.13 73.16 -13.35
C CYS B 220 -9.11 73.24 -14.53
N ALA B 221 -9.15 74.38 -15.24
CA ALA B 221 -10.09 74.66 -16.35
C ALA B 221 -9.48 74.21 -17.69
N LEU B 222 -8.23 74.61 -17.97
CA LEU B 222 -7.56 74.36 -19.29
C LEU B 222 -7.53 72.86 -19.61
N PRO B 223 -7.04 71.97 -18.71
CA PRO B 223 -6.88 70.56 -19.08
C PRO B 223 -8.20 69.80 -19.32
N VAL B 224 -9.35 70.39 -18.94
CA VAL B 224 -10.72 69.88 -19.23
C VAL B 224 -11.18 70.44 -20.59
N HIS B 225 -11.05 71.75 -20.78
CA HIS B 225 -11.45 72.49 -22.01
C HIS B 225 -10.75 71.90 -23.24
N VAL B 226 -9.45 71.60 -23.16
CA VAL B 226 -8.68 71.05 -24.31
C VAL B 226 -8.96 69.55 -24.46
N ALA B 227 -9.47 68.88 -23.42
CA ALA B 227 -9.74 67.42 -23.40
C ALA B 227 -11.15 67.13 -23.94
N VAL B 228 -12.15 67.96 -23.63
CA VAL B 228 -13.58 67.72 -23.98
C VAL B 228 -13.91 68.44 -25.31
N GLU B 229 -13.54 69.72 -25.43
CA GLU B 229 -13.96 70.60 -26.57
C GLU B 229 -13.22 70.20 -27.86
N HIS B 230 -12.10 69.46 -27.75
CA HIS B 230 -11.27 69.00 -28.89
C HIS B 230 -11.40 67.49 -29.14
N GLN B 231 -12.14 66.75 -28.29
CA GLN B 231 -12.43 65.29 -28.44
C GLN B 231 -11.11 64.51 -28.56
N LEU B 232 -10.31 64.50 -27.49
CA LEU B 232 -9.04 63.72 -27.41
C LEU B 232 -9.36 62.25 -27.20
N PRO B 233 -8.45 61.32 -27.59
CA PRO B 233 -8.57 59.90 -27.23
C PRO B 233 -8.33 59.66 -25.74
N PRO B 234 -8.43 58.42 -25.22
CA PRO B 234 -8.14 58.15 -23.81
C PRO B 234 -6.69 58.40 -23.39
N ALA B 235 -5.70 57.79 -24.06
CA ALA B 235 -4.28 57.74 -23.62
C ALA B 235 -3.63 59.13 -23.71
N SER B 236 -3.94 59.91 -24.74
CA SER B 236 -3.44 61.30 -24.94
C SER B 236 -4.12 62.27 -23.96
N ARG B 237 -5.20 61.84 -23.29
CA ARG B 237 -5.96 62.65 -22.30
C ARG B 237 -5.41 62.40 -20.88
N CYS B 238 -5.17 61.13 -20.53
CA CYS B 238 -4.68 60.69 -19.18
C CYS B 238 -3.41 61.47 -18.82
N VAL B 239 -2.55 61.77 -19.81
CA VAL B 239 -1.35 62.64 -19.66
C VAL B 239 -1.77 63.89 -18.87
N LEU B 240 -2.65 64.72 -19.43
CA LEU B 240 -3.14 66.00 -18.82
C LEU B 240 -3.84 65.73 -17.48
N VAL B 241 -4.58 64.62 -17.36
CA VAL B 241 -5.27 64.23 -16.09
C VAL B 241 -4.21 64.15 -14.99
N PHE B 242 -3.20 63.28 -15.18
CA PHE B 242 -2.11 63.03 -14.21
C PHE B 242 -1.33 64.32 -13.94
N GLU B 243 -1.14 65.17 -14.95
CA GLU B 243 -0.31 66.40 -14.85
C GLU B 243 -1.05 67.48 -14.05
N GLN B 244 -2.39 67.56 -14.17
CA GLN B 244 -3.20 68.55 -13.41
C GLN B 244 -3.23 68.12 -11.93
N VAL B 245 -3.44 66.83 -11.65
CA VAL B 245 -3.50 66.29 -10.25
C VAL B 245 -2.09 66.39 -9.65
N ARG B 246 -1.07 66.06 -10.44
CA ARG B 246 0.36 66.11 -10.03
C ARG B 246 0.71 67.53 -9.58
N PHE B 247 0.41 68.53 -10.40
CA PHE B 247 0.78 69.96 -10.14
C PHE B 247 -0.04 70.50 -8.96
N LEU B 248 -1.35 70.25 -8.92
CA LEU B 248 -2.22 70.55 -7.74
C LEU B 248 -1.53 70.03 -6.48
N MET B 249 -1.23 68.73 -6.47
CA MET B 249 -0.63 68.00 -5.32
C MET B 249 0.64 68.71 -4.84
N LYS B 250 1.66 68.86 -5.70
CA LYS B 250 3.01 69.31 -5.27
C LYS B 250 3.08 70.83 -5.15
N SER B 251 2.29 71.60 -5.92
CA SER B 251 2.16 73.07 -5.75
C SER B 251 1.61 73.39 -4.36
N TYR B 252 0.53 72.71 -3.96
CA TYR B 252 -0.12 72.85 -2.62
C TYR B 252 0.87 72.41 -1.52
N SER B 253 1.55 71.28 -1.72
CA SER B 253 2.61 70.73 -0.82
C SER B 253 3.64 71.83 -0.53
N PHE B 254 4.28 72.33 -1.60
CA PHE B 254 5.28 73.42 -1.58
C PHE B 254 4.75 74.57 -0.70
N LEU B 255 3.54 75.04 -1.00
CA LEU B 255 2.93 76.22 -0.33
C LEU B 255 2.79 75.94 1.18
N ARG B 256 2.09 74.85 1.54
CA ARG B 256 1.77 74.51 2.95
C ARG B 256 3.04 74.13 3.73
N GLU B 257 4.13 73.73 3.05
CA GLU B 257 5.46 73.50 3.68
C GLU B 257 6.12 74.84 4.04
N ALA B 258 6.13 75.79 3.10
CA ALA B 258 6.95 77.03 3.18
C ALA B 258 6.16 78.21 3.77
N VAL B 259 4.84 78.08 3.98
CA VAL B 259 4.00 79.09 4.69
C VAL B 259 4.36 79.13 6.19
N PRO B 260 4.34 78.01 6.95
CA PRO B 260 4.65 78.04 8.39
C PRO B 260 6.05 78.59 8.72
N GLY B 261 6.97 78.60 7.76
CA GLY B 261 8.24 79.35 7.83
C GLY B 261 8.02 80.86 7.91
N ILE B 262 6.92 81.35 7.32
CA ILE B 262 6.55 82.81 7.23
C ILE B 262 5.61 83.19 8.38
N LEU B 263 5.00 82.22 9.07
CA LEU B 263 4.19 82.47 10.31
C LEU B 263 5.06 83.08 11.42
N ARG B 264 6.39 82.94 11.32
CA ARG B 264 7.38 83.72 12.12
C ARG B 264 7.09 85.22 11.97
N ALA B 265 6.67 85.87 13.06
CA ALA B 265 6.27 87.28 13.12
C ALA B 265 7.50 88.17 13.32
N ALA B 273 11.40 82.93 2.52
CA ALA B 273 11.43 82.78 1.05
C ALA B 273 12.41 81.68 0.67
N PRO B 274 11.96 80.46 0.28
CA PRO B 274 12.89 79.38 -0.08
C PRO B 274 13.55 79.63 -1.44
N SER B 275 14.79 79.15 -1.64
CA SER B 275 15.58 79.30 -2.88
C SER B 275 14.79 78.70 -4.06
N PHE B 276 14.62 79.47 -5.15
CA PHE B 276 13.78 79.12 -6.32
C PHE B 276 14.30 77.83 -6.97
N SER B 277 15.60 77.78 -7.27
CA SER B 277 16.31 76.62 -7.87
C SER B 277 15.84 75.31 -7.21
N SER B 278 15.66 75.32 -5.88
CA SER B 278 15.10 74.19 -5.09
C SER B 278 13.68 73.86 -5.54
N TYR B 279 12.84 74.89 -5.79
CA TYR B 279 11.42 74.73 -6.23
C TYR B 279 11.38 74.17 -7.65
N LEU B 280 12.21 74.69 -8.57
CA LEU B 280 12.34 74.16 -9.96
C LEU B 280 12.71 72.68 -9.89
N TYR B 281 13.80 72.36 -9.18
CA TYR B 281 14.28 70.97 -8.95
C TYR B 281 13.17 70.12 -8.35
N PHE B 282 12.41 70.67 -7.40
CA PHE B 282 11.30 70.00 -6.68
C PHE B 282 10.20 69.55 -7.67
N LEU B 283 9.83 70.42 -8.63
CA LEU B 283 8.72 70.13 -9.60
C LEU B 283 9.00 68.84 -10.39
N PHE B 284 10.27 68.49 -10.63
CA PHE B 284 10.69 67.29 -11.40
C PHE B 284 11.13 66.14 -10.49
N CYS B 285 11.46 66.41 -9.22
CA CYS B 285 11.93 65.40 -8.24
C CYS B 285 10.81 64.36 -8.02
N PRO B 286 11.13 63.06 -7.98
CA PRO B 286 10.10 62.01 -7.92
C PRO B 286 9.27 61.89 -6.62
N THR B 287 9.44 62.82 -5.66
CA THR B 287 8.62 62.92 -4.42
C THR B 287 7.65 64.10 -4.53
N LEU B 288 6.58 64.08 -3.72
CA LEU B 288 5.55 65.15 -3.63
C LEU B 288 5.75 66.02 -2.39
N ILE B 289 6.56 65.57 -1.42
CA ILE B 289 6.91 66.35 -0.19
C ILE B 289 8.00 67.36 -0.56
N TYR B 290 7.79 68.65 -0.24
CA TYR B 290 8.80 69.73 -0.43
C TYR B 290 9.69 69.81 0.82
N ARG B 291 10.89 69.22 0.75
CA ARG B 291 11.85 69.09 1.89
C ARG B 291 13.08 70.01 1.69
N GLU B 292 13.35 70.46 0.47
CA GLU B 292 14.46 71.38 0.05
C GLU B 292 15.82 70.97 0.64
N THR B 293 16.02 69.71 1.03
CA THR B 293 17.33 69.10 1.39
C THR B 293 17.66 68.03 0.35
N TYR B 294 16.84 66.97 0.31
CA TYR B 294 16.84 65.88 -0.72
C TYR B 294 18.22 65.23 -0.79
N PRO B 295 18.54 64.23 0.06
CA PRO B 295 19.87 63.61 0.05
C PRO B 295 20.22 63.05 -1.34
N ARG B 296 21.37 63.46 -1.89
CA ARG B 296 21.75 63.23 -3.30
C ARG B 296 22.90 62.23 -3.40
N THR B 297 23.09 61.67 -4.60
CA THR B 297 24.04 60.57 -4.91
C THR B 297 25.23 61.16 -5.67
N PRO B 298 26.40 60.46 -5.73
CA PRO B 298 27.61 61.04 -6.34
C PRO B 298 27.48 61.49 -7.80
N TYR B 299 26.99 60.63 -8.70
CA TYR B 299 27.08 60.83 -10.18
C TYR B 299 25.92 60.12 -10.91
N VAL B 300 25.84 60.33 -12.22
CA VAL B 300 24.73 59.90 -13.12
C VAL B 300 25.19 58.67 -13.93
N ARG B 301 24.62 57.50 -13.63
CA ARG B 301 24.92 56.21 -14.34
C ARG B 301 24.04 56.16 -15.59
N TRP B 302 24.49 56.81 -16.68
CA TRP B 302 23.71 57.01 -17.93
C TRP B 302 23.35 55.67 -18.59
N ASN B 303 24.19 54.64 -18.41
CA ASN B 303 23.89 53.24 -18.78
C ASN B 303 22.61 52.78 -18.07
N TYR B 304 22.51 53.03 -16.77
CA TYR B 304 21.38 52.59 -15.90
C TYR B 304 20.08 53.28 -16.35
N VAL B 305 20.10 54.59 -16.59
CA VAL B 305 18.88 55.38 -17.00
C VAL B 305 18.44 54.93 -18.39
N ALA B 306 19.38 54.69 -19.31
CA ALA B 306 19.12 54.17 -20.68
C ALA B 306 18.39 52.82 -20.57
N LYS B 307 18.89 51.92 -19.71
CA LYS B 307 18.28 50.59 -19.40
C LYS B 307 16.84 50.79 -18.90
N ASN B 308 16.64 51.70 -17.93
CA ASN B 308 15.33 51.92 -17.26
C ASN B 308 14.29 52.44 -18.25
N PHE B 309 14.66 53.38 -19.12
CA PHE B 309 13.77 53.93 -20.18
C PHE B 309 13.45 52.85 -21.21
N ALA B 310 14.44 52.05 -21.63
CA ALA B 310 14.26 50.90 -22.55
C ALA B 310 13.22 49.93 -21.98
N GLN B 311 13.29 49.65 -20.67
CA GLN B 311 12.33 48.77 -19.94
C GLN B 311 10.93 49.41 -19.93
N ALA B 312 10.83 50.70 -19.59
CA ALA B 312 9.56 51.48 -19.52
C ALA B 312 8.84 51.44 -20.87
N LEU B 313 9.59 51.58 -21.98
CA LEU B 313 9.03 51.59 -23.36
C LEU B 313 8.64 50.16 -23.78
N GLY B 314 9.49 49.17 -23.45
CA GLY B 314 9.16 47.73 -23.60
C GLY B 314 7.88 47.37 -22.84
N CYS B 315 7.68 47.97 -21.67
CA CYS B 315 6.48 47.81 -20.79
C CYS B 315 5.22 48.36 -21.49
N VAL B 316 5.30 49.58 -22.03
CA VAL B 316 4.19 50.21 -22.83
C VAL B 316 3.81 49.26 -23.98
N LEU B 317 4.81 48.74 -24.71
CA LEU B 317 4.61 47.78 -25.84
C LEU B 317 3.95 46.50 -25.32
N TYR B 318 4.32 46.02 -24.13
CA TYR B 318 3.74 44.82 -23.48
C TYR B 318 2.24 45.06 -23.24
N ALA B 319 1.88 46.20 -22.65
CA ALA B 319 0.49 46.64 -22.37
C ALA B 319 -0.30 46.76 -23.69
N CYS B 320 0.33 47.29 -24.74
CA CYS B 320 -0.25 47.43 -26.11
C CYS B 320 -0.68 46.05 -26.63
N PHE B 321 0.19 45.03 -26.51
CA PHE B 321 -0.11 43.64 -26.91
C PHE B 321 -1.23 43.07 -26.05
N ILE B 322 -1.13 43.17 -24.72
CA ILE B 322 -2.15 42.62 -23.76
C ILE B 322 -3.54 43.15 -24.16
N LEU B 323 -3.68 44.47 -24.36
CA LEU B 323 -4.97 45.09 -24.76
C LEU B 323 -5.39 44.55 -26.14
N GLY B 324 -4.55 44.72 -27.16
CA GLY B 324 -4.85 44.39 -28.57
C GLY B 324 -5.07 42.91 -28.82
N ARG B 325 -4.73 42.03 -27.85
CA ARG B 325 -4.80 40.55 -28.02
C ARG B 325 -5.80 39.91 -27.05
N LEU B 326 -5.91 40.36 -25.79
CA LEU B 326 -6.67 39.64 -24.73
C LEU B 326 -7.83 40.46 -24.14
N CYS B 327 -8.05 41.71 -24.57
CA CYS B 327 -9.16 42.57 -24.07
C CYS B 327 -10.15 42.90 -25.20
N VAL B 328 -9.65 43.48 -26.31
CA VAL B 328 -10.48 43.94 -27.47
C VAL B 328 -11.32 42.77 -28.00
N PRO B 329 -10.73 41.58 -28.32
CA PRO B 329 -11.50 40.47 -28.89
C PRO B 329 -12.68 39.97 -28.05
N VAL B 330 -12.48 39.78 -26.74
CA VAL B 330 -13.52 39.29 -25.78
C VAL B 330 -14.63 40.34 -25.64
N PHE B 331 -14.28 41.63 -25.62
CA PHE B 331 -15.17 42.75 -25.21
C PHE B 331 -15.79 43.46 -26.42
N ALA B 332 -15.28 43.26 -27.64
CA ALA B 332 -15.81 43.89 -28.88
C ALA B 332 -17.29 43.55 -29.07
N ASN B 333 -17.66 42.29 -28.83
CA ASN B 333 -19.02 41.73 -29.10
C ASN B 333 -19.87 41.82 -27.82
N MET B 334 -20.20 43.04 -27.39
CA MET B 334 -21.20 43.31 -26.32
C MET B 334 -22.48 43.91 -26.92
N SER B 335 -22.45 44.33 -28.19
CA SER B 335 -23.65 44.61 -29.03
C SER B 335 -24.62 43.42 -28.98
N ARG B 336 -24.08 42.21 -28.77
CA ARG B 336 -24.82 40.96 -28.43
C ARG B 336 -25.97 41.26 -27.45
N GLU B 337 -27.15 40.71 -27.73
CA GLU B 337 -28.43 41.01 -27.03
C GLU B 337 -28.48 40.39 -25.62
N PRO B 338 -28.09 39.11 -25.41
CA PRO B 338 -28.50 38.38 -24.21
C PRO B 338 -28.43 39.13 -22.87
N PHE B 339 -27.25 39.69 -22.54
CA PHE B 339 -26.88 40.22 -21.19
C PHE B 339 -27.12 39.13 -20.14
N SER B 340 -26.88 37.86 -20.51
CA SER B 340 -27.03 36.69 -19.61
C SER B 340 -25.92 36.75 -18.56
N THR B 341 -26.25 36.44 -17.30
CA THR B 341 -25.36 36.60 -16.12
C THR B 341 -24.18 35.61 -16.22
N ARG B 342 -24.39 34.44 -16.84
CA ARG B 342 -23.32 33.45 -17.16
C ARG B 342 -22.26 34.13 -18.04
N ALA B 343 -22.69 34.70 -19.17
CA ALA B 343 -21.83 35.40 -20.16
C ALA B 343 -21.01 36.49 -19.48
N LEU B 344 -21.65 37.35 -18.67
CA LEU B 344 -21.00 38.48 -17.95
C LEU B 344 -19.96 37.93 -16.96
N VAL B 345 -20.35 37.00 -16.09
CA VAL B 345 -19.47 36.45 -15.00
C VAL B 345 -18.26 35.73 -15.63
N LEU B 346 -18.46 35.01 -16.74
CA LEU B 346 -17.34 34.29 -17.41
C LEU B 346 -16.45 35.30 -18.16
N SER B 347 -17.01 36.41 -18.63
CA SER B 347 -16.25 37.56 -19.20
C SER B 347 -15.36 38.17 -18.11
N ILE B 348 -15.89 38.31 -16.88
CA ILE B 348 -15.15 38.82 -15.68
C ILE B 348 -13.95 37.88 -15.40
N LEU B 349 -14.18 36.56 -15.35
CA LEU B 349 -13.10 35.57 -15.11
C LEU B 349 -12.08 35.62 -16.27
N HIS B 350 -12.56 35.67 -17.51
CA HIS B 350 -11.70 35.77 -18.73
C HIS B 350 -10.82 37.03 -18.66
N ALA B 351 -11.34 38.13 -18.10
CA ALA B 351 -10.70 39.47 -18.11
C ALA B 351 -9.87 39.74 -16.85
N THR B 352 -9.92 38.87 -15.82
CA THR B 352 -9.18 39.08 -14.55
C THR B 352 -7.66 39.07 -14.79
N LEU B 353 -7.17 38.37 -15.82
CA LEU B 353 -5.71 38.18 -16.06
C LEU B 353 -5.10 39.40 -16.74
N PRO B 354 -5.68 39.98 -17.82
CA PRO B 354 -5.23 41.29 -18.29
C PRO B 354 -5.26 42.37 -17.19
N GLY B 355 -6.28 42.31 -16.32
CA GLY B 355 -6.38 43.14 -15.10
C GLY B 355 -5.11 43.11 -14.27
N ILE B 356 -4.60 41.92 -13.93
CA ILE B 356 -3.43 41.75 -13.02
C ILE B 356 -2.14 42.18 -13.75
N PHE B 357 -1.98 41.83 -15.03
CA PHE B 357 -0.79 42.20 -15.84
C PHE B 357 -0.79 43.72 -16.07
N MET B 358 -1.95 44.34 -16.32
CA MET B 358 -2.07 45.81 -16.38
C MET B 358 -1.56 46.41 -15.05
N LEU B 359 -2.02 45.89 -13.90
CA LEU B 359 -1.58 46.39 -12.56
C LEU B 359 -0.06 46.23 -12.41
N LEU B 360 0.46 45.00 -12.60
CA LEU B 360 1.91 44.69 -12.48
C LEU B 360 2.74 45.58 -13.41
N LEU B 361 2.25 45.83 -14.64
CA LEU B 361 2.95 46.69 -15.63
C LEU B 361 2.93 48.15 -15.16
N ILE B 362 1.73 48.69 -14.84
CA ILE B 362 1.55 50.05 -14.25
C ILE B 362 2.59 50.18 -13.14
N PHE B 363 2.52 49.30 -12.15
CA PHE B 363 3.45 49.27 -10.99
C PHE B 363 4.90 49.27 -11.48
N PHE B 364 5.33 48.22 -12.18
CA PHE B 364 6.76 48.00 -12.50
C PHE B 364 7.30 49.20 -13.28
N ALA B 365 6.74 49.45 -14.47
CA ALA B 365 7.20 50.56 -15.36
C ALA B 365 7.17 51.87 -14.58
N PHE B 366 6.00 52.31 -14.13
CA PHE B 366 5.80 53.71 -13.66
C PHE B 366 6.33 53.93 -12.24
N LEU B 367 6.49 52.89 -11.40
CA LEU B 367 6.99 53.06 -10.00
C LEU B 367 8.42 52.54 -9.82
N HIS B 368 8.93 51.65 -10.69
CA HIS B 368 10.36 51.23 -10.65
C HIS B 368 11.15 51.82 -11.82
N CYS B 369 10.65 51.76 -13.06
CA CYS B 369 11.44 52.17 -14.27
C CYS B 369 11.45 53.69 -14.39
N TRP B 370 10.27 54.32 -14.44
CA TRP B 370 10.08 55.77 -14.75
C TRP B 370 10.71 56.64 -13.64
N LEU B 371 10.33 56.40 -12.37
CA LEU B 371 10.76 57.25 -11.23
C LEU B 371 12.23 56.98 -10.86
N ASN B 372 12.74 55.77 -11.08
CA ASN B 372 14.20 55.47 -10.90
C ASN B 372 14.99 56.20 -11.99
N ALA B 373 14.55 56.08 -13.26
CA ALA B 373 15.18 56.78 -14.41
C ALA B 373 15.31 58.28 -14.09
N PHE B 374 14.22 58.89 -13.63
CA PHE B 374 14.14 60.34 -13.29
C PHE B 374 14.86 60.63 -11.97
N ALA B 375 14.95 59.66 -11.05
CA ALA B 375 15.73 59.76 -9.79
C ALA B 375 17.22 59.50 -10.05
N GLU B 376 17.62 59.08 -11.25
CA GLU B 376 19.04 58.85 -11.64
C GLU B 376 19.56 60.02 -12.48
N MET B 377 18.72 60.59 -13.34
CA MET B 377 19.03 61.83 -14.11
C MET B 377 19.24 63.01 -13.14
N LEU B 378 18.53 63.03 -12.01
CA LEU B 378 18.50 64.15 -11.02
C LEU B 378 19.41 63.87 -9.81
N ARG B 379 19.90 62.64 -9.64
CA ARG B 379 20.77 62.20 -8.51
C ARG B 379 20.00 62.35 -7.19
N PHE B 380 18.84 61.69 -7.09
CA PHE B 380 17.94 61.68 -5.90
C PHE B 380 18.26 60.47 -5.02
N GLY B 381 18.12 60.62 -3.70
CA GLY B 381 18.20 59.54 -2.70
C GLY B 381 16.81 59.08 -2.27
N ASP B 382 16.71 58.30 -1.18
CA ASP B 382 15.45 57.68 -0.66
C ASP B 382 14.52 57.32 -1.82
N ARG B 383 14.92 56.36 -2.66
CA ARG B 383 14.12 55.90 -3.82
C ARG B 383 13.15 54.81 -3.36
N MET B 384 12.59 54.94 -2.15
CA MET B 384 11.53 54.04 -1.62
C MET B 384 10.18 54.63 -2.02
N PHE B 385 9.89 54.62 -3.33
CA PHE B 385 8.63 55.05 -3.95
C PHE B 385 7.54 54.01 -3.69
N TYR B 386 7.95 52.83 -3.24
CA TYR B 386 7.08 51.67 -2.91
C TYR B 386 7.83 50.76 -1.92
N ARG B 387 7.18 50.40 -0.82
CA ARG B 387 7.58 49.27 0.06
C ARG B 387 6.99 48.01 -0.57
N ASP B 388 7.33 46.84 -0.03
CA ASP B 388 6.85 45.52 -0.55
C ASP B 388 5.35 45.37 -0.22
N TRP B 389 4.48 45.93 -1.07
CA TRP B 389 3.00 45.79 -0.95
C TRP B 389 2.59 44.33 -1.14
N TRP B 390 3.37 43.57 -1.91
CA TRP B 390 3.14 42.12 -2.18
C TRP B 390 3.28 41.27 -0.89
N ASN B 391 3.75 41.86 0.22
CA ASN B 391 3.78 41.23 1.57
C ASN B 391 2.70 41.81 2.50
N SER B 392 1.89 42.77 2.05
CA SER B 392 0.85 43.45 2.87
C SER B 392 -0.17 42.43 3.35
N THR B 393 -0.16 42.11 4.66
CA THR B 393 -1.04 41.10 5.31
C THR B 393 -2.51 41.56 5.18
N SER B 394 -2.80 42.78 5.64
CA SER B 394 -4.12 43.45 5.57
C SER B 394 -4.18 44.37 4.34
N PHE B 395 -5.30 45.08 4.14
CA PHE B 395 -5.58 45.88 2.93
C PHE B 395 -4.98 47.30 3.09
N SER B 396 -5.23 47.94 4.23
CA SER B 396 -4.68 49.28 4.58
C SER B 396 -3.17 49.31 4.33
N ASN B 397 -2.46 48.27 4.79
CA ASN B 397 -1.01 48.07 4.55
C ASN B 397 -0.71 48.09 3.04
N TYR B 398 -1.52 47.39 2.22
CA TYR B 398 -1.39 47.39 0.74
C TYR B 398 -1.44 48.84 0.25
N TYR B 399 -2.47 49.59 0.67
CA TYR B 399 -2.71 50.99 0.23
C TYR B 399 -1.61 51.93 0.72
N ARG B 400 -1.04 51.68 1.90
CA ARG B 400 0.08 52.50 2.46
C ARG B 400 1.40 52.18 1.74
N THR B 401 1.57 50.96 1.21
CA THR B 401 2.86 50.45 0.65
C THR B 401 2.79 50.32 -0.87
N TRP B 402 1.68 50.70 -1.51
CA TRP B 402 1.49 50.78 -2.98
C TRP B 402 1.46 52.26 -3.39
N ASN B 403 2.38 52.69 -4.25
CA ASN B 403 2.54 54.11 -4.66
C ASN B 403 2.78 54.94 -3.39
N VAL B 404 3.88 54.64 -2.68
CA VAL B 404 4.23 55.22 -1.36
C VAL B 404 4.41 56.75 -1.48
N VAL B 405 4.83 57.25 -2.65
CA VAL B 405 5.05 58.71 -2.90
C VAL B 405 3.73 59.48 -2.69
N VAL B 406 2.64 59.09 -3.37
CA VAL B 406 1.32 59.78 -3.27
C VAL B 406 0.74 59.50 -1.88
N HIS B 407 0.89 58.26 -1.39
CA HIS B 407 0.50 57.86 -0.01
C HIS B 407 1.11 58.83 1.01
N ASP B 408 2.42 59.12 0.92
CA ASP B 408 3.18 59.94 1.89
C ASP B 408 2.69 61.39 1.83
N TRP B 409 2.56 61.97 0.63
CA TRP B 409 1.91 63.30 0.43
C TRP B 409 0.57 63.28 1.15
N LEU B 410 -0.28 62.32 0.77
CA LEU B 410 -1.70 62.21 1.21
C LEU B 410 -1.73 62.02 2.73
N TYR B 411 -1.01 60.99 3.22
CA TYR B 411 -0.76 60.69 4.64
C TYR B 411 -0.44 62.00 5.35
N SER B 412 0.68 62.64 4.99
CA SER B 412 1.24 63.81 5.71
C SER B 412 0.18 64.90 5.84
N TYR B 413 -0.43 65.32 4.73
CA TYR B 413 -1.27 66.54 4.68
C TYR B 413 -2.64 66.22 5.27
N VAL B 414 -3.30 65.17 4.79
CA VAL B 414 -4.71 64.88 5.21
C VAL B 414 -4.74 64.23 6.60
N TYR B 415 -3.65 63.58 7.05
CA TYR B 415 -3.58 62.90 8.37
C TYR B 415 -2.64 63.60 9.37
N GLN B 416 -2.00 64.73 9.01
CA GLN B 416 -1.34 65.63 10.00
C GLN B 416 -1.80 67.09 9.82
N ASP B 417 -2.88 67.33 9.08
CA ASP B 417 -3.73 68.55 9.20
C ASP B 417 -5.11 68.16 9.74
N GLY B 418 -5.62 66.98 9.38
CA GLY B 418 -6.83 66.37 9.97
C GLY B 418 -6.75 66.31 11.48
N LEU B 419 -5.83 65.49 12.00
CA LEU B 419 -5.63 65.24 13.47
C LEU B 419 -5.07 66.48 14.18
N ARG B 420 -4.66 67.52 13.45
CA ARG B 420 -4.23 68.82 14.03
C ARG B 420 -5.45 69.74 14.17
N LEU B 421 -6.14 70.03 13.06
CA LEU B 421 -7.29 70.98 13.03
C LEU B 421 -8.50 70.38 13.75
N LEU B 422 -8.89 69.14 13.40
CA LEU B 422 -9.98 68.42 14.14
C LEU B 422 -9.51 68.17 15.58
N GLY B 423 -8.24 67.82 15.77
CA GLY B 423 -7.67 67.43 17.08
C GLY B 423 -8.41 66.26 17.68
N ALA B 424 -9.01 65.41 16.83
CA ALA B 424 -9.98 64.36 17.21
C ALA B 424 -9.23 63.16 17.78
N ARG B 425 -9.56 62.78 19.03
CA ARG B 425 -9.12 61.52 19.68
C ARG B 425 -9.46 60.32 18.76
N ALA B 426 -10.58 60.39 18.05
CA ALA B 426 -11.01 59.42 17.01
C ALA B 426 -10.13 59.57 15.77
N ARG B 427 -9.40 58.51 15.39
CA ARG B 427 -8.44 58.48 14.25
C ARG B 427 -8.96 57.62 13.09
N GLY B 428 -9.72 56.55 13.38
CA GLY B 428 -10.33 55.66 12.35
C GLY B 428 -11.09 56.45 11.30
N VAL B 429 -11.83 57.47 11.73
CA VAL B 429 -12.49 58.52 10.87
C VAL B 429 -11.47 59.08 9.88
N ALA B 430 -10.25 59.41 10.34
CA ALA B 430 -9.18 60.03 9.52
C ALA B 430 -8.59 59.00 8.54
N MET B 431 -8.44 57.74 8.96
CA MET B 431 -7.95 56.62 8.12
C MET B 431 -8.86 56.51 6.88
N LEU B 432 -10.18 56.34 7.10
CA LEU B 432 -11.20 56.25 6.02
C LEU B 432 -11.30 57.58 5.27
N GLY B 433 -11.19 58.71 5.98
CA GLY B 433 -11.14 60.07 5.41
C GLY B 433 -10.13 60.16 4.28
N VAL B 434 -8.86 59.85 4.59
CA VAL B 434 -7.70 59.82 3.64
C VAL B 434 -8.04 58.92 2.45
N PHE B 435 -8.53 57.71 2.74
CA PHE B 435 -8.72 56.63 1.73
C PHE B 435 -9.86 56.98 0.76
N LEU B 436 -10.94 57.61 1.23
CA LEU B 436 -12.02 58.11 0.34
C LEU B 436 -11.54 59.32 -0.46
N VAL B 437 -10.63 60.15 0.09
CA VAL B 437 -9.94 61.24 -0.67
C VAL B 437 -9.21 60.60 -1.86
N SER B 438 -8.42 59.55 -1.60
CA SER B 438 -7.68 58.77 -2.62
C SER B 438 -8.67 58.19 -3.65
N ALA B 439 -9.70 57.47 -3.17
CA ALA B 439 -10.73 56.81 -4.02
C ALA B 439 -11.42 57.82 -4.93
N VAL B 440 -11.89 58.94 -4.37
CA VAL B 440 -12.59 60.04 -5.10
C VAL B 440 -11.67 60.59 -6.19
N ALA B 441 -10.39 60.84 -5.86
CA ALA B 441 -9.36 61.34 -6.80
C ALA B 441 -9.20 60.37 -7.98
N HIS B 442 -9.06 59.07 -7.69
CA HIS B 442 -8.88 57.98 -8.70
C HIS B 442 -10.14 57.83 -9.56
N GLU B 443 -11.33 57.84 -8.94
CA GLU B 443 -12.64 57.82 -9.64
C GLU B 443 -12.71 59.00 -10.61
N TYR B 444 -12.36 60.20 -10.15
CA TYR B 444 -12.31 61.44 -10.97
C TYR B 444 -11.37 61.23 -12.17
N ILE B 445 -10.17 60.69 -11.92
CA ILE B 445 -9.14 60.41 -12.98
C ILE B 445 -9.80 59.58 -14.09
N PHE B 446 -10.46 58.48 -13.74
CA PHE B 446 -11.09 57.54 -14.72
C PHE B 446 -12.32 58.19 -15.38
N CYS B 447 -13.18 58.83 -14.59
CA CYS B 447 -14.35 59.62 -15.07
C CYS B 447 -13.90 60.64 -16.13
N PHE B 448 -12.68 61.16 -16.02
CA PHE B 448 -12.09 62.11 -16.99
C PHE B 448 -11.54 61.38 -18.23
N VAL B 449 -10.69 60.36 -18.03
CA VAL B 449 -9.92 59.69 -19.12
C VAL B 449 -10.89 59.06 -20.11
N LEU B 450 -11.75 58.15 -19.65
CA LEU B 450 -12.69 57.38 -20.51
C LEU B 450 -13.94 58.22 -20.83
N GLY B 451 -14.11 59.38 -20.20
CA GLY B 451 -15.19 60.35 -20.50
C GLY B 451 -16.55 59.86 -20.02
N PHE B 452 -16.58 58.92 -19.07
CA PHE B 452 -17.82 58.37 -18.44
C PHE B 452 -18.18 59.21 -17.21
N PHE B 453 -19.19 58.75 -16.47
CA PHE B 453 -19.49 59.12 -15.07
C PHE B 453 -19.72 57.84 -14.26
N TYR B 454 -19.03 56.75 -14.61
CA TYR B 454 -19.30 55.36 -14.13
C TYR B 454 -18.34 55.01 -13.00
N PRO B 455 -18.74 55.18 -11.72
CA PRO B 455 -17.81 55.09 -10.59
C PRO B 455 -17.81 53.71 -9.92
N VAL B 456 -17.30 52.69 -10.61
CA VAL B 456 -17.31 51.26 -10.15
C VAL B 456 -16.30 51.07 -9.01
N MET B 457 -15.05 51.54 -9.20
CA MET B 457 -13.90 51.31 -8.28
C MET B 457 -14.25 51.74 -6.86
N LEU B 458 -14.74 52.98 -6.71
CA LEU B 458 -15.06 53.60 -5.39
C LEU B 458 -16.12 52.77 -4.67
N ILE B 459 -17.15 52.31 -5.39
CA ILE B 459 -18.25 51.46 -4.84
C ILE B 459 -17.64 50.15 -4.32
N LEU B 460 -16.76 49.52 -5.11
CA LEU B 460 -16.05 48.25 -4.75
C LEU B 460 -15.20 48.48 -3.50
N PHE B 461 -14.29 49.45 -3.53
CA PHE B 461 -13.39 49.78 -2.40
C PHE B 461 -14.24 50.07 -1.15
N LEU B 462 -15.20 51.00 -1.26
CA LEU B 462 -16.09 51.42 -0.14
C LEU B 462 -16.80 50.19 0.44
N VAL B 463 -17.51 49.42 -0.41
CA VAL B 463 -18.42 48.33 0.06
C VAL B 463 -17.61 47.28 0.82
N ILE B 464 -16.49 46.79 0.26
CA ILE B 464 -15.66 45.74 0.91
C ILE B 464 -14.86 46.36 2.08
N GLY B 465 -14.53 47.66 1.99
CA GLY B 465 -14.08 48.45 3.16
C GLY B 465 -15.04 48.25 4.32
N GLY B 466 -16.30 48.64 4.12
CA GLY B 466 -17.42 48.37 5.04
C GLY B 466 -17.47 46.92 5.49
N MET B 467 -17.40 45.97 4.54
CA MET B 467 -17.52 44.50 4.79
C MET B 467 -16.47 44.04 5.81
N LEU B 468 -15.19 44.32 5.58
CA LEU B 468 -14.07 43.82 6.42
C LEU B 468 -13.94 44.66 7.70
N ASN B 469 -14.25 45.98 7.65
CA ASN B 469 -14.05 46.90 8.80
C ASN B 469 -15.28 46.97 9.71
N PHE B 470 -16.41 46.32 9.37
CA PHE B 470 -17.60 46.18 10.25
C PHE B 470 -17.77 44.74 10.75
N MET B 471 -17.49 43.74 9.90
CA MET B 471 -17.97 42.34 10.03
C MET B 471 -16.81 41.35 9.84
N ALA B 480 -0.23 33.76 6.12
CA ALA B 480 -1.30 32.96 5.49
C ALA B 480 -2.55 33.81 5.19
N TRP B 481 -2.84 34.84 6.00
CA TRP B 481 -3.99 35.78 5.83
C TRP B 481 -3.85 36.61 4.55
N ASN B 482 -2.61 36.80 4.06
CA ASN B 482 -2.25 37.56 2.82
C ASN B 482 -3.06 37.06 1.61
N VAL B 483 -3.37 35.77 1.55
CA VAL B 483 -4.00 35.08 0.37
C VAL B 483 -5.38 35.67 0.10
N LEU B 484 -6.21 35.87 1.14
CA LEU B 484 -7.56 36.48 1.03
C LEU B 484 -7.46 37.84 0.35
N MET B 485 -6.50 38.68 0.78
CA MET B 485 -6.21 40.02 0.20
C MET B 485 -5.90 39.85 -1.30
N TRP B 486 -5.00 38.92 -1.63
CA TRP B 486 -4.57 38.64 -3.04
C TRP B 486 -5.75 38.22 -3.91
N THR B 487 -6.62 37.33 -3.42
CA THR B 487 -7.82 36.82 -4.15
C THR B 487 -8.80 37.97 -4.42
N MET B 488 -9.06 38.78 -3.40
CA MET B 488 -9.98 39.95 -3.50
C MET B 488 -9.37 41.03 -4.41
N LEU B 489 -8.05 41.21 -4.39
CA LEU B 489 -7.34 42.12 -5.33
C LEU B 489 -7.55 41.62 -6.76
N PHE B 490 -7.35 40.33 -7.02
CA PHE B 490 -7.57 39.68 -8.35
C PHE B 490 -8.98 39.99 -8.86
N LEU B 491 -10.01 39.76 -8.03
CA LEU B 491 -11.44 39.99 -8.42
C LEU B 491 -11.72 41.49 -8.54
N GLY B 492 -11.13 42.32 -7.67
CA GLY B 492 -11.13 43.79 -7.80
C GLY B 492 -10.70 44.24 -9.19
N GLN B 493 -9.54 43.73 -9.64
CA GLN B 493 -8.96 43.99 -11.00
C GLN B 493 -9.93 43.46 -12.06
N GLY B 494 -10.37 42.20 -11.92
CA GLY B 494 -11.30 41.52 -12.85
C GLY B 494 -12.58 42.30 -13.09
N ILE B 495 -13.22 42.76 -12.01
CA ILE B 495 -14.49 43.56 -12.07
C ILE B 495 -14.21 44.89 -12.77
N GLN B 496 -13.18 45.63 -12.32
CA GLN B 496 -12.85 46.99 -12.86
C GLN B 496 -12.62 46.91 -14.36
N VAL B 497 -11.72 46.03 -14.82
CA VAL B 497 -11.36 45.88 -16.27
C VAL B 497 -12.61 45.45 -17.06
N SER B 498 -13.37 44.47 -16.55
CA SER B 498 -14.59 43.94 -17.22
C SER B 498 -15.57 45.08 -17.46
N LEU B 499 -16.05 45.72 -16.39
CA LEU B 499 -17.11 46.76 -16.43
C LEU B 499 -16.65 47.99 -17.24
N TYR B 500 -15.36 48.35 -17.19
CA TYR B 500 -14.80 49.53 -17.92
C TYR B 500 -14.71 49.22 -19.43
N CYS B 501 -14.39 47.98 -19.80
CA CYS B 501 -14.40 47.53 -21.22
C CYS B 501 -15.84 47.50 -21.75
N GLN B 502 -16.78 46.99 -20.95
CA GLN B 502 -18.24 46.97 -21.26
C GLN B 502 -18.72 48.41 -21.51
N GLU B 503 -18.36 49.34 -20.60
CA GLU B 503 -18.82 50.74 -20.64
C GLU B 503 -18.20 51.48 -21.84
N TRP B 504 -16.93 51.19 -22.17
CA TRP B 504 -16.21 51.82 -23.31
C TRP B 504 -16.74 51.29 -24.66
N TYR B 505 -17.28 50.06 -24.69
CA TYR B 505 -17.80 49.42 -25.93
C TYR B 505 -19.33 49.33 -25.93
N ALA B 506 -20.01 49.91 -24.94
CA ALA B 506 -21.47 50.20 -24.96
C ALA B 506 -21.73 51.71 -25.00
N ARG B 507 -20.69 52.54 -24.98
CA ARG B 507 -20.74 54.01 -25.21
C ARG B 507 -20.09 54.34 -26.56
N ARG B 508 -19.98 53.34 -27.46
CA ARG B 508 -19.33 53.47 -28.79
C ARG B 508 -19.85 52.37 -29.72
N LYS C 108 -6.12 -3.82 36.89
CA LYS C 108 -4.98 -4.34 36.05
C LYS C 108 -5.07 -3.75 34.64
N GLN C 109 -3.91 -3.48 34.03
CA GLN C 109 -3.77 -3.13 32.59
C GLN C 109 -2.68 -4.03 31.99
N LYS C 110 -2.89 -4.57 30.79
CA LYS C 110 -1.94 -5.51 30.11
C LYS C 110 -0.61 -4.78 29.88
N VAL C 111 0.50 -5.45 30.20
CA VAL C 111 1.89 -4.92 30.08
C VAL C 111 2.70 -5.88 29.19
N PHE C 112 3.49 -5.33 28.26
CA PHE C 112 4.08 -6.06 27.12
C PHE C 112 5.52 -6.47 27.45
N ILE C 113 5.85 -7.75 27.20
CA ILE C 113 7.18 -8.39 27.44
C ILE C 113 7.75 -8.79 26.07
N ILE C 114 9.00 -9.24 25.98
CA ILE C 114 9.65 -9.74 24.73
C ILE C 114 9.55 -11.28 24.73
N ARG C 115 8.35 -11.82 24.98
CA ARG C 115 8.02 -13.26 24.85
C ARG C 115 7.79 -13.57 23.36
N LYS C 116 7.86 -14.86 22.99
CA LYS C 116 7.77 -15.36 21.60
C LYS C 116 6.43 -16.05 21.40
N SER C 117 5.81 -15.89 20.23
CA SER C 117 4.59 -16.64 19.78
C SER C 117 4.77 -18.11 20.13
N LEU C 118 3.83 -18.66 20.89
CA LEU C 118 3.97 -19.98 21.59
C LEU C 118 4.29 -21.08 20.57
N LEU C 119 3.57 -21.13 19.44
CA LEU C 119 3.75 -22.17 18.40
C LEU C 119 5.17 -22.10 17.81
N ASP C 120 5.75 -20.91 17.70
CA ASP C 120 7.13 -20.71 17.16
C ASP C 120 8.15 -21.31 18.14
N GLU C 121 7.93 -21.17 19.45
CA GLU C 121 8.83 -21.72 20.50
C GLU C 121 8.61 -23.24 20.64
N LEU C 122 7.47 -23.75 20.14
CA LEU C 122 7.21 -25.21 19.98
C LEU C 122 7.90 -25.73 18.71
N MET C 123 7.84 -24.97 17.60
CA MET C 123 8.30 -25.42 16.25
C MET C 123 9.81 -25.66 16.24
N GLU C 124 10.58 -25.08 17.18
CA GLU C 124 12.03 -25.37 17.37
C GLU C 124 12.22 -26.81 17.87
N VAL C 125 11.20 -27.40 18.52
CA VAL C 125 11.13 -28.87 18.82
C VAL C 125 10.90 -29.59 17.48
N GLN C 126 11.43 -30.81 17.33
CA GLN C 126 11.52 -31.54 16.03
C GLN C 126 10.14 -32.11 15.65
N HIS C 127 9.43 -32.72 16.61
CA HIS C 127 8.16 -33.48 16.38
C HIS C 127 7.08 -32.59 15.76
N PHE C 128 7.11 -31.29 16.06
CA PHE C 128 6.17 -30.28 15.51
C PHE C 128 6.60 -29.88 14.09
N ARG C 129 7.91 -29.91 13.80
CA ARG C 129 8.43 -29.79 12.40
C ARG C 129 7.89 -30.96 11.57
N THR C 130 7.82 -32.17 12.17
CA THR C 130 7.22 -33.38 11.54
C THR C 130 5.74 -33.15 11.23
N ILE C 131 4.91 -32.83 12.25
CA ILE C 131 3.44 -32.60 12.07
C ILE C 131 3.24 -31.58 10.94
N TYR C 132 3.95 -30.45 11.02
CA TYR C 132 3.93 -29.35 10.01
C TYR C 132 4.22 -29.92 8.62
N HIS C 133 5.24 -30.80 8.51
CA HIS C 133 5.67 -31.47 7.26
C HIS C 133 4.56 -32.41 6.74
N MET C 134 3.95 -33.20 7.64
CA MET C 134 2.78 -34.07 7.33
C MET C 134 1.69 -33.24 6.63
N PHE C 135 1.44 -32.02 7.10
CA PHE C 135 0.35 -31.13 6.59
C PHE C 135 0.71 -30.59 5.20
N ILE C 136 1.97 -30.18 4.99
CA ILE C 136 2.45 -29.74 3.64
C ILE C 136 2.39 -30.94 2.69
N ALA C 137 2.68 -32.16 3.18
CA ALA C 137 2.56 -33.41 2.39
C ALA C 137 1.11 -33.62 1.96
N GLY C 138 0.16 -33.38 2.88
CA GLY C 138 -1.29 -33.35 2.60
C GLY C 138 -1.63 -32.45 1.42
N LEU C 139 -1.08 -31.22 1.41
CA LEU C 139 -1.24 -30.23 0.29
C LEU C 139 -0.68 -30.84 -1.00
N CYS C 140 0.53 -31.41 -0.94
CA CYS C 140 1.24 -32.02 -2.10
C CYS C 140 0.41 -33.15 -2.71
N VAL C 141 -0.23 -33.99 -1.87
CA VAL C 141 -1.13 -35.08 -2.35
C VAL C 141 -2.32 -34.47 -3.09
N PHE C 142 -2.99 -33.48 -2.48
CA PHE C 142 -4.16 -32.77 -3.07
C PHE C 142 -3.77 -32.19 -4.44
N ILE C 143 -2.65 -31.46 -4.54
CA ILE C 143 -2.21 -30.80 -5.80
C ILE C 143 -1.93 -31.87 -6.86
N ILE C 144 -1.24 -32.96 -6.50
CA ILE C 144 -0.89 -34.07 -7.45
C ILE C 144 -2.18 -34.74 -7.93
N SER C 145 -3.07 -35.13 -7.01
CA SER C 145 -4.32 -35.87 -7.34
C SER C 145 -5.24 -35.01 -8.21
N THR C 146 -5.48 -33.75 -7.81
CA THR C 146 -6.35 -32.80 -8.55
C THR C 146 -5.77 -32.50 -9.93
N LEU C 147 -4.45 -32.28 -10.02
CA LEU C 147 -3.72 -32.07 -11.30
C LEU C 147 -3.92 -33.30 -12.21
N ALA C 148 -3.85 -34.51 -11.66
CA ALA C 148 -3.96 -35.79 -12.40
C ALA C 148 -5.42 -36.04 -12.85
N ILE C 149 -6.41 -35.67 -12.04
CA ILE C 149 -7.87 -35.82 -12.36
C ILE C 149 -8.25 -34.80 -13.43
N ASP C 150 -8.10 -33.50 -13.12
CA ASP C 150 -8.50 -32.37 -14.02
C ASP C 150 -7.69 -32.39 -15.33
N PHE C 151 -6.61 -33.19 -15.40
CA PHE C 151 -5.86 -33.48 -16.65
C PHE C 151 -6.75 -34.27 -17.62
N ILE C 152 -7.57 -35.20 -17.13
CA ILE C 152 -8.43 -36.11 -17.95
C ILE C 152 -9.91 -35.77 -17.73
N LEU C 158 -8.92 -25.70 -16.11
CA LEU C 158 -7.91 -26.70 -15.64
C LEU C 158 -8.14 -27.01 -14.14
N LEU C 159 -7.56 -26.21 -13.25
CA LEU C 159 -7.50 -26.46 -11.77
C LEU C 159 -8.79 -25.91 -11.15
N GLU C 160 -8.88 -25.87 -9.81
CA GLU C 160 -10.01 -25.25 -9.06
C GLU C 160 -9.70 -23.77 -8.74
N PHE C 161 -8.96 -23.09 -9.63
CA PHE C 161 -8.66 -21.64 -9.59
C PHE C 161 -9.97 -20.82 -9.70
N ASP C 162 -11.06 -21.45 -10.16
CA ASP C 162 -12.40 -20.82 -10.38
C ASP C 162 -12.92 -20.19 -9.08
N LEU C 163 -12.80 -20.89 -7.94
CA LEU C 163 -13.27 -20.38 -6.62
C LEU C 163 -12.50 -19.10 -6.27
N LEU C 164 -11.18 -19.10 -6.49
CA LEU C 164 -10.30 -17.91 -6.26
C LEU C 164 -10.75 -16.75 -7.17
N ILE C 165 -10.75 -16.94 -8.49
CA ILE C 165 -11.10 -15.86 -9.47
C ILE C 165 -12.53 -15.37 -9.23
N PHE C 166 -13.46 -16.25 -8.83
CA PHE C 166 -14.86 -15.86 -8.50
C PHE C 166 -14.92 -15.07 -7.20
N SER C 167 -14.31 -15.60 -6.12
CA SER C 167 -14.42 -15.09 -4.73
C SER C 167 -13.74 -13.72 -4.59
N PHE C 168 -12.76 -13.39 -5.44
CA PHE C 168 -12.00 -12.11 -5.45
C PHE C 168 -12.46 -11.23 -6.63
N GLY C 169 -13.76 -11.23 -6.91
CA GLY C 169 -14.42 -10.60 -8.07
C GLY C 169 -13.94 -9.18 -8.35
N GLN C 170 -14.26 -8.23 -7.47
CA GLN C 170 -13.90 -6.79 -7.64
C GLN C 170 -12.81 -6.39 -6.63
N LEU C 171 -11.84 -7.28 -6.38
CA LEU C 171 -10.75 -7.06 -5.39
C LEU C 171 -10.09 -5.69 -5.59
N PRO C 172 -9.88 -5.21 -6.84
CA PRO C 172 -9.50 -3.81 -7.06
C PRO C 172 -10.36 -2.79 -6.30
N LEU C 173 -11.70 -2.90 -6.42
CA LEU C 173 -12.65 -1.96 -5.76
C LEU C 173 -12.53 -2.12 -4.24
N ALA C 174 -12.46 -3.36 -3.76
CA ALA C 174 -12.33 -3.73 -2.34
C ALA C 174 -11.09 -3.05 -1.71
N LEU C 175 -10.01 -2.87 -2.46
CA LEU C 175 -8.77 -2.22 -1.94
C LEU C 175 -8.85 -0.69 -2.06
N VAL C 176 -9.37 -0.14 -3.16
CA VAL C 176 -9.55 1.34 -3.32
C VAL C 176 -10.69 1.83 -2.42
N THR C 177 -11.49 0.94 -1.83
CA THR C 177 -12.41 1.27 -0.70
C THR C 177 -11.71 1.11 0.65
N TRP C 178 -10.68 0.27 0.72
CA TRP C 178 -9.83 0.13 1.94
C TRP C 178 -9.05 1.43 2.19
N VAL C 179 -8.65 2.15 1.14
CA VAL C 179 -7.78 3.37 1.24
C VAL C 179 -8.54 4.49 1.95
N PRO C 180 -9.76 4.91 1.52
CA PRO C 180 -10.52 5.95 2.22
C PRO C 180 -10.73 5.71 3.72
N MET C 181 -11.12 4.49 4.10
CA MET C 181 -11.33 4.08 5.52
C MET C 181 -10.02 4.21 6.30
N PHE C 182 -8.91 3.71 5.72
CA PHE C 182 -7.55 3.77 6.32
C PHE C 182 -7.14 5.24 6.55
N LEU C 183 -7.36 6.11 5.55
CA LEU C 183 -7.04 7.56 5.66
C LEU C 183 -7.93 8.22 6.70
N SER C 184 -9.22 7.83 6.76
CA SER C 184 -10.20 8.35 7.74
C SER C 184 -9.73 8.03 9.17
N THR C 185 -9.51 6.74 9.47
CA THR C 185 -9.05 6.25 10.80
C THR C 185 -7.65 6.79 11.14
N LEU C 186 -6.81 7.08 10.13
CA LEU C 186 -5.44 7.64 10.36
C LEU C 186 -5.56 9.10 10.82
N LEU C 187 -6.38 9.91 10.14
CA LEU C 187 -6.41 11.38 10.35
C LEU C 187 -7.47 11.77 11.40
N ALA C 188 -8.72 11.32 11.24
CA ALA C 188 -9.89 11.84 11.99
C ALA C 188 -9.70 11.71 13.50
N PRO C 189 -9.38 10.51 14.06
CA PRO C 189 -9.22 10.35 15.50
C PRO C 189 -8.11 11.22 16.12
N TYR C 190 -6.98 11.35 15.43
CA TYR C 190 -5.78 12.09 15.91
C TYR C 190 -6.08 13.60 15.97
N GLN C 191 -6.62 14.15 14.87
CA GLN C 191 -7.00 15.59 14.78
C GLN C 191 -8.09 15.89 15.82
N ALA C 192 -9.09 15.01 15.92
CA ALA C 192 -10.14 15.06 16.96
C ALA C 192 -9.46 15.24 18.33
N LEU C 193 -8.51 14.34 18.67
CA LEU C 193 -7.83 14.35 19.99
C LEU C 193 -7.01 15.64 20.16
N ARG C 194 -6.19 15.98 19.18
CA ARG C 194 -5.20 17.10 19.25
C ARG C 194 -5.93 18.43 19.46
N LEU C 195 -7.01 18.68 18.72
CA LEU C 195 -7.82 19.93 18.82
C LEU C 195 -8.72 19.87 20.06
N TRP C 196 -9.34 18.72 20.35
CA TRP C 196 -10.22 18.52 21.54
C TRP C 196 -9.43 18.72 22.84
N ALA C 197 -8.13 18.36 22.85
CA ALA C 197 -7.21 18.54 24.00
C ALA C 197 -6.49 19.90 23.92
N ARG C 198 -7.15 20.94 23.39
CA ARG C 198 -6.57 22.31 23.21
C ARG C 198 -7.52 23.36 23.83
N GLY C 199 -8.11 23.04 24.99
CA GLY C 199 -9.02 23.94 25.73
C GLY C 199 -9.60 23.29 26.96
N GLY C 206 -14.62 21.32 21.16
CA GLY C 206 -14.73 22.07 19.89
C GLY C 206 -15.45 21.25 18.80
N LEU C 207 -15.05 21.44 17.54
CA LEU C 207 -15.43 20.59 16.36
C LEU C 207 -15.26 19.11 16.69
N GLY C 208 -14.16 18.81 17.40
CA GLY C 208 -13.69 17.46 17.72
C GLY C 208 -14.82 16.54 18.13
N CYS C 209 -15.80 17.05 18.87
CA CYS C 209 -17.00 16.29 19.31
C CYS C 209 -17.87 15.89 18.10
N ALA C 210 -17.84 16.65 17.01
CA ALA C 210 -18.49 16.28 15.72
C ALA C 210 -17.55 15.39 14.92
N LEU C 211 -16.37 15.91 14.57
CA LEU C 211 -15.47 15.27 13.56
C LEU C 211 -15.37 13.78 13.83
N LEU C 212 -15.14 13.42 15.10
CA LEU C 212 -15.16 12.01 15.57
C LEU C 212 -16.41 11.32 15.04
N ALA C 213 -17.51 12.04 14.86
CA ALA C 213 -18.75 11.46 14.37
C ALA C 213 -18.65 11.04 12.90
N ALA C 214 -18.10 11.92 12.07
CA ALA C 214 -17.94 11.65 10.65
C ALA C 214 -17.20 10.33 10.43
N HIS C 215 -16.04 10.21 11.08
CA HIS C 215 -15.22 8.98 10.98
C HIS C 215 -15.95 7.79 11.62
N ALA C 216 -16.95 8.03 12.48
CA ALA C 216 -17.92 6.97 12.87
C ALA C 216 -18.70 6.61 11.61
N VAL C 217 -19.23 7.63 10.92
CA VAL C 217 -20.13 7.40 9.74
C VAL C 217 -19.33 7.08 8.48
N VAL C 218 -18.04 7.42 8.30
CA VAL C 218 -17.41 7.08 6.98
C VAL C 218 -16.98 5.62 6.93
N LEU C 219 -16.39 5.06 7.99
CA LEU C 219 -15.98 3.62 7.95
C LEU C 219 -17.08 2.74 8.54
N CYS C 220 -18.32 3.23 8.53
CA CYS C 220 -19.54 2.47 8.94
C CYS C 220 -20.52 2.38 7.77
N ALA C 221 -20.66 3.44 6.98
CA ALA C 221 -21.59 3.57 5.83
C ALA C 221 -20.92 3.11 4.54
N LEU C 222 -19.72 3.61 4.23
CA LEU C 222 -18.99 3.35 2.95
C LEU C 222 -18.82 1.85 2.73
N PRO C 223 -18.26 1.07 3.69
CA PRO C 223 -17.97 -0.35 3.44
C PRO C 223 -19.22 -1.24 3.24
N VAL C 224 -20.41 -0.73 3.57
CA VAL C 224 -21.73 -1.39 3.30
C VAL C 224 -22.21 -0.98 1.91
N HIS C 225 -22.19 0.32 1.61
CA HIS C 225 -22.63 0.92 0.33
C HIS C 225 -21.86 0.31 -0.84
N VAL C 226 -20.54 0.14 -0.72
CA VAL C 226 -19.70 -0.43 -1.83
C VAL C 226 -19.85 -1.96 -1.86
N ALA C 227 -20.31 -2.58 -0.77
CA ALA C 227 -20.45 -4.06 -0.64
C ALA C 227 -21.82 -4.53 -1.17
N VAL C 228 -22.89 -3.75 -0.94
CA VAL C 228 -24.29 -4.15 -1.30
C VAL C 228 -24.65 -3.56 -2.68
N GLU C 229 -24.39 -2.27 -2.90
CA GLU C 229 -24.86 -1.51 -4.10
C GLU C 229 -24.07 -1.93 -5.34
N HIS C 230 -22.89 -2.57 -5.16
CA HIS C 230 -22.00 -3.03 -6.26
C HIS C 230 -22.00 -4.56 -6.39
N GLN C 231 -22.69 -5.29 -5.51
CA GLN C 231 -22.83 -6.78 -5.54
C GLN C 231 -21.45 -7.43 -5.59
N LEU C 232 -20.66 -7.30 -4.50
CA LEU C 232 -19.34 -7.96 -4.34
C LEU C 232 -19.54 -9.43 -4.03
N PRO C 233 -18.53 -10.31 -4.33
CA PRO C 233 -18.54 -11.70 -3.86
C PRO C 233 -18.30 -11.80 -2.36
N PRO C 234 -18.30 -13.01 -1.75
CA PRO C 234 -18.02 -13.16 -0.33
C PRO C 234 -16.60 -12.74 0.11
N ALA C 235 -15.55 -13.30 -0.51
CA ALA C 235 -14.15 -13.18 -0.05
C ALA C 235 -13.62 -11.75 -0.23
N SER C 236 -13.97 -11.08 -1.34
CA SER C 236 -13.59 -9.68 -1.63
C SER C 236 -14.40 -8.70 -0.76
N ARG C 237 -15.46 -9.18 -0.09
CA ARG C 237 -16.30 -8.38 0.84
C ARG C 237 -15.75 -8.46 2.26
N CYS C 238 -15.42 -9.67 2.74
CA CYS C 238 -14.90 -9.95 4.11
C CYS C 238 -13.75 -8.98 4.41
N VAL C 239 -12.86 -8.74 3.45
CA VAL C 239 -11.75 -7.75 3.53
C VAL C 239 -12.28 -6.48 4.22
N LEU C 240 -13.25 -5.81 3.59
CA LEU C 240 -13.85 -4.54 4.09
C LEU C 240 -14.53 -4.75 5.45
N VAL C 241 -15.28 -5.84 5.62
CA VAL C 241 -15.94 -6.21 6.92
C VAL C 241 -14.89 -6.06 8.02
N PHE C 242 -13.75 -6.75 7.84
CA PHE C 242 -12.63 -6.81 8.82
C PHE C 242 -11.92 -5.46 8.96
N GLU C 243 -12.00 -4.58 7.96
CA GLU C 243 -11.32 -3.26 8.04
C GLU C 243 -12.36 -2.18 8.33
N GLN C 244 -13.47 -2.57 8.97
CA GLN C 244 -14.34 -1.62 9.70
C GLN C 244 -14.55 -2.08 11.14
N VAL C 245 -14.32 -3.36 11.46
CA VAL C 245 -14.27 -3.79 12.89
C VAL C 245 -12.82 -3.86 13.35
N ARG C 246 -11.82 -3.68 12.49
CA ARG C 246 -10.50 -3.27 13.03
C ARG C 246 -10.65 -1.81 13.43
N PHE C 247 -10.83 -0.90 12.47
CA PHE C 247 -10.65 0.56 12.68
C PHE C 247 -11.57 1.12 13.75
N LEU C 248 -12.71 0.51 14.05
CA LEU C 248 -13.49 0.97 15.23
C LEU C 248 -12.79 0.51 16.48
N MET C 249 -12.26 -0.71 16.47
CA MET C 249 -11.61 -1.28 17.66
C MET C 249 -10.41 -0.44 18.06
N LYS C 250 -9.69 0.14 17.09
CA LYS C 250 -8.52 0.96 17.37
C LYS C 250 -8.86 2.45 17.49
N SER C 251 -9.59 2.97 16.50
CA SER C 251 -9.98 4.38 16.50
C SER C 251 -10.69 4.73 17.80
N TYR C 252 -11.04 3.69 18.55
CA TYR C 252 -11.72 3.82 19.87
C TYR C 252 -10.74 3.51 21.01
N SER C 253 -9.95 2.43 20.86
CA SER C 253 -8.87 2.03 21.81
C SER C 253 -7.93 3.21 22.03
N PHE C 254 -7.36 3.70 20.93
CA PHE C 254 -6.45 4.88 20.89
C PHE C 254 -7.07 6.03 21.68
N LEU C 255 -8.33 6.37 21.35
CA LEU C 255 -9.05 7.54 21.92
C LEU C 255 -9.20 7.36 23.43
N ARG C 256 -9.82 6.25 23.86
CA ARG C 256 -10.14 5.97 25.29
C ARG C 256 -8.86 5.76 26.10
N GLU C 257 -7.73 5.41 25.46
CA GLU C 257 -6.40 5.35 26.12
C GLU C 257 -5.87 6.76 26.38
N ALA C 258 -5.92 7.64 25.37
CA ALA C 258 -5.22 8.95 25.37
C ALA C 258 -6.11 10.10 25.86
N VAL C 259 -7.42 9.86 26.06
CA VAL C 259 -8.37 10.84 26.70
C VAL C 259 -8.03 11.02 28.18
N PRO C 260 -7.97 9.95 29.02
CA PRO C 260 -7.71 10.12 30.45
C PRO C 260 -6.38 10.82 30.78
N GLY C 261 -5.43 10.85 29.84
CA GLY C 261 -4.24 11.72 29.86
C GLY C 261 -4.61 13.20 29.84
N ILE C 262 -5.72 13.56 29.17
CA ILE C 262 -6.20 14.95 28.97
C ILE C 262 -7.20 15.33 30.08
N LEU C 263 -7.74 14.36 30.83
CA LEU C 263 -8.60 14.62 32.03
C LEU C 263 -7.80 15.38 33.10
N ARG C 264 -6.46 15.37 33.03
CA ARG C 264 -5.56 16.29 33.78
C ARG C 264 -5.98 17.74 33.51
N ALA C 265 -6.48 18.43 34.55
CA ALA C 265 -7.01 19.81 34.48
C ALA C 265 -5.87 20.83 34.62
N ALA C 273 -1.29 15.16 24.31
CA ALA C 273 -1.23 14.90 22.85
C ALA C 273 -0.13 13.89 22.56
N PRO C 274 -0.47 12.60 22.28
CA PRO C 274 0.56 11.59 22.02
C PRO C 274 1.22 11.78 20.65
N SER C 275 2.50 11.41 20.52
CA SER C 275 3.30 11.54 19.27
C SER C 275 2.61 10.78 18.13
N PHE C 276 2.38 11.45 16.99
CA PHE C 276 1.59 10.93 15.84
C PHE C 276 2.26 9.65 15.30
N SER C 277 3.58 9.72 15.04
CA SER C 277 4.41 8.58 14.54
C SER C 277 4.03 7.28 15.27
N SER C 278 3.81 7.36 16.60
CA SER C 278 3.34 6.25 17.45
C SER C 278 1.95 5.77 17.01
N TYR C 279 1.04 6.69 16.68
CA TYR C 279 -0.36 6.36 16.23
C TYR C 279 -0.32 5.71 14.84
N LEU C 280 0.48 6.24 13.92
CA LEU C 280 0.68 5.61 12.57
C LEU C 280 1.17 4.18 12.77
N TYR C 281 2.28 4.01 13.50
CA TYR C 281 2.88 2.70 13.83
C TYR C 281 1.83 1.79 14.48
N PHE C 282 1.00 2.36 15.37
CA PHE C 282 -0.06 1.64 16.12
C PHE C 282 -1.09 1.03 15.16
N LEU C 283 -1.54 1.78 14.14
CA LEU C 283 -2.60 1.31 13.19
C LEU C 283 -2.19 -0.01 12.51
N PHE C 284 -0.89 -0.24 12.29
CA PHE C 284 -0.35 -1.45 11.61
C PHE C 284 0.18 -2.49 12.62
N CYS C 285 0.46 -2.10 13.87
CA CYS C 285 1.01 -3.00 14.91
C CYS C 285 -0.01 -4.10 15.20
N PRO C 286 0.43 -5.37 15.35
CA PRO C 286 -0.51 -6.50 15.49
C PRO C 286 -1.32 -6.60 16.80
N THR C 287 -1.29 -5.58 17.67
CA THR C 287 -2.13 -5.47 18.89
C THR C 287 -3.22 -4.40 18.68
N LEU C 288 -4.30 -4.47 19.46
CA LEU C 288 -5.44 -3.50 19.45
C LEU C 288 -5.33 -2.52 20.63
N ILE C 289 -4.48 -2.81 21.63
CA ILE C 289 -4.23 -1.91 22.81
C ILE C 289 -3.23 -0.84 22.38
N TYR C 290 -3.56 0.44 22.60
CA TYR C 290 -2.66 1.60 22.35
C TYR C 290 -1.80 1.85 23.60
N ARG C 291 -0.56 1.35 23.58
CA ARG C 291 0.38 1.41 24.74
C ARG C 291 1.52 2.41 24.50
N GLU C 292 1.80 2.78 23.24
CA GLU C 292 2.84 3.76 22.78
C GLU C 292 4.22 3.53 23.41
N THR C 293 4.51 2.32 23.90
CA THR C 293 5.86 1.87 24.33
C THR C 293 6.31 0.75 23.38
N TYR C 294 5.58 -0.37 23.40
CA TYR C 294 5.68 -1.52 22.46
C TYR C 294 7.11 -2.06 22.44
N PRO C 295 7.52 -2.96 23.38
CA PRO C 295 8.90 -3.45 23.43
C PRO C 295 9.32 -4.07 22.10
N ARG C 296 10.44 -3.61 21.54
CA ARG C 296 10.87 -3.90 20.14
C ARG C 296 12.11 -4.80 20.15
N THR C 297 12.38 -5.44 19.00
CA THR C 297 13.43 -6.47 18.78
C THR C 297 14.57 -5.84 17.98
N PRO C 298 15.80 -6.41 18.00
CA PRO C 298 16.96 -5.78 17.37
C PRO C 298 16.81 -5.45 15.87
N TYR C 299 16.44 -6.41 15.03
CA TYR C 299 16.53 -6.32 13.54
C TYR C 299 15.46 -7.18 12.86
N VAL C 300 15.40 -7.08 11.53
CA VAL C 300 14.34 -7.67 10.65
C VAL C 300 14.92 -8.90 9.94
N ARG C 301 14.45 -10.09 10.32
CA ARG C 301 14.86 -11.40 9.72
C ARG C 301 14.03 -11.63 8.45
N TRP C 302 14.44 -11.04 7.34
CA TRP C 302 13.68 -10.99 6.06
C TRP C 302 13.45 -12.41 5.50
N ASN C 303 14.38 -13.33 5.77
CA ASN C 303 14.21 -14.79 5.50
C ASN C 303 12.96 -15.30 6.23
N TYR C 304 12.82 -14.95 7.51
CA TYR C 304 11.71 -15.42 8.40
C TYR C 304 10.37 -14.89 7.87
N VAL C 305 10.27 -13.59 7.53
CA VAL C 305 9.00 -12.97 7.05
C VAL C 305 8.62 -13.56 5.68
N ALA C 306 9.60 -13.77 4.79
CA ALA C 306 9.41 -14.42 3.47
C ALA C 306 8.78 -15.81 3.67
N LYS C 307 9.36 -16.60 4.58
CA LYS C 307 8.86 -17.95 4.99
C LYS C 307 7.40 -17.86 5.48
N ASN C 308 7.11 -16.88 6.35
CA ASN C 308 5.78 -16.73 7.00
C ASN C 308 4.72 -16.38 5.95
N PHE C 309 5.02 -15.49 5.01
CA PHE C 309 4.09 -15.10 3.91
C PHE C 309 3.88 -16.29 2.96
N ALA C 310 4.96 -17.02 2.62
CA ALA C 310 4.90 -18.24 1.79
C ALA C 310 3.95 -19.27 2.42
N GLN C 311 4.01 -19.43 3.74
CA GLN C 311 3.11 -20.34 4.52
C GLN C 311 1.67 -19.83 4.46
N ALA C 312 1.45 -18.52 4.70
CA ALA C 312 0.12 -17.86 4.69
C ALA C 312 -0.57 -18.06 3.32
N LEU C 313 0.18 -17.93 2.23
CA LEU C 313 -0.35 -18.08 0.84
C LEU C 313 -0.59 -19.56 0.53
N GLY C 314 0.32 -20.45 0.94
CA GLY C 314 0.12 -21.91 0.91
C GLY C 314 -1.13 -22.33 1.66
N CYS C 315 -1.41 -21.66 2.79
CA CYS C 315 -2.60 -21.87 3.66
C CYS C 315 -3.88 -21.49 2.91
N VAL C 316 -3.92 -20.31 2.26
CA VAL C 316 -5.05 -19.85 1.41
C VAL C 316 -5.33 -20.90 0.33
N LEU C 317 -4.28 -21.39 -0.34
CA LEU C 317 -4.37 -22.44 -1.39
C LEU C 317 -4.92 -23.74 -0.80
N TYR C 318 -4.52 -24.09 0.44
CA TYR C 318 -5.02 -25.30 1.16
C TYR C 318 -6.53 -25.18 1.35
N ALA C 319 -6.99 -24.03 1.86
CA ALA C 319 -8.43 -23.69 2.08
C ALA C 319 -9.20 -23.75 0.75
N CYS C 320 -8.60 -23.23 -0.33
CA CYS C 320 -9.16 -23.26 -1.72
C CYS C 320 -9.45 -24.70 -2.13
N PHE C 321 -8.51 -25.62 -1.91
CA PHE C 321 -8.66 -27.07 -2.21
C PHE C 321 -9.77 -27.66 -1.32
N ILE C 322 -9.71 -27.46 0.00
CA ILE C 322 -10.69 -28.03 0.96
C ILE C 322 -12.11 -27.65 0.52
N LEU C 323 -12.36 -26.38 0.21
CA LEU C 323 -13.68 -25.89 -0.27
C LEU C 323 -14.03 -26.57 -1.60
N GLY C 324 -13.17 -26.41 -2.61
CA GLY C 324 -13.41 -26.86 -3.99
C GLY C 324 -13.45 -28.37 -4.16
N ARG C 325 -13.12 -29.14 -3.11
CA ARG C 325 -13.07 -30.63 -3.17
C ARG C 325 -14.02 -31.29 -2.16
N LEU C 326 -14.17 -30.75 -0.94
CA LEU C 326 -14.89 -31.46 0.16
C LEU C 326 -16.12 -30.69 0.67
N CYS C 327 -16.46 -29.51 0.14
CA CYS C 327 -17.65 -28.72 0.56
C CYS C 327 -18.63 -28.59 -0.61
N VAL C 328 -18.19 -28.03 -1.75
CA VAL C 328 -19.03 -27.74 -2.94
C VAL C 328 -19.75 -29.01 -3.40
N PRO C 329 -19.04 -30.16 -3.63
CA PRO C 329 -19.69 -31.37 -4.13
C PRO C 329 -20.85 -31.91 -3.27
N VAL C 330 -20.65 -31.97 -1.94
CA VAL C 330 -21.66 -32.50 -0.96
C VAL C 330 -22.87 -31.55 -0.92
N PHE C 331 -22.64 -30.23 -0.97
CA PHE C 331 -23.65 -29.19 -0.65
C PHE C 331 -24.35 -28.66 -1.92
N ALA C 332 -23.75 -28.80 -3.11
CA ALA C 332 -24.31 -28.33 -4.40
C ALA C 332 -25.76 -28.85 -4.58
N ASN C 333 -26.00 -30.12 -4.25
CA ASN C 333 -27.29 -30.82 -4.48
C ASN C 333 -28.15 -30.73 -3.22
N MET C 334 -28.59 -29.51 -2.88
CA MET C 334 -29.61 -29.23 -1.83
C MET C 334 -30.92 -28.76 -2.48
N SER C 335 -30.92 -28.49 -3.78
CA SER C 335 -32.12 -28.36 -4.65
C SER C 335 -32.99 -29.62 -4.53
N ARG C 336 -32.37 -30.77 -4.24
CA ARG C 336 -33.00 -32.06 -3.85
C ARG C 336 -34.19 -31.81 -2.91
N GLU C 337 -35.32 -32.47 -3.19
CA GLU C 337 -36.63 -32.23 -2.53
C GLU C 337 -36.66 -32.75 -1.09
N PRO C 338 -36.16 -33.97 -0.78
CA PRO C 338 -36.52 -34.65 0.48
C PRO C 338 -36.54 -33.79 1.75
N PHE C 339 -35.42 -33.11 2.05
CA PHE C 339 -35.13 -32.44 3.35
C PHE C 339 -35.28 -33.47 4.48
N SER C 340 -34.94 -34.74 4.22
CA SER C 340 -35.01 -35.85 5.20
C SER C 340 -33.93 -35.60 6.27
N THR C 341 -34.26 -35.86 7.54
CA THR C 341 -33.41 -35.53 8.71
C THR C 341 -32.15 -36.41 8.71
N ARG C 342 -32.25 -37.65 8.18
CA ARG C 342 -31.09 -38.55 7.94
C ARG C 342 -30.08 -37.85 7.03
N ALA C 343 -30.54 -37.39 5.85
CA ALA C 343 -29.73 -36.69 4.82
C ALA C 343 -29.01 -35.49 5.43
N LEU C 344 -29.74 -34.64 6.16
CA LEU C 344 -29.21 -33.41 6.81
C LEU C 344 -28.14 -33.78 7.86
N VAL C 345 -28.46 -34.67 8.78
CA VAL C 345 -27.56 -35.05 9.91
C VAL C 345 -26.29 -35.71 9.35
N LEU C 346 -26.39 -36.52 8.31
CA LEU C 346 -25.20 -37.20 7.70
C LEU C 346 -24.40 -36.18 6.89
N SER C 347 -25.05 -35.16 6.33
CA SER C 347 -24.38 -33.99 5.69
C SER C 347 -23.56 -33.23 6.76
N ILE C 348 -24.13 -33.05 7.96
CA ILE C 348 -23.46 -32.39 9.12
C ILE C 348 -22.20 -33.17 9.49
N LEU C 349 -22.30 -34.50 9.64
CA LEU C 349 -21.13 -35.38 9.97
C LEU C 349 -20.11 -35.32 8.82
N HIS C 350 -20.56 -35.40 7.57
CA HIS C 350 -19.69 -35.31 6.36
C HIS C 350 -18.93 -33.98 6.34
N ALA C 351 -19.55 -32.90 6.81
CA ALA C 351 -19.03 -31.51 6.70
C ALA C 351 -18.26 -31.07 7.96
N THR C 352 -18.26 -31.85 9.05
CA THR C 352 -17.58 -31.49 10.32
C THR C 352 -16.05 -31.39 10.11
N LEU C 353 -15.48 -32.11 9.14
CA LEU C 353 -14.00 -32.19 8.94
C LEU C 353 -13.49 -30.97 8.17
N PRO C 354 -14.08 -30.53 7.04
CA PRO C 354 -13.74 -29.23 6.46
C PRO C 354 -13.88 -28.08 7.48
N GLY C 355 -14.91 -28.17 8.35
CA GLY C 355 -15.11 -27.27 9.50
C GLY C 355 -13.85 -27.11 10.33
N ILE C 356 -13.26 -28.23 10.77
CA ILE C 356 -12.09 -28.20 11.71
C ILE C 356 -10.84 -27.72 10.98
N PHE C 357 -10.62 -28.15 9.73
CA PHE C 357 -9.45 -27.74 8.91
C PHE C 357 -9.57 -26.25 8.57
N MET C 358 -10.78 -25.76 8.26
CA MET C 358 -11.03 -24.31 8.09
C MET C 358 -10.61 -23.56 9.37
N LEU C 359 -11.04 -24.04 10.55
CA LEU C 359 -10.68 -23.41 11.86
C LEU C 359 -9.16 -23.41 12.04
N LEU C 360 -8.52 -24.59 11.95
CA LEU C 360 -7.06 -24.77 12.12
C LEU C 360 -6.30 -23.87 11.13
N LEU C 361 -6.77 -23.77 9.88
CA LEU C 361 -6.13 -22.92 8.83
C LEU C 361 -6.30 -21.44 9.19
N ILE C 362 -7.54 -20.99 9.44
CA ILE C 362 -7.84 -19.62 9.94
C ILE C 362 -6.85 -19.30 11.05
N PHE C 363 -6.86 -20.12 12.11
CA PHE C 363 -5.95 -19.98 13.28
C PHE C 363 -4.50 -19.88 12.80
N PHE C 364 -3.97 -20.95 12.21
CA PHE C 364 -2.52 -21.06 11.91
C PHE C 364 -2.07 -19.88 11.06
N ALA C 365 -2.61 -19.75 9.84
CA ALA C 365 -2.24 -18.69 8.88
C ALA C 365 -2.40 -17.32 9.56
N PHE C 366 -3.62 -16.96 9.95
CA PHE C 366 -3.95 -15.55 10.30
C PHE C 366 -3.47 -15.18 11.72
N LEU C 367 -3.23 -16.13 12.63
CA LEU C 367 -2.78 -15.81 14.01
C LEU C 367 -1.32 -16.18 14.25
N HIS C 368 -0.72 -17.10 13.48
CA HIS C 368 0.74 -17.39 13.57
C HIS C 368 1.49 -16.80 12.37
N CYS C 369 1.04 -17.02 11.13
CA CYS C 369 1.81 -16.62 9.91
C CYS C 369 1.69 -15.11 9.67
N TRP C 370 0.46 -14.61 9.54
CA TRP C 370 0.15 -13.21 9.13
C TRP C 370 0.66 -12.21 10.18
N LEU C 371 0.29 -12.39 11.45
CA LEU C 371 0.62 -11.42 12.53
C LEU C 371 2.09 -11.54 12.95
N ASN C 372 2.72 -12.71 12.82
CA ASN C 372 4.19 -12.86 13.03
C ASN C 372 4.92 -12.14 11.90
N ALA C 373 4.55 -12.38 10.64
CA ALA C 373 5.13 -11.71 9.45
C ALA C 373 5.11 -10.20 9.66
N PHE C 374 3.96 -9.66 10.07
CA PHE C 374 3.75 -8.20 10.29
C PHE C 374 4.41 -7.75 11.60
N ALA C 375 4.58 -8.64 12.58
CA ALA C 375 5.33 -8.37 13.84
C ALA C 375 6.84 -8.53 13.63
N GLU C 376 7.30 -8.97 12.46
CA GLU C 376 8.73 -9.10 12.12
C GLU C 376 9.16 -7.96 11.20
N MET C 377 8.29 -7.53 10.28
CA MET C 377 8.51 -6.32 9.44
C MET C 377 8.59 -5.07 10.32
N LEU C 378 7.86 -5.04 11.44
CA LEU C 378 7.71 -3.85 12.34
C LEU C 378 8.60 -3.97 13.58
N ARG C 379 9.22 -5.13 13.84
CA ARG C 379 10.10 -5.40 15.01
C ARG C 379 9.29 -5.23 16.31
N PHE C 380 8.19 -5.99 16.45
CA PHE C 380 7.27 -5.98 17.62
C PHE C 380 7.68 -7.10 18.59
N GLY C 381 7.50 -6.85 19.90
CA GLY C 381 7.66 -7.86 20.97
C GLY C 381 6.31 -8.43 21.39
N ASP C 382 6.25 -9.09 22.56
CA ASP C 382 5.05 -9.79 23.11
C ASP C 382 4.18 -10.31 21.95
N ARG C 383 4.68 -11.30 21.20
CA ARG C 383 3.94 -11.91 20.06
C ARG C 383 3.06 -13.05 20.59
N MET C 384 2.47 -12.89 21.79
CA MET C 384 1.49 -13.84 22.37
C MET C 384 0.09 -13.41 21.91
N PHE C 385 -0.15 -13.53 20.61
CA PHE C 385 -1.44 -13.26 19.93
C PHE C 385 -2.45 -14.37 20.27
N TYR C 386 -1.95 -15.50 20.78
CA TYR C 386 -2.72 -16.68 21.19
C TYR C 386 -1.92 -17.45 22.24
N ARG C 387 -2.55 -17.77 23.38
CA ARG C 387 -2.07 -18.79 24.35
C ARG C 387 -2.53 -20.16 23.80
N ASP C 388 -2.10 -21.24 24.44
CA ASP C 388 -2.45 -22.63 24.02
C ASP C 388 -3.93 -22.89 24.33
N TRP C 389 -4.83 -22.49 23.42
CA TRP C 389 -6.30 -22.76 23.52
C TRP C 389 -6.57 -24.26 23.43
N TRP C 390 -5.71 -25.01 22.74
CA TRP C 390 -5.81 -26.48 22.58
C TRP C 390 -5.65 -27.21 23.93
N ASN C 391 -5.24 -26.52 25.00
CA ASN C 391 -5.19 -27.04 26.39
C ASN C 391 -6.34 -26.51 27.26
N SER C 392 -7.19 -25.63 26.73
CA SER C 392 -8.30 -24.97 27.48
C SER C 392 -9.25 -26.03 28.03
N THR C 393 -9.22 -26.26 29.36
CA THR C 393 -10.03 -27.29 30.08
C THR C 393 -11.52 -26.97 29.88
N SER C 394 -11.93 -25.76 30.26
CA SER C 394 -13.32 -25.22 30.13
C SER C 394 -13.42 -24.41 28.84
N PHE C 395 -14.61 -23.84 28.56
CA PHE C 395 -14.94 -23.14 27.29
C PHE C 395 -14.47 -21.68 27.34
N SER C 396 -14.79 -20.97 28.43
CA SER C 396 -14.38 -19.57 28.69
C SER C 396 -12.86 -19.42 28.44
N ASN C 397 -12.07 -20.36 29.00
CA ASN C 397 -10.60 -20.46 28.80
C ASN C 397 -10.29 -20.50 27.30
N TYR C 398 -11.00 -21.33 26.52
CA TYR C 398 -10.85 -21.43 25.05
C TYR C 398 -11.01 -20.03 24.45
N TYR C 399 -12.12 -19.36 24.78
CA TYR C 399 -12.48 -18.02 24.22
C TYR C 399 -11.47 -16.95 24.65
N ARG C 400 -10.92 -17.04 25.87
CA ARG C 400 -9.89 -16.09 26.36
C ARG C 400 -8.56 -16.33 25.64
N THR C 401 -8.23 -17.57 25.30
CA THR C 401 -6.89 -18.00 24.79
C THR C 401 -6.90 -18.24 23.27
N TRP C 402 -8.04 -18.01 22.60
CA TRP C 402 -8.19 -18.04 21.11
C TRP C 402 -8.34 -16.60 20.61
N ASN C 403 -7.43 -16.16 19.73
CA ASN C 403 -7.39 -14.77 19.19
C ASN C 403 -7.23 -13.81 20.37
N VAL C 404 -6.18 -14.02 21.18
CA VAL C 404 -5.90 -13.29 22.46
C VAL C 404 -5.85 -11.77 22.21
N VAL C 405 -5.44 -11.32 21.02
CA VAL C 405 -5.36 -9.87 20.66
C VAL C 405 -6.75 -9.23 20.79
N VAL C 406 -7.79 -9.77 20.13
CA VAL C 406 -9.16 -9.18 20.15
C VAL C 406 -9.74 -9.40 21.55
N HIS C 407 -9.49 -10.57 22.15
CA HIS C 407 -9.88 -10.91 23.55
C HIS C 407 -9.38 -9.81 24.49
N ASP C 408 -8.10 -9.44 24.40
CA ASP C 408 -7.43 -8.47 25.32
C ASP C 408 -8.03 -7.07 25.15
N TRP C 409 -8.20 -6.60 23.90
CA TRP C 409 -8.96 -5.36 23.59
C TRP C 409 -10.32 -5.44 24.30
N LEU C 410 -11.07 -6.50 23.97
CA LEU C 410 -12.47 -6.70 24.41
C LEU C 410 -12.51 -6.78 25.94
N TYR C 411 -11.73 -7.71 26.50
CA TYR C 411 -11.47 -7.88 27.95
C TYR C 411 -11.28 -6.49 28.57
N SER C 412 -10.21 -5.79 28.17
CA SER C 412 -9.77 -4.52 28.80
C SER C 412 -10.94 -3.53 28.84
N TYR C 413 -11.55 -3.25 27.69
CA TYR C 413 -12.49 -2.12 27.54
C TYR C 413 -13.85 -2.51 28.13
N VAL C 414 -14.41 -3.65 27.74
CA VAL C 414 -15.79 -4.03 28.15
C VAL C 414 -15.78 -4.58 29.58
N TYR C 415 -14.65 -5.09 30.10
CA TYR C 415 -14.56 -5.66 31.47
C TYR C 415 -13.71 -4.80 32.42
N GLN C 416 -13.16 -3.66 31.98
CA GLN C 416 -12.60 -2.63 32.92
C GLN C 416 -13.18 -1.24 32.63
N ASP C 417 -14.27 -1.15 31.85
CA ASP C 417 -15.23 -0.01 31.87
C ASP C 417 -16.57 -0.48 32.42
N GLY C 418 -16.97 -1.74 32.13
CA GLY C 418 -18.14 -2.39 32.75
C GLY C 418 -18.08 -2.33 34.26
N LEU C 419 -17.10 -3.02 34.85
CA LEU C 419 -16.91 -3.14 36.33
C LEU C 419 -16.48 -1.81 36.97
N ARG C 420 -16.16 -0.79 36.16
CA ARG C 420 -15.85 0.58 36.66
C ARG C 420 -17.15 1.40 36.71
N LEU C 421 -17.84 1.53 35.57
CA LEU C 421 -19.07 2.38 35.44
C LEU C 421 -20.23 1.72 36.20
N LEU C 422 -20.50 0.43 35.95
CA LEU C 422 -21.53 -0.34 36.71
C LEU C 422 -21.09 -0.42 38.17
N GLY C 423 -19.79 -0.64 38.41
CA GLY C 423 -19.21 -0.88 39.75
C GLY C 423 -19.87 -2.07 40.43
N ALA C 424 -20.37 -3.02 39.63
CA ALA C 424 -21.25 -4.13 40.07
C ALA C 424 -20.41 -5.20 40.75
N ARG C 425 -20.72 -5.52 42.01
CA ARG C 425 -20.18 -6.69 42.76
C ARG C 425 -20.39 -7.97 41.93
N ALA C 426 -21.51 -8.06 41.21
CA ALA C 426 -21.82 -9.14 40.23
C ALA C 426 -20.92 -8.99 39.00
N ARG C 427 -20.11 -10.03 38.70
CA ARG C 427 -19.12 -10.05 37.58
C ARG C 427 -19.56 -11.05 36.49
N GLY C 428 -20.21 -12.15 36.85
CA GLY C 428 -20.73 -13.16 35.89
C GLY C 428 -21.53 -12.52 34.77
N VAL C 429 -22.37 -11.54 35.11
CA VAL C 429 -23.09 -10.63 34.17
C VAL C 429 -22.10 -10.05 33.14
N ALA C 430 -20.94 -9.57 33.60
CA ALA C 430 -19.91 -8.92 32.76
C ALA C 430 -19.22 -9.96 31.86
N MET C 431 -18.94 -11.17 32.39
CA MET C 431 -18.36 -12.31 31.61
C MET C 431 -19.24 -12.57 30.38
N LEU C 432 -20.54 -12.84 30.60
CA LEU C 432 -21.52 -13.12 29.50
C LEU C 432 -21.73 -11.85 28.66
N GLY C 433 -21.72 -10.66 29.29
CA GLY C 433 -21.78 -9.36 28.61
C GLY C 433 -20.75 -9.27 27.50
N VAL C 434 -19.46 -9.43 27.84
CA VAL C 434 -18.30 -9.43 26.91
C VAL C 434 -18.53 -10.43 25.79
N PHE C 435 -18.92 -11.67 26.15
CA PHE C 435 -19.00 -12.83 25.23
C PHE C 435 -20.13 -12.65 24.23
N LEU C 436 -21.28 -12.09 24.64
CA LEU C 436 -22.39 -11.75 23.70
C LEU C 436 -21.99 -10.56 22.82
N VAL C 437 -21.16 -9.63 23.31
CA VAL C 437 -20.56 -8.55 22.47
C VAL C 437 -19.74 -9.20 21.36
N SER C 438 -18.87 -10.16 21.71
CA SER C 438 -18.04 -10.95 20.76
C SER C 438 -18.95 -11.69 19.77
N ALA C 439 -19.93 -12.44 20.28
CA ALA C 439 -20.88 -13.26 19.48
C ALA C 439 -21.64 -12.37 18.48
N VAL C 440 -22.21 -11.26 18.95
CA VAL C 440 -23.00 -10.28 18.13
C VAL C 440 -22.09 -9.73 17.01
N ALA C 441 -20.86 -9.35 17.34
CA ALA C 441 -19.85 -8.83 16.38
C ALA C 441 -19.60 -9.87 15.28
N HIS C 442 -19.35 -11.13 15.66
CA HIS C 442 -19.05 -12.26 14.73
C HIS C 442 -20.28 -12.59 13.87
N GLU C 443 -21.46 -12.64 14.48
CA GLU C 443 -22.76 -12.84 13.77
C GLU C 443 -22.92 -11.74 12.71
N TYR C 444 -22.68 -10.47 13.08
CA TYR C 444 -22.72 -9.31 12.16
C TYR C 444 -21.74 -9.51 11.01
N ILE C 445 -20.50 -9.92 11.31
CA ILE C 445 -19.43 -10.18 10.29
C ILE C 445 -19.99 -11.14 9.23
N PHE C 446 -20.56 -12.28 9.64
CA PHE C 446 -21.09 -13.34 8.74
C PHE C 446 -22.35 -12.85 8.01
N CYS C 447 -23.29 -12.24 8.75
CA CYS C 447 -24.51 -11.59 8.21
C CYS C 447 -24.14 -10.61 7.08
N PHE C 448 -22.96 -9.98 7.17
CA PHE C 448 -22.43 -9.06 6.12
C PHE C 448 -21.81 -9.83 4.96
N VAL C 449 -20.87 -10.75 5.24
CA VAL C 449 -20.03 -11.43 4.21
C VAL C 449 -20.93 -12.22 3.25
N LEU C 450 -21.70 -13.17 3.78
CA LEU C 450 -22.55 -14.08 2.95
C LEU C 450 -23.88 -13.40 2.56
N GLY C 451 -24.16 -12.19 3.09
CA GLY C 451 -25.32 -11.37 2.71
C GLY C 451 -26.63 -11.94 3.20
N PHE C 452 -26.59 -12.79 4.23
CA PHE C 452 -27.77 -13.41 4.89
C PHE C 452 -28.23 -12.53 6.06
N PHE C 453 -29.22 -13.01 6.80
CA PHE C 453 -29.59 -12.55 8.16
C PHE C 453 -29.71 -13.78 9.08
N TYR C 454 -28.93 -14.84 8.80
CA TYR C 454 -29.10 -16.20 9.36
C TYR C 454 -28.13 -16.39 10.53
N PRO C 455 -28.57 -16.16 11.80
CA PRO C 455 -27.65 -16.08 12.94
C PRO C 455 -27.54 -17.40 13.73
N VAL C 456 -26.93 -18.42 13.11
CA VAL C 456 -26.83 -19.81 13.67
C VAL C 456 -25.83 -19.83 14.83
N MET C 457 -24.64 -19.26 14.64
CA MET C 457 -23.47 -19.32 15.58
C MET C 457 -23.89 -18.81 16.97
N LEU C 458 -24.49 -17.61 17.01
CA LEU C 458 -24.89 -16.93 18.28
C LEU C 458 -25.89 -17.80 19.03
N ILE C 459 -26.87 -18.40 18.34
CA ILE C 459 -27.90 -19.29 18.94
C ILE C 459 -27.19 -20.49 19.57
N LEU C 460 -26.25 -21.12 18.83
CA LEU C 460 -25.44 -22.27 19.32
C LEU C 460 -24.66 -21.86 20.57
N PHE C 461 -23.82 -20.83 20.46
CA PHE C 461 -22.96 -20.34 21.57
C PHE C 461 -23.84 -20.04 22.79
N LEU C 462 -24.90 -19.24 22.60
CA LEU C 462 -25.85 -18.82 23.67
C LEU C 462 -26.46 -20.07 24.32
N VAL C 463 -27.05 -20.97 23.53
CA VAL C 463 -27.89 -22.10 24.07
C VAL C 463 -27.02 -23.04 24.91
N ILE C 464 -25.83 -23.42 24.41
CA ILE C 464 -24.91 -24.33 25.16
C ILE C 464 -24.21 -23.55 26.27
N GLY C 465 -24.00 -22.25 26.09
CA GLY C 465 -23.64 -21.33 27.19
C GLY C 465 -24.59 -21.52 28.35
N GLY C 466 -25.89 -21.27 28.12
CA GLY C 466 -26.99 -21.57 29.04
C GLY C 466 -26.93 -22.98 29.59
N MET C 467 -26.76 -23.98 28.71
CA MET C 467 -26.73 -25.43 29.06
C MET C 467 -25.68 -25.71 30.15
N LEU C 468 -24.42 -25.34 29.90
CA LEU C 468 -23.28 -25.69 30.81
C LEU C 468 -23.25 -24.75 32.01
N ASN C 469 -23.67 -23.48 31.87
CA ASN C 469 -23.57 -22.46 32.96
C ASN C 469 -24.83 -22.45 33.85
N PHE C 470 -25.89 -23.21 33.53
CA PHE C 470 -27.09 -23.38 34.40
C PHE C 470 -27.16 -24.80 35.00
N MET C 471 -26.74 -25.82 34.24
CA MET C 471 -27.11 -27.26 34.46
C MET C 471 -25.86 -28.13 34.37
N ALA C 480 -8.59 -34.43 31.46
CA ALA C 480 -9.56 -35.37 30.87
C ALA C 480 -10.87 -34.67 30.46
N TRP C 481 -11.30 -33.63 31.21
CA TRP C 481 -12.51 -32.82 30.95
C TRP C 481 -12.40 -32.06 29.62
N ASN C 482 -11.19 -31.80 29.13
CA ASN C 482 -10.87 -31.11 27.85
C ASN C 482 -11.60 -31.76 26.67
N VAL C 483 -11.79 -33.09 26.71
CA VAL C 483 -12.33 -33.91 25.58
C VAL C 483 -13.76 -33.46 25.24
N LEU C 484 -14.62 -33.29 26.25
CA LEU C 484 -16.03 -32.81 26.08
C LEU C 484 -16.03 -31.48 25.30
N MET C 485 -15.16 -30.55 25.68
CA MET C 485 -14.98 -29.23 25.00
C MET C 485 -14.63 -29.49 23.53
N TRP C 486 -13.63 -30.34 23.28
CA TRP C 486 -13.15 -30.69 21.91
C TRP C 486 -14.28 -31.26 21.05
N THR C 487 -15.06 -32.20 21.58
CA THR C 487 -16.19 -32.86 20.88
C THR C 487 -17.26 -31.82 20.50
N MET C 488 -17.62 -30.96 21.47
CA MET C 488 -18.64 -29.90 21.27
C MET C 488 -18.12 -28.84 20.29
N LEU C 489 -16.81 -28.54 20.31
CA LEU C 489 -16.18 -27.63 19.31
C LEU C 489 -16.32 -28.26 17.92
N PHE C 490 -16.01 -29.57 17.77
CA PHE C 490 -16.14 -30.31 16.48
C PHE C 490 -17.56 -30.17 15.93
N LEU C 491 -18.58 -30.42 16.75
CA LEU C 491 -20.01 -30.33 16.33
C LEU C 491 -20.41 -28.88 16.10
N GLY C 492 -19.90 -27.94 16.90
CA GLY C 492 -20.04 -26.49 16.67
C GLY C 492 -19.62 -26.11 15.26
N GLN C 493 -18.41 -26.54 14.85
CA GLN C 493 -17.84 -26.34 13.50
C GLN C 493 -18.74 -27.03 12.47
N GLY C 494 -19.07 -28.31 12.70
CA GLY C 494 -19.93 -29.13 11.82
C GLY C 494 -21.26 -28.47 11.51
N ILE C 495 -21.97 -28.01 12.54
CA ILE C 495 -23.30 -27.33 12.41
C ILE C 495 -23.12 -26.02 11.62
N GLN C 496 -22.15 -25.18 12.00
CA GLN C 496 -21.94 -23.85 11.37
C GLN C 496 -21.68 -24.02 9.87
N VAL C 497 -20.68 -24.84 9.50
CA VAL C 497 -20.30 -25.07 8.07
C VAL C 497 -21.50 -25.65 7.30
N SER C 498 -22.18 -26.65 7.88
CA SER C 498 -23.32 -27.35 7.22
C SER C 498 -24.40 -26.33 6.89
N LEU C 499 -24.94 -25.65 7.90
CA LEU C 499 -26.09 -24.71 7.76
C LEU C 499 -25.72 -23.52 6.88
N TYR C 500 -24.47 -23.04 6.91
CA TYR C 500 -24.02 -21.88 6.10
C TYR C 500 -23.88 -22.28 4.63
N CYS C 501 -23.42 -23.49 4.33
CA CYS C 501 -23.36 -24.04 2.95
C CYS C 501 -24.79 -24.24 2.41
N GLN C 502 -25.69 -24.78 3.22
CA GLN C 502 -27.13 -24.96 2.89
C GLN C 502 -27.76 -23.60 2.55
N GLU C 503 -27.49 -22.59 3.38
CA GLU C 503 -28.07 -21.23 3.24
C GLU C 503 -27.49 -20.54 2.01
N TRP C 504 -26.20 -20.72 1.71
CA TRP C 504 -25.51 -20.11 0.53
C TRP C 504 -25.97 -20.78 -0.77
N TYR C 505 -26.38 -22.06 -0.73
CA TYR C 505 -26.81 -22.84 -1.94
C TYR C 505 -28.34 -23.04 -1.97
N ALA C 506 -29.08 -22.48 -1.01
CA ALA C 506 -30.56 -22.34 -1.08
C ALA C 506 -30.97 -20.86 -1.26
N ARG C 507 -29.99 -19.93 -1.25
CA ARG C 507 -30.18 -18.49 -1.59
C ARG C 507 -29.53 -18.21 -2.96
N ARG C 508 -29.33 -19.25 -3.78
CA ARG C 508 -28.66 -19.15 -5.11
C ARG C 508 -29.10 -20.33 -5.98
N LYS D 108 28.21 -56.72 15.91
CA LYS D 108 27.33 -56.14 16.98
C LYS D 108 26.15 -57.08 17.26
N GLN D 109 25.71 -57.14 18.53
CA GLN D 109 24.46 -57.81 18.96
C GLN D 109 23.68 -56.82 19.83
N LYS D 110 22.35 -56.73 19.66
CA LYS D 110 21.49 -55.76 20.39
C LYS D 110 21.54 -56.08 21.89
N VAL D 111 21.70 -55.04 22.72
CA VAL D 111 21.82 -55.13 24.20
C VAL D 111 20.73 -54.25 24.83
N PHE D 112 20.04 -54.77 25.86
CA PHE D 112 18.76 -54.23 26.38
C PHE D 112 19.04 -53.33 27.58
N ILE D 113 18.42 -52.14 27.58
CA ILE D 113 18.52 -51.08 28.63
C ILE D 113 17.12 -50.93 29.27
N ILE D 114 16.97 -50.11 30.33
CA ILE D 114 15.66 -49.79 30.96
C ILE D 114 15.21 -48.40 30.46
N ARG D 115 15.26 -48.20 29.14
CA ARG D 115 14.61 -47.06 28.43
C ARG D 115 13.11 -47.32 28.35
N LYS D 116 12.30 -46.28 28.11
CA LYS D 116 10.81 -46.36 28.09
C LYS D 116 10.30 -45.96 26.70
N SER D 117 9.22 -46.61 26.24
CA SER D 117 8.57 -46.42 24.91
C SER D 117 8.45 -44.92 24.60
N LEU D 118 9.06 -44.49 23.49
CA LEU D 118 9.30 -43.06 23.16
C LEU D 118 8.01 -42.25 23.31
N LEU D 119 6.89 -42.74 22.77
CA LEU D 119 5.58 -42.02 22.80
C LEU D 119 5.11 -41.82 24.24
N ASP D 120 5.41 -42.76 25.15
CA ASP D 120 5.03 -42.68 26.59
C ASP D 120 5.82 -41.53 27.25
N GLU D 121 7.11 -41.38 26.91
CA GLU D 121 7.98 -40.30 27.46
C GLU D 121 7.60 -38.95 26.83
N LEU D 122 6.96 -38.98 25.65
CA LEU D 122 6.34 -37.77 25.01
C LEU D 122 5.01 -37.44 25.69
N MET D 123 4.18 -38.44 26.01
CA MET D 123 2.78 -38.25 26.50
C MET D 123 2.77 -37.57 27.88
N GLU D 124 3.88 -37.61 28.62
CA GLU D 124 4.06 -36.85 29.89
C GLU D 124 4.10 -35.34 29.61
N VAL D 125 4.48 -34.94 28.39
CA VAL D 125 4.32 -33.53 27.87
C VAL D 125 2.82 -33.31 27.63
N GLN D 126 2.34 -32.09 27.83
CA GLN D 126 0.89 -31.75 27.89
C GLN D 126 0.29 -31.75 26.47
N HIS D 127 0.98 -31.16 25.50
CA HIS D 127 0.47 -30.91 24.11
C HIS D 127 0.09 -32.23 23.42
N PHE D 128 0.77 -33.33 23.76
CA PHE D 128 0.50 -34.69 23.22
C PHE D 128 -0.70 -35.29 23.94
N ARG D 129 -0.93 -34.95 25.21
CA ARG D 129 -2.19 -35.29 25.94
C ARG D 129 -3.35 -34.62 25.20
N THR D 130 -3.16 -33.37 24.74
CA THR D 130 -4.16 -32.62 23.92
C THR D 130 -4.44 -33.37 22.62
N ILE D 131 -3.43 -33.64 21.78
CA ILE D 131 -3.60 -34.34 20.47
C ILE D 131 -4.38 -35.63 20.72
N TYR D 132 -3.93 -36.42 21.70
CA TYR D 132 -4.56 -37.71 22.13
C TYR D 132 -6.05 -37.47 22.45
N HIS D 133 -6.36 -36.40 23.19
CA HIS D 133 -7.74 -35.99 23.57
C HIS D 133 -8.56 -35.61 22.34
N MET D 134 -7.97 -34.85 21.40
CA MET D 134 -8.59 -34.49 20.08
C MET D 134 -9.06 -35.77 19.37
N PHE D 135 -8.26 -36.84 19.41
CA PHE D 135 -8.53 -38.12 18.71
C PHE D 135 -9.68 -38.87 19.40
N ILE D 136 -9.71 -38.91 20.74
CA ILE D 136 -10.83 -39.53 21.50
C ILE D 136 -12.10 -38.70 21.25
N ALA D 137 -11.98 -37.38 21.10
CA ALA D 137 -13.11 -36.49 20.76
C ALA D 137 -13.65 -36.86 19.37
N GLY D 138 -12.76 -37.11 18.41
CA GLY D 138 -13.09 -37.67 17.08
C GLY D 138 -13.96 -38.91 17.19
N LEU D 139 -13.56 -39.88 18.02
CA LEU D 139 -14.33 -41.12 18.30
C LEU D 139 -15.72 -40.76 18.83
N CYS D 140 -15.78 -39.86 19.82
CA CYS D 140 -17.04 -39.43 20.49
C CYS D 140 -18.00 -38.78 19.47
N VAL D 141 -17.50 -37.99 18.52
CA VAL D 141 -18.32 -37.39 17.43
C VAL D 141 -18.92 -38.53 16.57
N PHE D 142 -18.07 -39.46 16.13
CA PHE D 142 -18.46 -40.64 15.30
C PHE D 142 -19.57 -41.42 16.02
N ILE D 143 -19.39 -41.75 17.30
CA ILE D 143 -20.37 -42.58 18.08
C ILE D 143 -21.69 -41.80 18.20
N ILE D 144 -21.64 -40.49 18.50
CA ILE D 144 -22.86 -39.64 18.67
C ILE D 144 -23.59 -39.56 17.32
N SER D 145 -22.89 -39.21 16.23
CA SER D 145 -23.48 -39.00 14.89
C SER D 145 -24.09 -40.31 14.36
N THR D 146 -23.35 -41.42 14.44
CA THR D 146 -23.79 -42.75 13.96
C THR D 146 -24.99 -43.23 14.80
N LEU D 147 -24.94 -43.06 16.13
CA LEU D 147 -26.06 -43.38 17.06
C LEU D 147 -27.31 -42.59 16.64
N ALA D 148 -27.15 -41.30 16.30
CA ALA D 148 -28.25 -40.39 15.90
C ALA D 148 -28.80 -40.75 14.52
N ILE D 149 -27.95 -41.20 13.59
CA ILE D 149 -28.35 -41.55 12.18
C ILE D 149 -29.04 -42.92 12.16
N ASP D 150 -28.45 -43.93 12.80
CA ASP D 150 -28.99 -45.32 12.81
C ASP D 150 -30.22 -45.41 13.74
N PHE D 151 -30.48 -44.37 14.55
CA PHE D 151 -31.71 -44.22 15.38
C PHE D 151 -32.94 -44.06 14.48
N ILE D 152 -32.81 -43.28 13.39
CA ILE D 152 -33.91 -42.95 12.43
C ILE D 152 -33.66 -43.67 11.10
N LEU D 158 -28.97 -52.08 14.55
CA LEU D 158 -28.76 -50.74 15.18
C LEU D 158 -27.45 -50.12 14.67
N LEU D 159 -26.33 -50.36 15.35
CA LEU D 159 -25.00 -49.74 15.08
C LEU D 159 -24.31 -50.47 13.93
N GLU D 160 -23.03 -50.18 13.66
CA GLU D 160 -22.17 -50.90 12.70
C GLU D 160 -21.37 -52.00 13.43
N PHE D 161 -22.04 -52.73 14.33
CA PHE D 161 -21.55 -53.95 15.02
C PHE D 161 -21.46 -55.12 14.03
N ASP D 162 -22.12 -55.00 12.87
CA ASP D 162 -22.22 -56.04 11.81
C ASP D 162 -20.83 -56.44 11.30
N LEU D 163 -19.94 -55.47 11.04
CA LEU D 163 -18.55 -55.71 10.56
C LEU D 163 -17.80 -56.52 11.62
N LEU D 164 -17.94 -56.19 12.90
CA LEU D 164 -17.32 -56.93 14.04
C LEU D 164 -17.85 -58.37 14.05
N ILE D 165 -19.17 -58.57 14.19
CA ILE D 165 -19.79 -59.93 14.30
C ILE D 165 -19.47 -60.75 13.04
N PHE D 166 -19.43 -60.13 11.85
CA PHE D 166 -19.07 -60.81 10.58
C PHE D 166 -17.58 -61.19 10.57
N SER D 167 -16.70 -60.23 10.85
CA SER D 167 -15.23 -60.34 10.72
C SER D 167 -14.64 -61.36 11.72
N PHE D 168 -15.31 -61.59 12.86
CA PHE D 168 -14.89 -62.52 13.93
C PHE D 168 -15.77 -63.79 13.93
N GLY D 169 -16.15 -64.25 12.73
CA GLY D 169 -17.07 -65.37 12.46
C GLY D 169 -16.83 -66.58 13.36
N GLN D 170 -15.76 -67.34 13.14
CA GLN D 170 -15.42 -68.57 13.91
C GLN D 170 -14.25 -68.30 14.87
N LEU D 171 -14.28 -67.14 15.56
CA LEU D 171 -13.21 -66.73 16.52
C LEU D 171 -12.96 -67.84 17.55
N PRO D 172 -13.99 -68.56 18.07
CA PRO D 172 -13.77 -69.77 18.86
C PRO D 172 -12.80 -70.78 18.22
N LEU D 173 -13.00 -71.09 16.93
CA LEU D 173 -12.14 -72.06 16.18
C LEU D 173 -10.74 -71.46 16.03
N ALA D 174 -10.66 -70.17 15.70
CA ALA D 174 -9.41 -69.39 15.52
C ALA D 174 -8.54 -69.47 16.79
N LEU D 175 -9.14 -69.53 17.99
CA LEU D 175 -8.39 -69.59 19.28
C LEU D 175 -8.05 -71.05 19.63
N VAL D 176 -8.98 -72.00 19.47
CA VAL D 176 -8.70 -73.46 19.74
C VAL D 176 -7.76 -74.02 18.66
N THR D 177 -7.51 -73.29 17.56
CA THR D 177 -6.39 -73.56 16.61
C THR D 177 -5.12 -72.85 17.07
N TRP D 178 -5.24 -71.73 17.78
CA TRP D 178 -4.09 -71.02 18.38
C TRP D 178 -3.40 -71.89 19.45
N VAL D 179 -4.17 -72.71 20.18
CA VAL D 179 -3.66 -73.52 21.34
C VAL D 179 -2.70 -74.60 20.85
N PRO D 180 -3.08 -75.50 19.91
CA PRO D 180 -2.14 -76.49 19.37
C PRO D 180 -0.83 -75.85 18.88
N MET D 181 -0.95 -74.69 18.22
CA MET D 181 0.21 -73.93 17.70
C MET D 181 1.15 -73.60 18.87
N PHE D 182 0.60 -72.89 19.86
CA PHE D 182 1.33 -72.38 21.06
C PHE D 182 2.02 -73.55 21.79
N LEU D 183 1.33 -74.69 21.92
CA LEU D 183 1.89 -75.91 22.60
C LEU D 183 3.03 -76.49 21.76
N SER D 184 2.89 -76.52 20.43
CA SER D 184 3.93 -77.03 19.48
C SER D 184 5.21 -76.20 19.64
N THR D 185 5.12 -74.87 19.47
CA THR D 185 6.25 -73.91 19.60
C THR D 185 6.81 -73.88 21.02
N LEU D 186 6.00 -74.18 22.05
CA LEU D 186 6.46 -74.21 23.46
C LEU D 186 7.33 -75.45 23.69
N LEU D 187 6.90 -76.63 23.22
CA LEU D 187 7.53 -77.93 23.56
C LEU D 187 8.59 -78.33 22.53
N ALA D 188 8.27 -78.34 21.22
CA ALA D 188 9.10 -78.96 20.17
C ALA D 188 10.50 -78.34 20.13
N PRO D 189 10.65 -76.99 20.04
CA PRO D 189 11.97 -76.35 19.99
C PRO D 189 12.88 -76.71 21.18
N TYR D 190 12.33 -76.69 22.39
CA TYR D 190 13.08 -76.88 23.66
C TYR D 190 13.57 -78.34 23.77
N GLN D 191 12.66 -79.31 23.61
CA GLN D 191 12.95 -80.76 23.69
C GLN D 191 14.00 -81.13 22.64
N ALA D 192 13.84 -80.62 21.42
CA ALA D 192 14.82 -80.78 20.33
C ALA D 192 16.19 -80.29 20.81
N LEU D 193 16.27 -79.05 21.31
CA LEU D 193 17.56 -78.45 21.75
C LEU D 193 18.17 -79.29 22.88
N ARG D 194 17.36 -79.66 23.88
CA ARG D 194 17.82 -80.36 25.11
C ARG D 194 18.38 -81.75 24.77
N LEU D 195 17.71 -82.50 23.88
CA LEU D 195 18.14 -83.86 23.45
C LEU D 195 19.28 -83.76 22.41
N TRP D 196 19.16 -82.84 21.45
CA TRP D 196 20.18 -82.56 20.38
C TRP D 196 21.51 -82.13 21.03
N ALA D 197 21.46 -81.39 22.15
CA ALA D 197 22.65 -80.97 22.92
C ALA D 197 23.01 -82.01 24.00
N ARG D 198 22.79 -83.30 23.74
CA ARG D 198 23.07 -84.42 24.68
C ARG D 198 23.91 -85.50 23.98
N GLY D 199 24.92 -85.07 23.20
CA GLY D 199 25.85 -85.96 22.48
C GLY D 199 26.84 -85.20 21.63
N GLY D 206 20.46 -86.54 17.06
CA GLY D 206 19.46 -87.59 17.37
C GLY D 206 18.15 -87.37 16.63
N LEU D 207 17.01 -87.50 17.34
CA LEU D 207 15.65 -87.33 16.78
C LEU D 207 15.31 -85.84 16.62
N GLY D 208 15.96 -84.94 17.38
CA GLY D 208 15.73 -83.48 17.36
C GLY D 208 15.68 -82.94 15.93
N CYS D 209 16.71 -83.27 15.13
CA CYS D 209 16.85 -82.93 13.68
C CYS D 209 15.59 -83.30 12.91
N ALA D 210 14.94 -84.42 13.28
CA ALA D 210 13.64 -84.88 12.72
C ALA D 210 12.47 -84.23 13.45
N LEU D 211 12.55 -84.10 14.78
CA LEU D 211 11.43 -83.62 15.66
C LEU D 211 11.02 -82.20 15.21
N LEU D 212 11.97 -81.27 15.18
CA LEU D 212 11.73 -79.84 14.84
C LEU D 212 11.20 -79.72 13.41
N ALA D 213 11.86 -80.40 12.47
CA ALA D 213 11.50 -80.44 11.03
C ALA D 213 10.10 -81.04 10.85
N ALA D 214 9.69 -81.97 11.72
CA ALA D 214 8.36 -82.63 11.69
C ALA D 214 7.30 -81.77 12.40
N HIS D 215 7.70 -80.96 13.40
CA HIS D 215 6.81 -80.05 14.18
C HIS D 215 7.08 -78.58 13.83
N ALA D 216 7.72 -78.31 12.69
CA ALA D 216 7.74 -77.00 12.00
C ALA D 216 6.62 -76.99 10.95
N VAL D 217 6.01 -78.15 10.67
CA VAL D 217 4.93 -78.34 9.65
C VAL D 217 3.56 -78.16 10.31
N VAL D 218 3.40 -78.55 11.58
CA VAL D 218 2.13 -78.37 12.36
C VAL D 218 1.75 -76.88 12.30
N LEU D 219 2.70 -76.00 12.67
CA LEU D 219 2.53 -74.52 12.69
C LEU D 219 2.59 -73.90 11.28
N CYS D 220 2.84 -74.70 10.24
CA CYS D 220 2.88 -74.26 8.83
C CYS D 220 1.66 -74.80 8.05
N ALA D 221 1.23 -76.03 8.33
CA ALA D 221 0.12 -76.73 7.62
C ALA D 221 -1.22 -76.44 8.31
N LEU D 222 -1.30 -76.59 9.65
CA LEU D 222 -2.56 -76.46 10.44
C LEU D 222 -3.21 -75.08 10.19
N PRO D 223 -2.49 -73.94 10.37
CA PRO D 223 -3.14 -72.63 10.28
C PRO D 223 -3.67 -72.27 8.89
N VAL D 224 -3.27 -73.02 7.85
CA VAL D 224 -3.80 -72.90 6.45
C VAL D 224 -5.03 -73.79 6.30
N HIS D 225 -4.91 -75.06 6.73
CA HIS D 225 -5.98 -76.10 6.66
C HIS D 225 -7.23 -75.62 7.39
N VAL D 226 -7.11 -75.02 8.58
CA VAL D 226 -8.28 -74.56 9.37
C VAL D 226 -8.79 -73.22 8.82
N ALA D 227 -7.97 -72.49 8.05
CA ALA D 227 -8.31 -71.16 7.47
C ALA D 227 -9.02 -71.31 6.12
N VAL D 228 -8.62 -72.27 5.28
CA VAL D 228 -9.16 -72.43 3.89
C VAL D 228 -10.31 -73.46 3.90
N GLU D 229 -10.11 -74.62 4.55
CA GLU D 229 -11.05 -75.78 4.47
C GLU D 229 -12.31 -75.49 5.30
N HIS D 230 -12.29 -74.50 6.20
CA HIS D 230 -13.42 -74.09 7.08
C HIS D 230 -14.00 -72.72 6.69
N GLN D 231 -13.42 -72.03 5.69
CA GLN D 231 -13.91 -70.75 5.13
C GLN D 231 -14.08 -69.72 6.27
N LEU D 232 -12.98 -69.32 6.90
CA LEU D 232 -12.95 -68.27 7.95
C LEU D 232 -13.11 -66.88 7.32
N PRO D 233 -13.61 -65.88 8.07
CA PRO D 233 -13.59 -64.48 7.61
C PRO D 233 -12.18 -63.91 7.59
N PRO D 234 -11.97 -62.64 7.18
CA PRO D 234 -10.63 -62.03 7.21
C PRO D 234 -10.04 -61.86 8.61
N ALA D 235 -10.73 -61.18 9.54
CA ALA D 235 -10.18 -60.73 10.84
C ALA D 235 -9.90 -61.91 11.77
N SER D 236 -10.76 -62.94 11.76
CA SER D 236 -10.60 -64.19 12.56
C SER D 236 -9.49 -65.07 11.97
N ARG D 237 -9.04 -64.80 10.73
CA ARG D 237 -7.96 -65.54 10.03
C ARG D 237 -6.59 -64.88 10.32
N CYS D 238 -6.50 -63.56 10.24
CA CYS D 238 -5.26 -62.75 10.45
C CYS D 238 -4.61 -63.14 11.79
N VAL D 239 -5.43 -63.41 12.81
CA VAL D 239 -4.98 -63.96 14.13
C VAL D 239 -3.97 -65.08 13.86
N LEU D 240 -4.42 -66.18 13.25
CA LEU D 240 -3.59 -67.39 12.96
C LEU D 240 -2.40 -67.03 12.04
N VAL D 241 -2.60 -66.11 11.09
CA VAL D 241 -1.51 -65.64 10.17
C VAL D 241 -0.37 -65.11 11.02
N PHE D 242 -0.67 -64.09 11.85
CA PHE D 242 0.32 -63.41 12.72
C PHE D 242 0.95 -64.42 13.69
N GLU D 243 0.17 -65.38 14.20
CA GLU D 243 0.61 -66.34 15.23
C GLU D 243 1.57 -67.37 14.62
N GLN D 244 1.35 -67.79 13.37
CA GLN D 244 2.24 -68.76 12.68
C GLN D 244 3.57 -68.06 12.36
N VAL D 245 3.53 -66.82 11.85
CA VAL D 245 4.77 -66.05 11.49
C VAL D 245 5.50 -65.69 12.79
N ARG D 246 4.76 -65.31 13.83
CA ARG D 246 5.30 -64.94 15.17
C ARG D 246 6.08 -66.13 15.74
N PHE D 247 5.48 -67.32 15.76
CA PHE D 247 6.09 -68.54 16.36
C PHE D 247 7.28 -69.02 15.51
N LEU D 248 7.14 -69.07 14.18
CA LEU D 248 8.28 -69.33 13.24
C LEU D 248 9.44 -68.41 13.63
N MET D 249 9.19 -67.10 13.67
CA MET D 249 10.20 -66.04 13.94
C MET D 249 10.94 -66.34 15.26
N LYS D 250 10.23 -66.42 16.38
CA LYS D 250 10.87 -66.44 17.73
C LYS D 250 11.34 -67.87 18.09
N SER D 251 10.70 -68.93 17.58
CA SER D 251 11.18 -70.33 17.74
C SER D 251 12.55 -70.48 17.08
N TYR D 252 12.68 -70.00 15.83
CA TYR D 252 13.95 -70.02 15.06
C TYR D 252 15.01 -69.15 15.76
N SER D 253 14.62 -67.95 16.22
CA SER D 253 15.48 -67.02 17.01
C SER D 253 16.08 -67.77 18.20
N PHE D 254 15.22 -68.30 19.07
CA PHE D 254 15.59 -69.13 20.25
C PHE D 254 16.64 -70.16 19.86
N LEU D 255 16.35 -70.95 18.82
CA LEU D 255 17.22 -72.07 18.37
C LEU D 255 18.59 -71.54 17.96
N ARG D 256 18.63 -70.58 17.03
CA ARG D 256 19.90 -70.05 16.45
C ARG D 256 20.68 -69.25 17.50
N GLU D 257 20.04 -68.76 18.56
CA GLU D 257 20.72 -68.11 19.72
C GLU D 257 21.42 -69.16 20.59
N ALA D 258 20.73 -70.26 20.91
CA ALA D 258 21.15 -71.24 21.95
C ALA D 258 21.92 -72.42 21.35
N VAL D 259 21.97 -72.56 20.01
CA VAL D 259 22.82 -73.58 19.30
C VAL D 259 24.31 -73.22 19.45
N PRO D 260 24.79 -72.01 19.09
CA PRO D 260 26.22 -71.69 19.21
C PRO D 260 26.81 -71.82 20.62
N GLY D 261 25.96 -71.83 21.66
CA GLY D 261 26.31 -72.24 23.03
C GLY D 261 26.70 -73.71 23.11
N ILE D 262 26.14 -74.55 22.23
CA ILE D 262 26.35 -76.03 22.18
C ILE D 262 27.46 -76.39 21.18
N LEU D 263 27.86 -75.46 20.30
CA LEU D 263 29.03 -75.64 19.39
C LEU D 263 30.33 -75.80 20.21
N ARG D 264 30.33 -75.39 21.49
CA ARG D 264 31.37 -75.74 22.50
C ARG D 264 31.53 -77.26 22.54
N ALA D 265 32.70 -77.76 22.11
CA ALA D 265 33.04 -79.20 22.00
C ALA D 265 33.54 -79.73 23.35
N ALA D 273 22.25 -75.99 27.55
CA ALA D 273 20.78 -76.12 27.74
C ALA D 273 20.27 -74.93 28.54
N PRO D 274 19.57 -73.95 27.91
CA PRO D 274 19.06 -72.78 28.63
C PRO D 274 17.85 -73.13 29.50
N SER D 275 17.67 -72.44 30.63
CA SER D 275 16.56 -72.65 31.61
C SER D 275 15.22 -72.49 30.89
N PHE D 276 14.32 -73.47 31.03
CA PHE D 276 13.03 -73.57 30.30
C PHE D 276 12.15 -72.35 30.64
N SER D 277 11.97 -72.07 31.94
CA SER D 277 11.20 -70.92 32.47
C SER D 277 11.50 -69.64 31.65
N SER D 278 12.77 -69.43 31.29
CA SER D 278 13.24 -68.32 30.41
C SER D 278 12.59 -68.43 29.03
N TYR D 279 12.51 -69.65 28.46
CA TYR D 279 11.92 -69.89 27.11
C TYR D 279 10.41 -69.65 27.16
N LEU D 280 9.71 -70.14 28.20
CA LEU D 280 8.26 -69.89 28.40
C LEU D 280 8.03 -68.37 28.44
N TYR D 281 8.74 -67.68 29.34
CA TYR D 281 8.69 -66.21 29.50
C TYR D 281 8.99 -65.52 28.16
N PHE D 282 9.96 -66.04 27.41
CA PHE D 282 10.41 -65.50 26.10
C PHE D 282 9.25 -65.53 25.08
N LEU D 283 8.48 -66.62 25.03
CA LEU D 283 7.37 -66.79 24.02
C LEU D 283 6.34 -65.67 24.14
N PHE D 284 6.15 -65.09 25.33
CA PHE D 284 5.16 -64.01 25.60
C PHE D 284 5.83 -62.62 25.66
N CYS D 285 7.15 -62.56 25.87
CA CYS D 285 7.91 -61.28 26.00
C CYS D 285 7.80 -60.52 24.67
N PRO D 286 7.58 -59.19 24.71
CA PRO D 286 7.31 -58.41 23.50
C PRO D 286 8.48 -58.22 22.50
N THR D 287 9.63 -58.88 22.72
CA THR D 287 10.78 -58.92 21.76
C THR D 287 10.84 -60.29 21.07
N LEU D 288 11.52 -60.35 19.91
CA LEU D 288 11.75 -61.59 19.12
C LEU D 288 13.18 -62.12 19.32
N ILE D 289 14.10 -61.32 19.88
CA ILE D 289 15.49 -61.73 20.21
C ILE D 289 15.45 -62.53 21.53
N TYR D 290 16.04 -63.73 21.54
CA TYR D 290 16.19 -64.57 22.76
C TYR D 290 17.49 -64.20 23.48
N ARG D 291 17.41 -63.37 24.52
CA ARG D 291 18.56 -62.82 25.27
C ARG D 291 18.70 -63.45 26.66
N GLU D 292 17.62 -64.05 27.21
CA GLU D 292 17.54 -64.76 28.52
C GLU D 292 18.15 -63.95 29.68
N THR D 293 18.26 -62.62 29.55
CA THR D 293 18.60 -61.67 30.65
C THR D 293 17.37 -60.78 30.90
N TYR D 294 17.01 -59.97 29.90
CA TYR D 294 15.78 -59.14 29.82
C TYR D 294 15.69 -58.22 31.04
N PRO D 295 16.31 -57.02 31.03
CA PRO D 295 16.30 -56.13 32.19
C PRO D 295 14.86 -55.79 32.60
N ARG D 296 14.52 -56.03 33.88
CA ARG D 296 13.12 -56.00 34.39
C ARG D 296 12.92 -54.80 35.33
N THR D 297 11.65 -54.47 35.56
CA THR D 297 11.17 -53.27 36.30
C THR D 297 10.67 -53.71 37.68
N PRO D 298 10.57 -52.80 38.68
CA PRO D 298 10.21 -53.18 40.05
C PRO D 298 8.88 -53.94 40.23
N TYR D 299 7.77 -53.41 39.70
CA TYR D 299 6.39 -53.87 40.02
C TYR D 299 5.43 -53.61 38.85
N VAL D 300 4.18 -54.07 39.00
CA VAL D 300 3.11 -54.11 37.96
C VAL D 300 2.09 -53.00 38.26
N ARG D 301 2.08 -51.94 37.44
CA ARG D 301 1.13 -50.79 37.56
C ARG D 301 -0.19 -51.19 36.87
N TRP D 302 -1.05 -51.92 37.59
CA TRP D 302 -2.28 -52.54 37.05
C TRP D 302 -3.25 -51.48 36.52
N ASN D 303 -3.24 -50.27 37.10
CA ASN D 303 -3.95 -49.07 36.58
C ASN D 303 -3.48 -48.79 35.14
N TYR D 304 -2.15 -48.78 34.91
CA TYR D 304 -1.52 -48.46 33.61
C TYR D 304 -1.93 -49.49 32.56
N VAL D 305 -1.86 -50.80 32.88
CA VAL D 305 -2.18 -51.89 31.91
C VAL D 305 -3.69 -51.84 31.58
N ALA D 306 -4.55 -51.59 32.58
CA ALA D 306 -6.01 -51.42 32.40
C ALA D 306 -6.28 -50.28 31.40
N LYS D 307 -5.60 -49.14 31.58
CA LYS D 307 -5.65 -47.96 30.69
C LYS D 307 -5.25 -48.35 29.26
N ASN D 308 -4.13 -49.08 29.12
CA ASN D 308 -3.54 -49.45 27.80
C ASN D 308 -4.49 -50.38 27.03
N PHE D 309 -5.09 -51.37 27.71
CA PHE D 309 -6.06 -52.31 27.08
C PHE D 309 -7.34 -51.55 26.69
N ALA D 310 -7.83 -50.65 27.56
CA ALA D 310 -8.99 -49.78 27.29
C ALA D 310 -8.76 -48.97 26.00
N GLN D 311 -7.55 -48.43 25.83
CA GLN D 311 -7.13 -47.67 24.62
C GLN D 311 -7.10 -48.59 23.39
N ALA D 312 -6.49 -49.78 23.52
CA ALA D 312 -6.36 -50.80 22.43
C ALA D 312 -7.74 -51.20 21.91
N LEU D 313 -8.72 -51.37 22.81
CA LEU D 313 -10.10 -51.79 22.47
C LEU D 313 -10.87 -50.60 21.87
N GLY D 314 -10.70 -49.39 22.43
CA GLY D 314 -11.18 -48.13 21.85
C GLY D 314 -10.66 -47.92 20.42
N CYS D 315 -9.40 -48.31 20.18
CA CYS D 315 -8.69 -48.25 18.88
C CYS D 315 -9.36 -49.20 17.87
N VAL D 316 -9.60 -50.46 18.25
CA VAL D 316 -10.33 -51.47 17.41
C VAL D 316 -11.71 -50.89 17.02
N LEU D 317 -12.43 -50.30 17.98
CA LEU D 317 -13.76 -49.66 17.75
C LEU D 317 -13.61 -48.48 16.78
N TYR D 318 -12.52 -47.71 16.88
CA TYR D 318 -12.23 -46.56 15.98
C TYR D 318 -12.07 -47.08 14.54
N ALA D 319 -11.28 -48.14 14.35
CA ALA D 319 -11.03 -48.81 13.05
C ALA D 319 -12.36 -49.36 12.49
N CYS D 320 -13.21 -49.94 13.35
CA CYS D 320 -14.55 -50.47 13.01
C CYS D 320 -15.40 -49.37 12.38
N PHE D 321 -15.42 -48.17 12.99
CA PHE D 321 -16.17 -46.99 12.49
C PHE D 321 -15.56 -46.53 11.16
N ILE D 322 -14.23 -46.33 11.09
CA ILE D 322 -13.52 -45.85 9.86
C ILE D 322 -13.91 -46.76 8.67
N LEU D 323 -13.83 -48.08 8.83
CA LEU D 323 -14.19 -49.05 7.76
C LEU D 323 -15.69 -48.91 7.43
N GLY D 324 -16.56 -49.08 8.43
CA GLY D 324 -18.03 -49.11 8.26
C GLY D 324 -18.62 -47.80 7.79
N ARG D 325 -17.86 -46.70 7.80
CA ARG D 325 -18.35 -45.34 7.46
C ARG D 325 -17.65 -44.76 6.23
N LEU D 326 -16.33 -44.96 6.05
CA LEU D 326 -15.54 -44.23 5.01
C LEU D 326 -14.88 -45.17 3.98
N CYS D 327 -15.05 -46.50 4.07
CA CYS D 327 -14.47 -47.47 3.10
C CYS D 327 -15.58 -48.22 2.37
N VAL D 328 -16.48 -48.89 3.11
CA VAL D 328 -17.57 -49.75 2.56
C VAL D 328 -18.43 -48.92 1.58
N PRO D 329 -18.95 -47.72 1.96
CA PRO D 329 -19.83 -46.96 1.07
C PRO D 329 -19.23 -46.58 -0.31
N VAL D 330 -17.99 -46.10 -0.32
CA VAL D 330 -17.25 -45.67 -1.55
C VAL D 330 -16.98 -46.90 -2.44
N PHE D 331 -16.64 -48.04 -1.84
CA PHE D 331 -16.08 -49.23 -2.53
C PHE D 331 -17.15 -50.29 -2.84
N ALA D 332 -18.33 -50.23 -2.20
CA ALA D 332 -19.44 -51.20 -2.41
C ALA D 332 -19.85 -51.24 -3.90
N ASN D 333 -19.92 -50.07 -4.55
CA ASN D 333 -20.43 -49.91 -5.93
C ASN D 333 -19.25 -49.93 -6.92
N MET D 334 -18.59 -51.08 -7.05
CA MET D 334 -17.58 -51.37 -8.12
C MET D 334 -18.14 -52.35 -9.15
N SER D 335 -19.29 -52.99 -8.86
CA SER D 335 -20.14 -53.70 -9.86
C SER D 335 -20.45 -52.76 -11.05
N ARG D 336 -20.46 -51.45 -10.80
CA ARG D 336 -20.48 -50.36 -11.81
C ARG D 336 -19.57 -50.70 -13.00
N GLU D 337 -20.07 -50.51 -14.22
CA GLU D 337 -19.44 -50.95 -15.49
C GLU D 337 -18.23 -50.09 -15.85
N PRO D 338 -18.27 -48.74 -15.78
CA PRO D 338 -17.30 -47.89 -16.48
C PRO D 338 -15.82 -48.33 -16.44
N PHE D 339 -15.27 -48.53 -15.23
CA PHE D 339 -13.81 -48.68 -14.95
C PHE D 339 -13.06 -47.48 -15.55
N SER D 340 -13.68 -46.29 -15.53
CA SER D 340 -13.08 -45.03 -16.03
C SER D 340 -11.94 -44.63 -15.09
N THR D 341 -10.83 -44.15 -15.65
CA THR D 341 -9.56 -43.88 -14.91
C THR D 341 -9.77 -42.69 -13.95
N ARG D 342 -10.65 -41.73 -14.32
CA ARG D 342 -11.09 -40.61 -13.44
C ARG D 342 -11.69 -41.20 -12.15
N ALA D 343 -12.70 -42.07 -12.29
CA ALA D 343 -13.43 -42.74 -11.19
C ALA D 343 -12.44 -43.45 -10.25
N LEU D 344 -11.53 -44.25 -10.81
CA LEU D 344 -10.52 -45.03 -10.04
C LEU D 344 -9.59 -44.08 -9.28
N VAL D 345 -9.00 -43.10 -9.97
CA VAL D 345 -7.98 -42.18 -9.38
C VAL D 345 -8.63 -41.34 -8.28
N LEU D 346 -9.89 -40.91 -8.46
CA LEU D 346 -10.61 -40.10 -7.43
C LEU D 346 -11.03 -41.02 -6.26
N SER D 347 -11.29 -42.30 -6.51
CA SER D 347 -11.51 -43.33 -5.46
C SER D 347 -10.23 -43.49 -4.63
N ILE D 348 -9.06 -43.50 -5.27
CA ILE D 348 -7.71 -43.58 -4.62
C ILE D 348 -7.53 -42.36 -3.70
N LEU D 349 -7.80 -41.14 -4.18
CA LEU D 349 -7.70 -39.90 -3.37
C LEU D 349 -8.71 -39.94 -2.22
N HIS D 350 -9.96 -40.36 -2.49
CA HIS D 350 -11.04 -40.50 -1.48
C HIS D 350 -10.61 -41.48 -0.38
N ALA D 351 -9.87 -42.55 -0.73
CA ALA D 351 -9.53 -43.67 0.15
C ALA D 351 -8.16 -43.49 0.84
N THR D 352 -7.37 -42.48 0.47
CA THR D 352 -6.01 -42.25 1.05
C THR D 352 -6.11 -41.95 2.57
N LEU D 353 -7.22 -41.37 3.04
CA LEU D 353 -7.37 -40.91 4.45
C LEU D 353 -7.70 -42.06 5.39
N PRO D 354 -8.66 -42.97 5.09
CA PRO D 354 -8.80 -44.21 5.85
C PRO D 354 -7.49 -45.02 5.89
N GLY D 355 -6.74 -45.02 4.77
CA GLY D 355 -5.39 -45.59 4.68
C GLY D 355 -4.47 -45.12 5.79
N ILE D 356 -4.36 -43.80 5.99
CA ILE D 356 -3.41 -43.19 6.97
C ILE D 356 -3.90 -43.44 8.40
N PHE D 357 -5.21 -43.34 8.66
CA PHE D 357 -5.81 -43.57 10.00
C PHE D 357 -5.69 -45.07 10.34
N MET D 358 -5.90 -45.97 9.38
CA MET D 358 -5.63 -47.42 9.58
C MET D 358 -4.17 -47.60 10.00
N LEU D 359 -3.21 -47.00 9.29
CA LEU D 359 -1.75 -47.09 9.63
C LEU D 359 -1.51 -46.57 11.06
N LEU D 360 -1.92 -45.32 11.33
CA LEU D 360 -1.74 -44.66 12.66
C LEU D 360 -2.37 -45.51 13.77
N LEU D 361 -3.55 -46.09 13.53
CA LEU D 361 -4.26 -46.96 14.51
C LEU D 361 -3.47 -48.26 14.72
N ILE D 362 -3.16 -48.98 13.63
CA ILE D 362 -2.29 -50.20 13.65
C ILE D 362 -1.08 -49.88 14.53
N PHE D 363 -0.32 -48.85 14.15
CA PHE D 363 0.88 -48.38 14.88
C PHE D 363 0.53 -48.15 16.36
N PHE D 364 -0.35 -47.19 16.65
CA PHE D 364 -0.59 -46.72 18.04
C PHE D 364 -1.02 -47.91 18.91
N ALA D 365 -2.17 -48.51 18.60
CA ALA D 365 -2.74 -49.62 19.38
C ALA D 365 -1.69 -50.73 19.51
N PHE D 366 -1.26 -51.33 18.40
CA PHE D 366 -0.51 -52.61 18.42
C PHE D 366 0.97 -52.42 18.79
N LEU D 367 1.57 -51.23 18.62
CA LEU D 367 3.00 -51.00 18.95
C LEU D 367 3.19 -50.14 20.21
N HIS D 368 2.20 -49.35 20.63
CA HIS D 368 2.27 -48.61 21.93
C HIS D 368 1.34 -49.23 22.98
N CYS D 369 0.08 -49.53 22.66
CA CYS D 369 -0.93 -49.99 23.66
C CYS D 369 -0.71 -51.46 24.00
N TRP D 370 -0.73 -52.34 22.98
CA TRP D 370 -0.72 -53.82 23.14
C TRP D 370 0.61 -54.28 23.77
N LEU D 371 1.75 -53.90 23.19
CA LEU D 371 3.09 -54.39 23.61
C LEU D 371 3.52 -53.71 24.93
N ASN D 372 3.08 -52.48 25.22
CA ASN D 372 3.33 -51.84 26.55
C ASN D 372 2.49 -52.58 27.60
N ALA D 373 1.20 -52.81 27.33
CA ALA D 373 0.30 -53.56 28.24
C ALA D 373 0.95 -54.89 28.64
N PHE D 374 1.45 -55.63 27.64
CA PHE D 374 2.08 -56.96 27.81
C PHE D 374 3.50 -56.82 28.38
N ALA D 375 4.18 -55.69 28.15
CA ALA D 375 5.50 -55.36 28.75
C ALA D 375 5.33 -54.82 30.18
N GLU D 376 4.09 -54.57 30.64
CA GLU D 376 3.81 -54.11 32.03
C GLU D 376 3.30 -55.27 32.88
N MET D 377 2.51 -56.18 32.30
CA MET D 377 2.08 -57.44 32.96
C MET D 377 3.30 -58.31 33.27
N LEU D 378 4.34 -58.28 32.42
CA LEU D 378 5.54 -59.15 32.49
C LEU D 378 6.74 -58.44 33.14
N ARG D 379 6.66 -57.12 33.35
CA ARG D 379 7.74 -56.28 33.95
C ARG D 379 9.00 -56.34 33.06
N PHE D 380 8.84 -55.96 31.79
CA PHE D 380 9.90 -55.92 30.74
C PHE D 380 10.52 -54.51 30.69
N GLY D 381 11.83 -54.42 30.40
CA GLY D 381 12.56 -53.17 30.12
C GLY D 381 12.74 -52.98 28.62
N ASP D 382 13.61 -52.04 28.23
CA ASP D 382 13.87 -51.62 26.82
C ASP D 382 12.58 -51.73 26.00
N ARG D 383 11.59 -50.88 26.30
CA ARG D 383 10.28 -50.86 25.59
C ARG D 383 10.40 -49.94 24.35
N MET D 384 11.55 -49.94 23.67
CA MET D 384 11.77 -49.23 22.40
C MET D 384 11.39 -50.18 21.26
N PHE D 385 10.09 -50.50 21.17
CA PHE D 385 9.46 -51.33 20.11
C PHE D 385 9.39 -50.53 18.81
N TYR D 386 9.59 -49.21 18.90
CA TYR D 386 9.58 -48.24 17.77
C TYR D 386 10.40 -47.02 18.19
N ARG D 387 11.33 -46.60 17.33
CA ARG D 387 11.97 -45.25 17.37
C ARG D 387 11.01 -44.30 16.63
N ASP D 388 11.32 -43.01 16.64
CA ASP D 388 10.48 -41.96 15.97
C ASP D 388 10.63 -42.11 14.45
N TRP D 389 9.85 -43.00 13.84
CA TRP D 389 9.78 -43.17 12.35
C TRP D 389 9.24 -41.92 11.69
N TRP D 390 8.39 -41.16 12.39
CA TRP D 390 7.79 -39.88 11.91
C TRP D 390 8.86 -38.80 11.70
N ASN D 391 10.11 -39.02 12.13
CA ASN D 391 11.29 -38.15 11.84
C ASN D 391 12.23 -38.77 10.80
N SER D 392 11.92 -39.96 10.26
CA SER D 392 12.78 -40.67 9.28
C SER D 392 12.93 -39.84 8.00
N THR D 393 14.12 -39.27 7.78
CA THR D 393 14.45 -38.38 6.63
C THR D 393 14.29 -39.18 5.32
N SER D 394 15.00 -40.31 5.21
CA SER D 394 14.94 -41.27 4.08
C SER D 394 13.96 -42.40 4.39
N PHE D 395 13.82 -43.36 3.47
CA PHE D 395 12.80 -44.45 3.53
C PHE D 395 13.32 -45.61 4.37
N SER D 396 14.56 -46.06 4.11
CA SER D 396 15.24 -47.15 4.85
C SER D 396 15.14 -46.89 6.37
N ASN D 397 15.42 -45.64 6.79
CA ASN D 397 15.28 -45.17 8.19
C ASN D 397 13.84 -45.42 8.68
N TYR D 398 12.82 -45.10 7.88
CA TYR D 398 11.39 -45.36 8.20
C TYR D 398 11.24 -46.86 8.51
N TYR D 399 11.71 -47.73 7.61
CA TYR D 399 11.58 -49.20 7.72
C TYR D 399 12.37 -49.75 8.90
N ARG D 400 13.52 -49.14 9.25
CA ARG D 400 14.34 -49.55 10.42
C ARG D 400 13.69 -49.09 11.74
N THR D 401 12.92 -48.00 11.72
CA THR D 401 12.37 -47.33 12.94
C THR D 401 10.85 -47.52 13.06
N TRP D 402 10.23 -48.27 12.15
CA TRP D 402 8.79 -48.68 12.20
C TRP D 402 8.74 -50.18 12.51
N ASN D 403 8.07 -50.55 13.62
CA ASN D 403 8.00 -51.95 14.12
C ASN D 403 9.44 -52.43 14.33
N VAL D 404 10.17 -51.75 15.25
CA VAL D 404 11.63 -51.96 15.52
C VAL D 404 11.86 -53.40 16.02
N VAL D 405 10.88 -54.02 16.69
CA VAL D 405 10.98 -55.42 17.23
C VAL D 405 11.24 -56.40 16.08
N VAL D 406 10.39 -56.41 15.04
CA VAL D 406 10.52 -57.35 13.88
C VAL D 406 11.76 -56.95 13.08
N HIS D 407 11.97 -55.63 12.91
CA HIS D 407 13.18 -55.06 12.26
C HIS D 407 14.45 -55.65 12.90
N ASP D 408 14.53 -55.63 14.24
CA ASP D 408 15.73 -56.06 15.02
C ASP D 408 15.96 -57.56 14.84
N TRP D 409 14.91 -58.38 15.00
CA TRP D 409 14.95 -59.84 14.67
C TRP D 409 15.53 -59.98 13.26
N LEU D 410 14.86 -59.34 12.29
CA LEU D 410 15.14 -59.47 10.83
C LEU D 410 16.58 -58.99 10.57
N TYR D 411 16.87 -57.75 10.98
CA TYR D 411 18.22 -57.12 10.97
C TYR D 411 19.23 -58.16 11.44
N SER D 412 19.12 -58.59 12.71
CA SER D 412 20.13 -59.43 13.40
C SER D 412 20.41 -60.69 12.56
N TYR D 413 19.36 -61.44 12.22
CA TYR D 413 19.51 -62.81 11.66
C TYR D 413 19.88 -62.70 10.18
N VAL D 414 19.13 -61.94 9.38
CA VAL D 414 19.34 -61.91 7.90
C VAL D 414 20.54 -61.01 7.56
N TYR D 415 20.93 -60.06 8.42
CA TYR D 415 22.07 -59.12 8.17
C TYR D 415 23.27 -59.38 9.09
N GLN D 416 23.24 -60.39 9.99
CA GLN D 416 24.47 -60.89 10.66
C GLN D 416 24.58 -62.42 10.54
N ASP D 417 23.81 -63.05 9.63
CA ASP D 417 24.14 -64.38 9.05
C ASP D 417 24.43 -64.22 7.56
N GLY D 418 23.77 -63.27 6.87
CA GLY D 418 24.10 -62.87 5.49
C GLY D 418 25.56 -62.48 5.36
N LEU D 419 25.98 -61.39 6.02
CA LEU D 419 27.35 -60.82 5.95
C LEU D 419 28.38 -61.73 6.65
N ARG D 420 27.94 -62.77 7.35
CA ARG D 420 28.84 -63.79 7.95
C ARG D 420 29.07 -64.93 6.95
N LEU D 421 27.99 -65.57 6.48
CA LEU D 421 28.06 -66.75 5.57
C LEU D 421 28.52 -66.30 4.17
N LEU D 422 27.88 -65.29 3.59
CA LEU D 422 28.32 -64.69 2.29
C LEU D 422 29.71 -64.08 2.49
N GLY D 423 29.94 -63.41 3.63
CA GLY D 423 31.16 -62.65 3.92
C GLY D 423 31.42 -61.58 2.87
N ALA D 424 30.35 -61.08 2.24
CA ALA D 424 30.39 -60.23 1.04
C ALA D 424 30.75 -58.80 1.44
N ARG D 425 31.84 -58.25 0.88
CA ARG D 425 32.23 -56.82 0.97
C ARG D 425 31.05 -55.95 0.52
N ALA D 426 30.26 -56.41 -0.47
CA ALA D 426 29.01 -55.79 -0.94
C ALA D 426 27.91 -55.97 0.13
N ARG D 427 27.38 -54.87 0.66
CA ARG D 427 26.35 -54.86 1.75
C ARG D 427 24.98 -54.38 1.22
N GLY D 428 24.95 -53.47 0.23
CA GLY D 428 23.70 -52.98 -0.39
C GLY D 428 22.79 -54.10 -0.83
N VAL D 429 23.37 -55.16 -1.40
CA VAL D 429 22.71 -56.48 -1.71
C VAL D 429 21.95 -56.98 -0.46
N ALA D 430 22.59 -56.93 0.71
CA ALA D 430 22.04 -57.43 2.00
C ALA D 430 20.91 -56.52 2.48
N MET D 431 21.06 -55.19 2.33
CA MET D 431 20.02 -54.19 2.69
C MET D 431 18.72 -54.53 1.95
N LEU D 432 18.77 -54.62 0.62
CA LEU D 432 17.61 -54.99 -0.24
C LEU D 432 17.17 -56.43 0.03
N GLY D 433 18.13 -57.33 0.27
CA GLY D 433 17.88 -58.74 0.66
C GLY D 433 16.89 -58.82 1.83
N VAL D 434 17.24 -58.17 2.95
CA VAL D 434 16.42 -58.07 4.20
C VAL D 434 15.03 -57.52 3.83
N PHE D 435 14.99 -56.42 3.08
CA PHE D 435 13.76 -55.63 2.82
C PHE D 435 12.79 -56.43 1.92
N LEU D 436 13.30 -57.18 0.93
CA LEU D 436 12.44 -58.08 0.10
C LEU D 436 11.98 -59.28 0.94
N VAL D 437 12.77 -59.75 1.91
CA VAL D 437 12.34 -60.79 2.91
C VAL D 437 11.12 -60.25 3.65
N SER D 438 11.21 -59.02 4.17
CA SER D 438 10.10 -58.31 4.87
C SER D 438 8.89 -58.17 3.92
N ALA D 439 9.10 -57.65 2.71
CA ALA D 439 8.03 -57.41 1.71
C ALA D 439 7.31 -58.72 1.36
N VAL D 440 8.07 -59.78 1.06
CA VAL D 440 7.55 -61.13 0.70
C VAL D 440 6.69 -61.67 1.87
N ALA D 441 7.18 -61.55 3.10
CA ALA D 441 6.48 -61.98 4.34
C ALA D 441 5.13 -61.24 4.44
N HIS D 442 5.13 -59.92 4.27
CA HIS D 442 3.93 -59.05 4.38
C HIS D 442 2.93 -59.35 3.24
N GLU D 443 3.44 -59.51 2.01
CA GLU D 443 2.64 -59.92 0.83
C GLU D 443 1.95 -61.25 1.13
N TYR D 444 2.70 -62.23 1.65
CA TYR D 444 2.18 -63.56 2.06
C TYR D 444 1.06 -63.39 3.10
N ILE D 445 1.29 -62.56 4.13
CA ILE D 445 0.30 -62.27 5.20
C ILE D 445 -1.04 -61.84 4.56
N PHE D 446 -1.00 -60.88 3.64
CA PHE D 446 -2.22 -60.32 2.97
C PHE D 446 -2.83 -61.35 2.01
N CYS D 447 -1.99 -62.00 1.19
CA CYS D 447 -2.38 -63.12 0.28
C CYS D 447 -3.15 -64.19 1.06
N PHE D 448 -2.81 -64.39 2.35
CA PHE D 448 -3.49 -65.35 3.25
C PHE D 448 -4.80 -64.77 3.80
N VAL D 449 -4.76 -63.57 4.39
CA VAL D 449 -5.90 -62.97 5.15
C VAL D 449 -7.09 -62.80 4.21
N LEU D 450 -6.91 -62.02 3.13
CA LEU D 450 -8.01 -61.68 2.19
C LEU D 450 -8.25 -62.81 1.18
N GLY D 451 -7.39 -63.85 1.16
CA GLY D 451 -7.57 -65.07 0.36
C GLY D 451 -7.34 -64.82 -1.12
N PHE D 452 -6.62 -63.75 -1.47
CA PHE D 452 -6.26 -63.39 -2.87
C PHE D 452 -4.91 -64.01 -3.23
N PHE D 453 -4.39 -63.66 -4.40
CA PHE D 453 -2.97 -63.81 -4.80
C PHE D 453 -2.49 -62.47 -5.40
N TYR D 454 -3.01 -61.35 -4.90
CA TYR D 454 -2.88 -59.99 -5.51
C TYR D 454 -1.77 -59.22 -4.80
N PRO D 455 -0.53 -59.21 -5.33
CA PRO D 455 0.64 -58.69 -4.60
C PRO D 455 0.98 -57.24 -4.97
N VAL D 456 0.12 -56.29 -4.59
CA VAL D 456 0.24 -54.84 -4.96
C VAL D 456 1.40 -54.20 -4.17
N MET D 457 1.44 -54.39 -2.85
CA MET D 457 2.38 -53.73 -1.90
C MET D 457 3.83 -53.95 -2.34
N LEU D 458 4.21 -55.21 -2.59
CA LEU D 458 5.59 -55.61 -2.95
C LEU D 458 6.01 -54.91 -4.25
N ILE D 459 5.11 -54.85 -5.25
CA ILE D 459 5.36 -54.19 -6.57
C ILE D 459 5.63 -52.70 -6.30
N LEU D 460 4.80 -52.05 -5.47
CA LEU D 460 4.92 -50.61 -5.09
C LEU D 460 6.27 -50.38 -4.39
N PHE D 461 6.53 -51.10 -3.30
CA PHE D 461 7.80 -51.00 -2.52
C PHE D 461 8.99 -51.21 -3.46
N LEU D 462 9.01 -52.34 -4.18
CA LEU D 462 10.10 -52.72 -5.12
C LEU D 462 10.32 -51.59 -6.14
N VAL D 463 9.27 -51.19 -6.87
CA VAL D 463 9.39 -50.27 -8.04
C VAL D 463 9.97 -48.93 -7.56
N ILE D 464 9.42 -48.32 -6.50
CA ILE D 464 9.90 -46.99 -5.99
C ILE D 464 11.23 -47.17 -5.26
N GLY D 465 11.48 -48.35 -4.66
CA GLY D 465 12.82 -48.77 -4.22
C GLY D 465 13.82 -48.57 -5.35
N GLY D 466 13.60 -49.25 -6.47
CA GLY D 466 14.34 -49.09 -7.74
C GLY D 466 14.43 -47.62 -8.15
N MET D 467 13.31 -46.89 -8.14
CA MET D 467 13.20 -45.48 -8.58
C MET D 467 14.19 -44.59 -7.81
N LEU D 468 14.14 -44.62 -6.47
CA LEU D 468 14.95 -43.71 -5.60
C LEU D 468 16.39 -44.24 -5.48
N ASN D 469 16.61 -45.56 -5.51
CA ASN D 469 17.96 -46.17 -5.28
C ASN D 469 18.75 -46.33 -6.59
N PHE D 470 18.17 -46.05 -7.77
CA PHE D 470 18.88 -46.00 -9.07
C PHE D 470 19.02 -44.56 -9.60
N MET D 471 17.99 -43.73 -9.41
CA MET D 471 17.77 -42.48 -10.17
C MET D 471 17.46 -41.31 -9.23
N ALA D 480 13.67 -31.04 5.83
CA ALA D 480 12.78 -30.65 4.70
C ALA D 480 12.56 -31.80 3.71
N TRP D 481 13.55 -32.68 3.52
CA TRP D 481 13.50 -33.87 2.62
C TRP D 481 12.45 -34.89 3.10
N ASN D 482 12.13 -34.88 4.41
CA ASN D 482 11.13 -35.78 5.08
C ASN D 482 9.77 -35.72 4.36
N VAL D 483 9.40 -34.57 3.80
CA VAL D 483 8.04 -34.28 3.23
C VAL D 483 7.79 -35.23 2.04
N LEU D 484 8.76 -35.38 1.13
CA LEU D 484 8.67 -36.30 -0.04
C LEU D 484 8.32 -37.72 0.43
N MET D 485 9.01 -38.21 1.47
CA MET D 485 8.78 -39.54 2.10
C MET D 485 7.31 -39.60 2.57
N TRP D 486 6.87 -38.58 3.31
CA TRP D 486 5.48 -38.48 3.86
C TRP D 486 4.43 -38.54 2.75
N THR D 487 4.63 -37.77 1.66
CA THR D 487 3.70 -37.71 0.49
C THR D 487 3.60 -39.08 -0.18
N MET D 488 4.75 -39.72 -0.41
CA MET D 488 4.84 -41.07 -1.06
C MET D 488 4.25 -42.14 -0.13
N LEU D 489 4.42 -42.00 1.19
CA LEU D 489 3.78 -42.90 2.19
C LEU D 489 2.26 -42.76 2.09
N PHE D 490 1.73 -41.52 2.05
CA PHE D 490 0.28 -41.22 1.89
C PHE D 490 -0.27 -41.94 0.66
N LEU D 491 0.39 -41.79 -0.50
CA LEU D 491 -0.06 -42.41 -1.78
C LEU D 491 0.13 -43.94 -1.73
N GLY D 492 1.21 -44.42 -1.11
CA GLY D 492 1.41 -45.85 -0.81
C GLY D 492 0.20 -46.45 -0.10
N GLN D 493 -0.25 -45.79 0.99
CA GLN D 493 -1.45 -46.18 1.78
C GLN D 493 -2.69 -46.09 0.89
N GLY D 494 -2.87 -44.97 0.18
CA GLY D 494 -4.01 -44.71 -0.73
C GLY D 494 -4.18 -45.81 -1.78
N ILE D 495 -3.09 -46.17 -2.46
CA ILE D 495 -3.08 -47.23 -3.52
C ILE D 495 -3.44 -48.58 -2.87
N GLN D 496 -2.75 -48.96 -1.79
CA GLN D 496 -2.92 -50.28 -1.13
C GLN D 496 -4.39 -50.45 -0.71
N VAL D 497 -4.95 -49.51 0.05
CA VAL D 497 -6.36 -49.57 0.56
C VAL D 497 -7.33 -49.60 -0.62
N SER D 498 -7.12 -48.74 -1.64
CA SER D 498 -8.00 -48.63 -2.83
C SER D 498 -8.08 -50.00 -3.52
N LEU D 499 -6.94 -50.50 -4.00
CA LEU D 499 -6.85 -51.75 -4.81
C LEU D 499 -7.30 -52.98 -4.00
N TYR D 500 -7.05 -53.02 -2.68
CA TYR D 500 -7.46 -54.16 -1.81
C TYR D 500 -8.97 -54.15 -1.58
N CYS D 501 -9.59 -52.97 -1.45
CA CYS D 501 -11.07 -52.81 -1.37
C CYS D 501 -11.72 -53.22 -2.70
N GLN D 502 -11.15 -52.78 -3.83
CA GLN D 502 -11.58 -53.17 -5.20
C GLN D 502 -11.55 -54.70 -5.33
N GLU D 503 -10.43 -55.32 -4.93
CA GLU D 503 -10.19 -56.78 -5.08
C GLU D 503 -11.13 -57.57 -4.16
N TRP D 504 -11.40 -57.09 -2.94
CA TRP D 504 -12.31 -57.74 -1.96
C TRP D 504 -13.77 -57.61 -2.40
N TYR D 505 -14.13 -56.57 -3.16
CA TYR D 505 -15.52 -56.32 -3.63
C TYR D 505 -15.69 -56.59 -5.14
N ALA D 506 -14.65 -57.11 -5.82
CA ALA D 506 -14.74 -57.72 -7.17
C ALA D 506 -14.45 -59.22 -7.12
N ARG D 507 -14.16 -59.78 -5.93
CA ARG D 507 -14.06 -61.24 -5.65
C ARG D 507 -15.24 -61.66 -4.76
N ARG D 508 -16.32 -60.87 -4.75
CA ARG D 508 -17.53 -61.10 -3.91
C ARG D 508 -18.72 -60.35 -4.50
C01 7T8 E . 1.44 14.07 -23.85
C02 7T8 E . 1.70 14.18 -22.31
O03 7T8 E . 1.27 13.35 -21.57
O04 7T8 E . 2.47 15.26 -21.80
C05 7T8 E . 1.87 16.05 -20.73
C06 7T8 E . 2.61 17.39 -20.75
C07 7T8 E . 2.20 18.11 -22.08
C08 7T8 E . 3.15 19.34 -22.38
C09 7T8 E . 4.71 18.90 -22.41
C10 7T8 E . 5.16 18.27 -21.09
C11 7T8 E . 4.19 17.07 -20.64
C12 7T8 E . 4.60 16.56 -19.37
C13 7T8 E . 6.10 16.01 -19.39
C14 7T8 E . 7.14 17.11 -19.95
C15 7T8 E . 6.67 17.75 -21.15
C16 7T8 E . 7.73 18.85 -21.83
C17 7T8 E . 9.04 18.33 -21.95
C18 7T8 E . 9.29 16.85 -21.39
O19 7T8 E . 8.53 16.42 -20.16
C20 7T8 E . 10.51 16.13 -21.84
C21 7T8 E . 11.44 16.76 -22.96
O22 7T8 E . 11.02 18.05 -23.62
C23 7T8 E . 10.04 18.94 -22.93
O24 7T8 E . 10.04 20.10 -23.13
C25 7T8 E . 12.83 16.14 -23.25
C26 7T8 E . 13.14 15.66 -24.52
N27 7T8 E . 14.32 15.15 -24.81
C28 7T8 E . 15.25 15.07 -23.88
C29 7T8 E . 15.02 15.52 -22.57
C30 7T8 E . 13.79 16.07 -22.26
O31 7T8 E . 7.83 20.11 -21.18
C32 7T8 E . 7.35 18.16 -18.86
O33 7T8 E . 6.47 15.55 -18.17
C34 7T8 E . 7.18 14.31 -18.22
O35 7T8 E . 8.35 14.32 -18.12
C36 7T8 E . 6.42 12.98 -18.38
C37 7T8 E . 5.05 19.40 -20.00
O38 7T8 E . 0.85 18.52 -22.04
C39 7T8 E . 0.02 18.03 -23.10
O40 7T8 E . 0.46 17.69 -24.17
C41 7T8 E . -1.47 17.93 -22.86
C42 7T8 E . 2.19 18.22 -19.58
C1 CLR F . 4.30 9.32 -11.33
C2 CLR F . 5.16 8.12 -10.95
C3 CLR F . 5.35 8.04 -9.44
C4 CLR F . 4.00 7.89 -8.75
C5 CLR F . 3.07 8.98 -9.22
C6 CLR F . 2.40 9.74 -8.34
C7 CLR F . 1.01 10.24 -8.63
C8 CLR F . 0.80 10.44 -10.14
C9 CLR F . 2.14 10.52 -10.88
C10 CLR F . 2.91 9.23 -10.70
C11 CLR F . 1.98 10.87 -12.37
C12 CLR F . 1.01 12.01 -12.64
C13 CLR F . -0.28 11.71 -11.91
C14 CLR F . 0.02 11.69 -10.43
C15 CLR F . -1.33 11.87 -9.74
C16 CLR F . -2.16 12.69 -10.73
C17 CLR F . -1.40 12.74 -12.05
C18 CLR F . -0.80 10.35 -12.35
C19 CLR F . 2.14 8.06 -11.30
C20 CLR F . -2.31 12.44 -13.24
C21 CLR F . -1.76 13.05 -14.52
C22 CLR F . -3.73 12.92 -12.97
C23 CLR F . -4.07 14.12 -13.85
C24 CLR F . -5.35 14.80 -13.35
C25 CLR F . -5.94 15.69 -14.44
C26 CLR F . -5.31 17.09 -14.40
C27 CLR F . -5.77 15.07 -15.82
O1 CLR F . 6.17 6.91 -9.12
C1 CLR G . 10.34 31.02 -8.30
C2 CLR G . 11.24 32.03 -9.02
C3 CLR G . 12.11 31.35 -10.07
C4 CLR G . 11.22 30.68 -11.12
C5 CLR G . 10.22 29.79 -10.42
C6 CLR G . 10.05 28.52 -10.82
C7 CLR G . 8.69 27.85 -10.77
C8 CLR G . 7.84 28.43 -9.66
C9 CLR G . 8.69 29.17 -8.62
C10 CLR G . 9.41 30.33 -9.28
C11 CLR G . 7.89 29.63 -7.39
C12 CLR G . 6.94 28.57 -6.82
C13 CLR G . 6.11 28.02 -7.97
C14 CLR G . 7.06 27.35 -8.93
C15 CLR G . 6.18 26.43 -9.77
C16 CLR G . 5.03 26.04 -8.84
C17 CLR G . 5.10 26.94 -7.61
C18 CLR G . 5.39 29.17 -8.66
C19 CLR G . 8.39 31.34 -9.82
C20 CLR G . 3.75 27.52 -7.25
C21 CLR G . 3.66 27.83 -5.76
C22 CLR G . 2.62 26.59 -7.68
C23 CLR G . 1.53 26.51 -6.61
C24 CLR G . 0.52 25.42 -6.93
C25 CLR G . -0.69 25.51 -6.02
C26 CLR G . -0.44 24.82 -4.69
C27 CLR G . -1.10 26.97 -5.81
O1 CLR G . 12.94 32.33 -10.70
C1 OLA H . 4.97 4.57 -5.28
O1 OLA H . 5.78 3.63 -5.25
O2 OLA H . 3.77 4.42 -5.57
C2 OLA H . 5.43 5.98 -5.00
C3 OLA H . 6.83 6.11 -4.37
C4 OLA H . 7.53 7.31 -4.99
C5 OLA H . 8.80 7.75 -4.28
C6 OLA H . 10.08 7.27 -4.96
C7 OLA H . 10.29 7.91 -6.34
C8 OLA H . 11.76 7.92 -6.75
C9 OLA H . 11.94 7.26 -8.09
C10 OLA H . 11.81 7.81 -9.27
C11 OLA H . 11.43 9.25 -9.52
C12 OLA H . 10.26 9.29 -10.50
C13 OLA H . 10.60 8.61 -11.83
C14 OLA H . 10.15 9.42 -13.03
C15 OLA H . 10.45 8.62 -14.29
C16 OLA H . 10.65 9.54 -15.48
C17 OLA H . 10.79 8.72 -16.75
C18 OLA H . 11.74 9.37 -17.73
C01 7T8 I . -10.11 53.00 -16.33
C02 7T8 I . -8.57 53.20 -16.20
O03 7T8 I . -8.03 54.11 -16.75
O04 7T8 I . -7.80 52.30 -15.42
C05 7T8 I . -6.74 51.57 -16.09
C06 7T8 I . -6.47 50.35 -15.21
C07 7T8 I . -7.70 49.41 -15.35
C08 7T8 I . -7.70 48.28 -14.23
C09 7T8 I . -7.61 48.92 -12.74
C10 7T8 I . -6.36 49.78 -12.54
C11 7T8 I . -6.21 50.88 -13.71
C12 7T8 I . -4.96 51.58 -13.54
C13 7T8 I . -4.88 52.33 -12.12
C14 7T8 I . -5.20 51.35 -10.89
C15 7T8 I . -6.34 50.50 -11.11
C16 7T8 I . -6.72 49.48 -9.85
C17 7T8 I . -6.72 50.16 -8.60
C18 7T8 I . -6.41 51.72 -8.62
O19 7T8 I . -5.36 52.20 -9.58
C20 7T8 I . -6.85 52.53 -7.46
C21 7T8 I . -7.59 51.86 -6.24
O22 7T8 I . -7.89 50.38 -6.27
C23 7T8 I . -7.28 49.52 -7.34
O24 7T8 I . -7.24 48.34 -7.20
C25 7T8 I . -7.83 52.68 -4.94
C26 7T8 I . -9.12 53.07 -4.57
N27 7T8 I . -9.34 53.76 -3.47
C28 7T8 I . -8.35 54.09 -2.69
C29 7T8 I . -7.02 53.72 -2.97
C30 7T8 I . -6.77 53.01 -4.11
O31 7T8 I . -5.90 48.33 -9.70
C32 7T8 I . -3.96 50.47 -10.65
O33 7T8 I . -3.69 52.96 -11.96
C34 7T8 I . -3.78 54.24 -11.36
O35 7T8 I . -3.44 54.39 -10.25
C36 7T8 I . -4.34 55.43 -12.16
C37 7T8 I . -5.14 48.80 -12.65
O38 7T8 I . -7.77 48.82 -16.62
C39 7T8 I . -8.98 49.05 -17.36
O40 7T8 I . -10.01 49.33 -16.83
C41 7T8 I . -8.95 48.92 -18.87
C42 7T8 I . -5.24 49.64 -15.70
C1 CLR J . 1.79 59.74 -15.89
C2 CLR J . 2.11 61.11 -15.27
C3 CLR J . 3.60 61.40 -15.30
C4 CLR J . 4.10 61.42 -16.74
C5 CLR J . 3.66 60.15 -17.43
C6 CLR J . 4.55 59.42 -18.11
C7 CLR J . 4.16 58.67 -19.38
C8 CLR J . 2.70 58.26 -19.33
C9 CLR J . 2.14 58.29 -17.90
C10 CLR J . 2.23 59.71 -17.34
C11 CLR J . 0.71 57.74 -17.79
C12 CLR J . 0.48 56.43 -18.55
C13 CLR J . 0.99 56.61 -19.97
C14 CLR J . 2.48 56.86 -19.89
C15 CLR J . 3.01 56.57 -21.27
C16 CLR J . 2.07 55.52 -21.84
C17 CLR J . 0.87 55.43 -20.90
C18 CLR J . 0.31 57.82 -20.60
C19 CLR J . 1.37 60.65 -18.17
C20 CLR J . -0.44 55.43 -21.65
C21 CLR J . -1.55 54.75 -20.84
C22 CLR J . -0.30 54.77 -23.02
C23 CLR J . -1.02 53.43 -23.06
C24 CLR J . -0.59 52.61 -24.28
C25 CLR J . -1.62 51.53 -24.61
C26 CLR J . -1.31 50.25 -23.84
C27 CLR J . -3.03 52.02 -24.32
O1 CLR J . 3.85 62.67 -14.69
C1 CLR K . 8.69 39.63 -7.67
C2 CLR K . 8.24 38.67 -6.58
C3 CLR K . 7.21 39.34 -5.66
C4 CLR K . 5.98 39.73 -6.47
C5 CLR K . 6.42 40.56 -7.66
C6 CLR K . 5.82 41.73 -7.92
C7 CLR K . 5.60 42.20 -9.34
C8 CLR K . 6.68 41.65 -10.27
C9 CLR K . 7.90 41.18 -9.49
C10 CLR K . 7.52 40.04 -8.55
C11 CLR K . 9.08 40.76 -10.39
C12 CLR K . 9.37 41.75 -11.52
C13 CLR K . 8.07 42.02 -12.25
C14 CLR K . 7.13 42.70 -11.27
C15 CLR K . 6.07 43.37 -12.12
C16 CLR K . 6.78 43.71 -13.43
C17 CLR K . 8.14 43.00 -13.41
C18 CLR K . 7.46 40.71 -12.72
C19 CLR K . 7.00 38.86 -9.34
C20 CLR K . 8.41 42.28 -14.73
C21 CLR K . 9.91 42.17 -15.00
C22 CLR K . 7.71 42.98 -15.89
C23 CLR K . 8.61 43.06 -17.11
C24 CLR K . 7.97 43.89 -18.22
C25 CLR K . 8.73 43.74 -19.53
C26 CLR K . 9.96 44.64 -19.54
C27 CLR K . 9.11 42.29 -19.78
O1 CLR K . 6.83 38.41 -4.63
C1 OLA L . 7.48 65.37 -16.85
O1 OLA L . 7.59 66.47 -16.26
O2 OLA L . 7.15 65.29 -18.05
C2 OLA L . 7.70 64.08 -16.10
C3 OLA L . 8.38 64.23 -14.75
C4 OLA L . 8.11 62.97 -13.94
C5 OLA L . 9.03 62.78 -12.72
C6 OLA L . 8.47 63.34 -11.43
C7 OLA L . 7.26 62.58 -10.90
C8 OLA L . 7.04 62.81 -9.41
C9 OLA L . 5.65 63.35 -9.13
C10 OLA L . 4.56 62.60 -9.05
C11 OLA L . 4.50 61.09 -9.23
C12 OLA L . 3.35 60.74 -10.15
C13 OLA L . 2.00 61.26 -9.64
C14 OLA L . 0.88 60.25 -9.84
C15 OLA L . -0.44 60.89 -9.45
C16 OLA L . -1.44 59.82 -9.01
C17 OLA L . -2.83 60.44 -8.88
C18 OLA L . -3.56 59.88 -7.69
C01 7T8 M . -19.72 -17.88 7.51
C02 7T8 M . -18.17 -17.61 7.57
O03 7T8 M . -17.70 -16.76 6.89
O04 7T8 M . -17.37 -18.36 8.45
C05 7T8 M . -16.21 -19.03 7.88
C06 7T8 M . -15.86 -20.14 8.87
C07 7T8 M . -17.01 -21.19 8.80
C08 7T8 M . -16.93 -22.21 10.00
C09 7T8 M . -16.91 -21.45 11.44
C10 7T8 M . -15.75 -20.48 11.56
C11 7T8 M . -15.68 -19.47 10.32
C12 7T8 M . -14.51 -18.62 10.44
C13 7T8 M . -14.53 -17.76 11.79
C14 7T8 M . -14.74 -18.69 13.10
C15 7T8 M . -15.79 -19.66 12.93
C16 7T8 M . -16.10 -20.61 14.27
C17 7T8 M . -16.21 -19.83 15.46
C18 7T8 M . -15.99 -18.26 15.33
O19 7T8 M . -14.97 -17.77 14.34
C20 7T8 M . -16.48 -17.39 16.43
C21 7T8 M . -17.33 -17.99 17.61
O22 7T8 M . -17.72 -19.47 17.56
C23 7T8 M . -16.93 -20.39 16.68
O24 7T8 M . -16.86 -21.54 16.95
C25 7T8 M . -17.63 -17.16 18.88
C26 7T8 M . -18.95 -16.90 19.27
N27 7T8 M . -19.24 -16.21 20.34
C28 7T8 M . -18.28 -15.73 21.09
C29 7T8 M . -16.92 -15.94 20.79
C30 7T8 M . -16.60 -16.67 19.66
O31 7T8 M . -15.16 -21.64 14.53
C32 7T8 M . -13.41 -19.42 13.37
O33 7T8 M . -13.43 -16.98 11.89
C34 7T8 M . -13.68 -15.65 12.34
O35 7T8 M . -13.48 -15.38 13.46
C36 7T8 M . -14.22 -14.59 11.36
C37 7T8 M . -14.44 -21.35 11.53
O38 7T8 M . -17.00 -21.88 7.57
C39 7T8 M . -18.21 -21.82 6.81
O40 7T8 M . -19.29 -21.62 7.32
C41 7T8 M . -18.14 -22.01 5.31
C42 7T8 M . -14.58 -20.79 8.46
C1 CLR N . -8.43 -10.14 7.60
C2 CLR N . -8.26 -8.73 8.13
C3 CLR N . -6.79 -8.30 8.10
C4 CLR N . -6.28 -8.32 6.67
C5 CLR N . -6.58 -9.66 6.05
C6 CLR N . -5.61 -10.35 5.43
C7 CLR N . -5.90 -11.20 4.22
C8 CLR N . -7.32 -11.74 4.27
C9 CLR N . -7.91 -11.68 5.67
C10 CLR N . -7.96 -10.23 6.15
C11 CLR N . -9.29 -12.35 5.81
C12 CLR N . -9.38 -13.72 5.13
C13 CLR N . -8.85 -13.58 3.71
C14 CLR N . -7.40 -13.18 3.79
C15 CLR N . -6.81 -13.51 2.43
C16 CLR N . -7.64 -14.68 1.93
C17 CLR N . -8.85 -14.83 2.85
C18 CLR N . -9.64 -12.47 2.99
C19 CLR N . -8.89 -9.42 5.25
C20 CLR N . -10.15 -14.98 2.07
C21 CLR N . -11.20 -15.71 2.91
C22 CLR N . -9.91 -15.71 0.76
C23 CLR N . -10.51 -17.12 0.78
C24 CLR N . -10.00 -17.95 -0.38
C25 CLR N . -10.89 -19.16 -0.62
C26 CLR N . -10.48 -20.33 0.25
C27 CLR N . -12.36 -18.80 -0.41
O1 CLR N . -6.67 -6.97 8.64
C1 CLR O . 0.06 -28.83 17.38
C2 CLR O . -0.33 -29.74 18.54
C3 CLR O . -1.43 -29.11 19.39
C4 CLR O . -2.67 -28.89 18.54
C5 CLR O . -2.30 -28.12 17.30
C6 CLR O . -2.99 -27.03 16.95
C7 CLR O . -3.22 -26.69 15.49
C8 CLR O . -2.08 -27.20 14.62
C9 CLR O . -0.83 -27.50 15.44
C10 CLR O . -1.13 -28.58 16.46
C11 CLR O . 0.39 -27.88 14.59
C12 CLR O . 0.61 -26.95 13.39
C13 CLR O . -0.70 -26.85 12.63
C14 CLR O . -1.70 -26.20 13.54
C15 CLR O . -2.81 -25.70 12.62
C16 CLR O . -2.10 -25.38 11.30
C17 CLR O . -0.70 -25.97 11.38
C18 CLR O . -1.17 -28.25 12.25
C19 CLR O . -1.53 -29.88 15.76
C20 CLR O . -0.33 -26.76 10.14
C21 CLR O . 1.17 -26.77 9.91
C22 CLR O . -1.06 -26.22 8.91
C23 CLR O . -0.15 -26.16 7.70
C24 CLR O . -0.80 -25.42 6.54
C25 CLR O . 0.00 -25.60 5.26
C26 CLR O . 1.14 -24.60 5.19
C27 CLR O . 0.51 -27.03 5.12
O1 CLR O . -1.75 -29.98 20.49
C1 OLA P . -3.47 -4.18 6.42
O1 OLA P . -3.47 -3.05 6.94
O2 OLA P . -3.94 -4.38 5.26
C2 OLA P . -2.92 -5.39 7.15
C3 OLA P . -2.18 -5.08 8.45
C4 OLA P . -2.44 -6.19 9.45
C5 OLA P . -1.54 -6.19 10.67
C6 OLA P . -2.19 -5.59 11.91
C7 OLA P . -3.36 -6.42 12.43
C8 OLA P . -3.63 -6.19 13.92
C9 OLA P . -5.07 -5.79 14.14
C10 OLA P . -6.10 -6.60 14.29
C11 OLA P . -6.03 -8.11 14.24
C12 OLA P . -7.09 -8.61 13.26
C13 OLA P . -8.50 -8.17 13.64
C14 OLA P . -9.52 -9.28 13.53
C15 OLA P . -10.90 -8.70 13.83
C16 OLA P . -11.82 -9.77 14.38
C17 OLA P . -13.23 -9.22 14.52
C18 OLA P . -13.94 -9.83 15.70
C01 7T8 Q . -4.71 -56.09 3.22
C02 7T8 Q . -4.40 -55.90 4.75
O03 7T8 Q . -4.68 -56.76 5.52
O04 7T8 Q . -3.77 -54.71 5.19
C05 7T8 Q . -4.48 -53.91 6.17
C06 7T8 Q . -3.88 -52.51 6.07
C07 7T8 Q . -4.34 -51.92 4.70
C08 7T8 Q . -3.50 -50.63 4.32
C09 7T8 Q . -1.91 -50.92 4.33
C10 7T8 Q . -1.41 -51.42 5.68
C11 7T8 Q . -2.28 -52.66 6.22
C12 7T8 Q . -1.85 -53.01 7.55
C13 7T8 Q . -0.30 -53.42 7.58
C14 7T8 Q . 0.65 -52.31 6.91
C15 7T8 Q . 0.13 -51.81 5.66
C16 7T8 Q . 1.09 -50.67 4.91
C17 7T8 Q . 2.46 -51.07 4.87
C18 7T8 Q . 2.83 -52.49 5.49
O19 7T8 Q . 2.09 -52.91 6.74
C20 7T8 Q . 4.09 -53.13 5.08
C21 7T8 Q . 5.06 -52.43 4.05
O22 7T8 Q . 4.68 -51.07 3.47
C23 7T8 Q . 3.50 -50.32 4.03
O24 7T8 Q . 3.38 -49.17 3.82
C25 7T8 Q . 6.48 -52.99 3.80
C26 7T8 Q . 6.80 -53.59 2.58
N27 7T8 Q . 8.00 -54.08 2.35
C28 7T8 Q . 8.94 -54.01 3.28
C29 7T8 Q . 8.70 -53.42 4.53
C30 7T8 Q . 7.44 -52.91 4.79
O31 7T8 Q . 1.07 -49.36 5.44
C32 7T8 Q . 0.79 -51.15 7.89
O33 7T8 Q . 0.10 -53.73 8.85
C34 7T8 Q . 0.97 -54.84 8.93
O35 7T8 Q . 2.12 -54.68 9.14
C36 7T8 Q . 0.40 -56.26 8.75
C37 7T8 Q . -1.62 -50.22 6.69
O38 7T8 Q . -5.71 -51.63 4.69
C39 7T8 Q . -6.49 -52.27 3.66
O40 7T8 Q . -6.01 -52.67 2.65
C41 7T8 Q . -7.98 -52.44 3.87
C42 7T8 Q . -4.40 -51.65 7.17
C1 CLR R . -1.69 -59.72 16.07
C2 CLR R . -0.75 -60.83 16.57
C3 CLR R . -0.59 -60.77 18.08
C4 CLR R . -1.94 -60.97 18.76
C5 CLR R . -2.93 -59.99 18.18
C6 CLR R . -3.67 -59.22 18.99
C7 CLR R . -5.09 -58.85 18.63
C8 CLR R . -5.27 -58.79 17.12
C9 CLR R . -3.94 -58.66 16.39
C10 CLR R . -3.07 -59.87 16.69
C11 CLR R . -4.08 -58.44 14.87
C12 CLR R . -5.13 -57.39 14.50
C13 CLR R . -6.41 -57.73 15.22
C14 CLR R . -6.14 -57.62 16.71
C15 CLR R . -7.51 -57.49 17.36
C16 CLR R . -8.38 -56.80 16.30
C17 CLR R . -7.59 -56.81 14.99
C18 CLR R . -6.83 -59.17 14.89
C19 CLR R . -3.74 -61.14 16.16
C20 CLR R . -8.45 -57.26 13.81
C21 CLR R . -7.91 -56.71 12.50
C22 CLR R . -9.91 -56.88 14.01
C23 CLR R . -10.31 -55.76 13.05
C24 CLR R . -11.64 -55.13 13.47
C25 CLR R . -12.29 -54.40 12.30
C26 CLR R . -11.81 -52.96 12.22
C27 CLR R . -12.04 -55.14 10.99
O1 CLR R . 0.31 -61.81 18.50
C1 CLR S . 2.40 -37.35 17.56
C2 CLR S . 3.21 -36.32 16.77
C3 CLR S . 4.16 -37.00 15.79
C4 CLR S . 3.35 -37.82 14.78
C5 CLR S . 2.42 -38.74 15.53
C6 CLR S . 2.38 -40.04 15.23
C7 CLR S . 1.09 -40.83 15.31
C8 CLR S . 0.16 -40.25 16.37
C9 CLR S . 0.92 -39.36 17.36
C10 CLR S . 1.55 -38.19 16.62
C11 CLR S . 0.07 -38.88 18.53
C12 CLR S . -0.79 -39.98 19.17
C13 CLR S . -1.55 -40.68 18.07
C14 CLR S . -0.54 -41.33 17.16
C15 CLR S . -1.30 -42.39 16.38
C16 CLR S . -2.44 -42.81 17.33
C17 CLR S . -2.47 -41.82 18.49
C18 CLR S . -2.36 -39.66 17.27
C19 CLR S . 0.46 -37.33 15.99
C20 CLR S . -3.87 -41.34 18.79
C21 CLR S . -4.01 -40.95 20.26
C22 CLR S . -4.91 -42.39 18.41
C23 CLR S . -5.99 -42.51 19.47
C24 CLR S . -6.94 -43.66 19.17
C25 CLR S . -8.17 -43.62 20.06
C26 CLR S . -7.86 -44.19 21.44
C27 CLR S . -8.71 -42.19 20.17
O1 CLR S . 4.91 -36.00 15.09
C1 OLA T . -0.81 -64.00 22.81
O1 OLA T . 0.02 -64.89 23.10
O2 OLA T . -2.02 -64.26 22.61
C2 OLA T . -0.38 -62.55 22.67
C3 OLA T . 1.03 -62.27 23.20
C4 OLA T . 1.52 -60.97 22.57
C5 OLA T . 2.72 -60.33 23.26
C6 OLA T . 4.06 -60.74 22.66
C7 OLA T . 4.29 -60.19 21.25
C8 OLA T . 5.76 -60.16 20.89
C9 OLA T . 6.04 -60.93 19.62
C10 OLA T . 5.85 -60.45 18.40
C11 OLA T . 5.33 -59.07 18.06
C12 OLA T . 4.24 -59.20 16.99
C13 OLA T . 4.73 -59.89 15.72
C14 OLA T . 4.22 -59.22 14.46
C15 OLA T . 4.62 -60.05 13.25
C16 OLA T . 4.72 -59.16 12.01
C17 OLA T . 4.85 -60.04 10.76
C18 OLA T . 5.83 -59.43 9.78
#